data_6FYH
# 
_entry.id   6FYH 
# 
_audit_conform.dict_name       mmcif_pdbx.dic 
_audit_conform.dict_version    5.397 
_audit_conform.dict_location   http://mmcif.pdb.org/dictionaries/ascii/mmcif_pdbx.dic 
# 
loop_
_database_2.database_id 
_database_2.database_code 
_database_2.pdbx_database_accession 
_database_2.pdbx_DOI 
PDB   6FYH         pdb_00006fyh 10.2210/pdb6fyh/pdb 
WWPDB D_1200009091 ?            ?                   
# 
loop_
_pdbx_audit_revision_history.ordinal 
_pdbx_audit_revision_history.data_content_type 
_pdbx_audit_revision_history.major_revision 
_pdbx_audit_revision_history.minor_revision 
_pdbx_audit_revision_history.revision_date 
1 'Structure model' 1 0 2018-07-11 
2 'Structure model' 1 1 2018-07-18 
3 'Structure model' 1 2 2018-08-29 
4 'Structure model' 1 3 2019-03-06 
5 'Structure model' 1 4 2024-01-17 
6 'Structure model' 1 5 2024-10-16 
# 
_pdbx_audit_revision_details.ordinal             1 
_pdbx_audit_revision_details.revision_ordinal    1 
_pdbx_audit_revision_details.data_content_type   'Structure model' 
_pdbx_audit_revision_details.provider            repository 
_pdbx_audit_revision_details.type                'Initial release' 
_pdbx_audit_revision_details.description         ? 
_pdbx_audit_revision_details.details             ? 
# 
loop_
_pdbx_audit_revision_group.ordinal 
_pdbx_audit_revision_group.revision_ordinal 
_pdbx_audit_revision_group.data_content_type 
_pdbx_audit_revision_group.group 
1  2 'Structure model' 'Data collection'        
2  2 'Structure model' 'Structure summary'      
3  3 'Structure model' 'Data collection'        
4  3 'Structure model' 'Database references'    
5  4 'Structure model' 'Data collection'        
6  4 'Structure model' 'Database references'    
7  4 'Structure model' 'Source and taxonomy'    
8  4 'Structure model' 'Structure summary'      
9  5 'Structure model' 'Data collection'        
10 5 'Structure model' 'Database references'    
11 5 'Structure model' 'Derived calculations'   
12 5 'Structure model' 'Refinement description' 
13 6 'Structure model' 'Structure summary'      
# 
loop_
_pdbx_audit_revision_category.ordinal 
_pdbx_audit_revision_category.revision_ordinal 
_pdbx_audit_revision_category.data_content_type 
_pdbx_audit_revision_category.category 
1  2 'Structure model' audit_author                  
2  3 'Structure model' citation                      
3  4 'Structure model' entity                        
4  4 'Structure model' entity_src_gen                
5  4 'Structure model' struct_ref                    
6  4 'Structure model' struct_ref_seq                
7  4 'Structure model' struct_ref_seq_dif            
8  5 'Structure model' chem_comp_atom                
9  5 'Structure model' chem_comp_bond                
10 5 'Structure model' database_2                    
11 5 'Structure model' pdbx_initial_refinement_model 
12 5 'Structure model' pdbx_struct_conn_angle        
13 5 'Structure model' struct_conn                   
14 6 'Structure model' pdbx_entry_details            
15 6 'Structure model' pdbx_modification_feature     
# 
loop_
_pdbx_audit_revision_item.ordinal 
_pdbx_audit_revision_item.revision_ordinal 
_pdbx_audit_revision_item.data_content_type 
_pdbx_audit_revision_item.item 
1  3 'Structure model' '_citation.journal_volume'                       
2  3 'Structure model' '_citation.page_first'                           
3  3 'Structure model' '_citation.page_last'                            
4  4 'Structure model' '_entity.pdbx_description'                       
5  4 'Structure model' '_entity_src_gen.gene_src_common_name'           
6  4 'Structure model' '_entity_src_gen.pdbx_gene_src_gene'             
7  4 'Structure model' '_entity_src_gen.pdbx_gene_src_ncbi_taxonomy_id' 
8  4 'Structure model' '_entity_src_gen.pdbx_gene_src_scientific_name'  
9  4 'Structure model' '_struct_ref.db_code'                            
10 4 'Structure model' '_struct_ref.pdbx_align_begin'                   
11 4 'Structure model' '_struct_ref.pdbx_db_accession'                  
12 4 'Structure model' '_struct_ref.pdbx_seq_one_letter_code'           
13 4 'Structure model' '_struct_ref_seq.db_align_beg'                   
14 4 'Structure model' '_struct_ref_seq.db_align_end'                   
15 4 'Structure model' '_struct_ref_seq.pdbx_db_accession'              
16 5 'Structure model' '_database_2.pdbx_DOI'                           
17 5 'Structure model' '_database_2.pdbx_database_accession'            
18 5 'Structure model' '_pdbx_struct_conn_angle.ptnr1_auth_comp_id'     
19 5 'Structure model' '_pdbx_struct_conn_angle.ptnr1_auth_seq_id'      
20 5 'Structure model' '_pdbx_struct_conn_angle.ptnr1_label_asym_id'    
21 5 'Structure model' '_pdbx_struct_conn_angle.ptnr1_label_atom_id'    
22 5 'Structure model' '_pdbx_struct_conn_angle.ptnr1_label_comp_id'    
23 5 'Structure model' '_pdbx_struct_conn_angle.ptnr1_label_seq_id'     
24 5 'Structure model' '_pdbx_struct_conn_angle.ptnr2_auth_seq_id'      
25 5 'Structure model' '_pdbx_struct_conn_angle.ptnr2_label_asym_id'    
26 5 'Structure model' '_pdbx_struct_conn_angle.ptnr2_symmetry'         
27 5 'Structure model' '_pdbx_struct_conn_angle.ptnr3_auth_comp_id'     
28 5 'Structure model' '_pdbx_struct_conn_angle.ptnr3_auth_seq_id'      
29 5 'Structure model' '_pdbx_struct_conn_angle.ptnr3_label_asym_id'    
30 5 'Structure model' '_pdbx_struct_conn_angle.ptnr3_label_atom_id'    
31 5 'Structure model' '_pdbx_struct_conn_angle.ptnr3_label_comp_id'    
32 5 'Structure model' '_pdbx_struct_conn_angle.ptnr3_label_seq_id'     
33 5 'Structure model' '_pdbx_struct_conn_angle.value'                  
34 5 'Structure model' '_struct_conn.pdbx_dist_value'                   
35 5 'Structure model' '_struct_conn.ptnr1_auth_asym_id'                
36 5 'Structure model' '_struct_conn.ptnr1_auth_comp_id'                
37 5 'Structure model' '_struct_conn.ptnr1_auth_seq_id'                 
38 5 'Structure model' '_struct_conn.ptnr1_label_asym_id'               
39 5 'Structure model' '_struct_conn.ptnr1_label_atom_id'               
40 5 'Structure model' '_struct_conn.ptnr1_label_comp_id'               
41 5 'Structure model' '_struct_conn.ptnr1_label_seq_id'                
42 5 'Structure model' '_struct_conn.ptnr2_auth_asym_id'                
43 5 'Structure model' '_struct_conn.ptnr2_auth_seq_id'                 
44 5 'Structure model' '_struct_conn.ptnr2_label_asym_id'               
45 5 'Structure model' '_struct_conn.ptnr2_symmetry'                    
# 
_pdbx_database_status.status_code                     REL 
_pdbx_database_status.status_code_sf                  REL 
_pdbx_database_status.status_code_mr                  ? 
_pdbx_database_status.entry_id                        6FYH 
_pdbx_database_status.recvd_initial_deposition_date   2018-03-12 
_pdbx_database_status.SG_entry                        N 
_pdbx_database_status.deposit_site                    PDBE 
_pdbx_database_status.process_site                    PDBE 
_pdbx_database_status.status_code_cs                  ? 
_pdbx_database_status.methods_development_category    ? 
_pdbx_database_status.pdb_format_compatible           Y 
_pdbx_database_status.status_code_nmr_data            ? 
# 
loop_
_audit_author.name 
_audit_author.pdbx_ordinal 
_audit_author.identifier_ORCID 
'Jaeckl, M.'     1 ? 
'Hartmann, M.D.' 2 ? 
'Wiesner, S.'    3 ? 
# 
_citation.abstract                  ? 
_citation.abstract_id_CAS           ? 
_citation.book_id_ISBN              ? 
_citation.book_publisher            ? 
_citation.book_publisher_city       ? 
_citation.book_title                ? 
_citation.coordinate_linkage        ? 
_citation.country                   UK 
_citation.database_id_Medline       ? 
_citation.details                   ? 
_citation.id                        primary 
_citation.journal_abbrev            'J. Mol. Biol.' 
_citation.journal_id_ASTM           JMOBAK 
_citation.journal_id_CSD            0070 
_citation.journal_id_ISSN           1089-8638 
_citation.journal_full              ? 
_citation.journal_issue             ? 
_citation.journal_volume            430 
_citation.language                  ? 
_citation.page_first                3218 
_citation.page_last                 3233 
_citation.title                     
'beta-Sheet Augmentation Is a Conserved Mechanism of Priming HECT E3 Ligases for Ubiquitin Ligation.' 
_citation.year                      2018 
_citation.database_id_CSD           ? 
_citation.pdbx_database_id_DOI      10.1016/j.jmb.2018.06.044 
_citation.pdbx_database_id_PubMed   29964046 
_citation.unpublished_flag          ? 
# 
loop_
_citation_author.citation_id 
_citation_author.name 
_citation_author.ordinal 
_citation_author.identifier_ORCID 
primary 'Jackl, M.'      1 ? 
primary 'Stollmaier, C.' 2 ? 
primary 'Strohaker, T.'  3 ? 
primary 'Hyz, K.'        4 ? 
primary 'Maspero, E.'    5 ? 
primary 'Polo, S.'       6 ? 
primary 'Wiesner, S.'    7 ? 
# 
loop_
_entity.id 
_entity.type 
_entity.src_method 
_entity.pdbx_description 
_entity.formula_weight 
_entity.pdbx_number_of_molecules 
_entity.pdbx_ec 
_entity.pdbx_mutation 
_entity.pdbx_fragment 
_entity.details 
1 polymer     man 'E3 ubiquitin-protein ligase HUWE1' 14198.938 1 2.3.2.26 N378C ? ? 
2 polymer     man Polyubiquitin-B                     8622.922  1 ?        G76C  ? ? 
3 non-polymer syn 'SULFATE ION'                       96.063    2 ?        ?     ? ? 
4 non-polymer syn 'ZINC ION'                          65.409    6 ?        ?     ? ? 
5 water       nat water                               18.015    5 ?        ?     ? ? 
# 
_entity_name_com.entity_id   1 
_entity_name_com.name        
;ARF-binding protein 1,ARF-BP1,HECT,UBA and WWE domain-containing protein 1,HECT-type E3 ubiquitin transferase HUWE1,Homologous to E6AP carboxyl terminus homologous protein 9,HectH9,Large structure of UREB1,LASU1,Mcl-1 ubiquitin ligase E3,Mule,Upstream regulatory element-binding protein 1,URE-binding protein 1
;
# 
loop_
_entity_poly.entity_id 
_entity_poly.type 
_entity_poly.nstd_linkage 
_entity_poly.nstd_monomer 
_entity_poly.pdbx_seq_one_letter_code 
_entity_poly.pdbx_seq_one_letter_code_can 
_entity_poly.pdbx_strand_id 
_entity_poly.pdbx_target_identifier 
1 'polypeptide(L)' no no 
;GAMGPTIDIDDLKSNTEYHKYQSNSIQIQWFWRALRSFDQADRAKFLQFVTGTSKVPLQGFAALEGMNGIQKFQIHRDDR
STDRLPSAHTCFNQLDLPAYESFEKLRHMLLLAIQENSEGFGLA
;
;GAMGPTIDIDDLKSNTEYHKYQSNSIQIQWFWRALRSFDQADRAKFLQFVTGTSKVPLQGFAALEGMNGIQKFQIHRDDR
STDRLPSAHTCFNQLDLPAYESFEKLRHMLLLAIQENSEGFGLA
;
A ? 
2 'polypeptide(L)' no no MQIFVKTLTGKTITLEVEPSDTIENVKAKIQDKEGIPPDQQRLIFAGKQLEDGRTLSDYNIQKESTLHLVLRLRGC 
MQIFVKTLTGKTITLEVEPSDTIENVKAKIQDKEGIPPDQQRLIFAGKQLEDGRTLSDYNIQKESTLHLVLRLRGC                                                    B 
? 
# 
loop_
_pdbx_entity_nonpoly.entity_id 
_pdbx_entity_nonpoly.name 
_pdbx_entity_nonpoly.comp_id 
3 'SULFATE ION' SO4 
4 'ZINC ION'    ZN  
5 water         HOH 
# 
loop_
_entity_poly_seq.entity_id 
_entity_poly_seq.num 
_entity_poly_seq.mon_id 
_entity_poly_seq.hetero 
1 1   GLY n 
1 2   ALA n 
1 3   MET n 
1 4   GLY n 
1 5   PRO n 
1 6   THR n 
1 7   ILE n 
1 8   ASP n 
1 9   ILE n 
1 10  ASP n 
1 11  ASP n 
1 12  LEU n 
1 13  LYS n 
1 14  SER n 
1 15  ASN n 
1 16  THR n 
1 17  GLU n 
1 18  TYR n 
1 19  HIS n 
1 20  LYS n 
1 21  TYR n 
1 22  GLN n 
1 23  SER n 
1 24  ASN n 
1 25  SER n 
1 26  ILE n 
1 27  GLN n 
1 28  ILE n 
1 29  GLN n 
1 30  TRP n 
1 31  PHE n 
1 32  TRP n 
1 33  ARG n 
1 34  ALA n 
1 35  LEU n 
1 36  ARG n 
1 37  SER n 
1 38  PHE n 
1 39  ASP n 
1 40  GLN n 
1 41  ALA n 
1 42  ASP n 
1 43  ARG n 
1 44  ALA n 
1 45  LYS n 
1 46  PHE n 
1 47  LEU n 
1 48  GLN n 
1 49  PHE n 
1 50  VAL n 
1 51  THR n 
1 52  GLY n 
1 53  THR n 
1 54  SER n 
1 55  LYS n 
1 56  VAL n 
1 57  PRO n 
1 58  LEU n 
1 59  GLN n 
1 60  GLY n 
1 61  PHE n 
1 62  ALA n 
1 63  ALA n 
1 64  LEU n 
1 65  GLU n 
1 66  GLY n 
1 67  MET n 
1 68  ASN n 
1 69  GLY n 
1 70  ILE n 
1 71  GLN n 
1 72  LYS n 
1 73  PHE n 
1 74  GLN n 
1 75  ILE n 
1 76  HIS n 
1 77  ARG n 
1 78  ASP n 
1 79  ASP n 
1 80  ARG n 
1 81  SER n 
1 82  THR n 
1 83  ASP n 
1 84  ARG n 
1 85  LEU n 
1 86  PRO n 
1 87  SER n 
1 88  ALA n 
1 89  HIS n 
1 90  THR n 
1 91  CYS n 
1 92  PHE n 
1 93  ASN n 
1 94  GLN n 
1 95  LEU n 
1 96  ASP n 
1 97  LEU n 
1 98  PRO n 
1 99  ALA n 
1 100 TYR n 
1 101 GLU n 
1 102 SER n 
1 103 PHE n 
1 104 GLU n 
1 105 LYS n 
1 106 LEU n 
1 107 ARG n 
1 108 HIS n 
1 109 MET n 
1 110 LEU n 
1 111 LEU n 
1 112 LEU n 
1 113 ALA n 
1 114 ILE n 
1 115 GLN n 
1 116 GLU n 
1 117 ASN n 
1 118 SER n 
1 119 GLU n 
1 120 GLY n 
1 121 PHE n 
1 122 GLY n 
1 123 LEU n 
1 124 ALA n 
2 1   MET n 
2 2   GLN n 
2 3   ILE n 
2 4   PHE n 
2 5   VAL n 
2 6   LYS n 
2 7   THR n 
2 8   LEU n 
2 9   THR n 
2 10  GLY n 
2 11  LYS n 
2 12  THR n 
2 13  ILE n 
2 14  THR n 
2 15  LEU n 
2 16  GLU n 
2 17  VAL n 
2 18  GLU n 
2 19  PRO n 
2 20  SER n 
2 21  ASP n 
2 22  THR n 
2 23  ILE n 
2 24  GLU n 
2 25  ASN n 
2 26  VAL n 
2 27  LYS n 
2 28  ALA n 
2 29  LYS n 
2 30  ILE n 
2 31  GLN n 
2 32  ASP n 
2 33  LYS n 
2 34  GLU n 
2 35  GLY n 
2 36  ILE n 
2 37  PRO n 
2 38  PRO n 
2 39  ASP n 
2 40  GLN n 
2 41  GLN n 
2 42  ARG n 
2 43  LEU n 
2 44  ILE n 
2 45  PHE n 
2 46  ALA n 
2 47  GLY n 
2 48  LYS n 
2 49  GLN n 
2 50  LEU n 
2 51  GLU n 
2 52  ASP n 
2 53  GLY n 
2 54  ARG n 
2 55  THR n 
2 56  LEU n 
2 57  SER n 
2 58  ASP n 
2 59  TYR n 
2 60  ASN n 
2 61  ILE n 
2 62  GLN n 
2 63  LYS n 
2 64  GLU n 
2 65  SER n 
2 66  THR n 
2 67  LEU n 
2 68  HIS n 
2 69  LEU n 
2 70  VAL n 
2 71  LEU n 
2 72  ARG n 
2 73  LEU n 
2 74  ARG n 
2 75  GLY n 
2 76  CYS n 
# 
loop_
_entity_src_gen.entity_id 
_entity_src_gen.pdbx_src_id 
_entity_src_gen.pdbx_alt_source_flag 
_entity_src_gen.pdbx_seq_type 
_entity_src_gen.pdbx_beg_seq_num 
_entity_src_gen.pdbx_end_seq_num 
_entity_src_gen.gene_src_common_name 
_entity_src_gen.gene_src_genus 
_entity_src_gen.pdbx_gene_src_gene 
_entity_src_gen.gene_src_species 
_entity_src_gen.gene_src_strain 
_entity_src_gen.gene_src_tissue 
_entity_src_gen.gene_src_tissue_fraction 
_entity_src_gen.gene_src_details 
_entity_src_gen.pdbx_gene_src_fragment 
_entity_src_gen.pdbx_gene_src_scientific_name 
_entity_src_gen.pdbx_gene_src_ncbi_taxonomy_id 
_entity_src_gen.pdbx_gene_src_variant 
_entity_src_gen.pdbx_gene_src_cell_line 
_entity_src_gen.pdbx_gene_src_atcc 
_entity_src_gen.pdbx_gene_src_organ 
_entity_src_gen.pdbx_gene_src_organelle 
_entity_src_gen.pdbx_gene_src_cell 
_entity_src_gen.pdbx_gene_src_cellular_location 
_entity_src_gen.host_org_common_name 
_entity_src_gen.pdbx_host_org_scientific_name 
_entity_src_gen.pdbx_host_org_ncbi_taxonomy_id 
_entity_src_gen.host_org_genus 
_entity_src_gen.pdbx_host_org_gene 
_entity_src_gen.pdbx_host_org_organ 
_entity_src_gen.host_org_species 
_entity_src_gen.pdbx_host_org_tissue 
_entity_src_gen.pdbx_host_org_tissue_fraction 
_entity_src_gen.pdbx_host_org_strain 
_entity_src_gen.pdbx_host_org_variant 
_entity_src_gen.pdbx_host_org_cell_line 
_entity_src_gen.pdbx_host_org_atcc 
_entity_src_gen.pdbx_host_org_culture_collection 
_entity_src_gen.pdbx_host_org_cell 
_entity_src_gen.pdbx_host_org_organelle 
_entity_src_gen.pdbx_host_org_cellular_location 
_entity_src_gen.pdbx_host_org_vector_type 
_entity_src_gen.pdbx_host_org_vector 
_entity_src_gen.host_org_details 
_entity_src_gen.expression_system_id 
_entity_src_gen.plasmid_name 
_entity_src_gen.plasmid_details 
_entity_src_gen.pdbx_description 
1 1 sample 'Biological sequence' 1 124 Human ? 'HUWE1, KIAA0312, KIAA1578, UREB1, HSPC272' ? ? ? ? ? ? 'Homo sapiens' 9606 ? ? ? ? 
? ? ? ? 'Escherichia coli' 562 ? ? ? ? ? ? ? ? ? ? ? ? ? ? ? ? ? ? ? ? ? 
2 1 sample 'Biological sequence' 1 76  Human ? UBB                                         ? ? ? ? ? ? 'Homo sapiens' 9606 ? ? ? ? 
? ? ? ? 'Escherichia coli' 562 ? ? ? ? ? ? ? ? ? ? ? ? ? ? ? ? ? ? ? ? ? 
# 
loop_
_chem_comp.id 
_chem_comp.type 
_chem_comp.mon_nstd_flag 
_chem_comp.name 
_chem_comp.pdbx_synonyms 
_chem_comp.formula 
_chem_comp.formula_weight 
ALA 'L-peptide linking' y ALANINE         ? 'C3 H7 N O2'     89.093  
ARG 'L-peptide linking' y ARGININE        ? 'C6 H15 N4 O2 1' 175.209 
ASN 'L-peptide linking' y ASPARAGINE      ? 'C4 H8 N2 O3'    132.118 
ASP 'L-peptide linking' y 'ASPARTIC ACID' ? 'C4 H7 N O4'     133.103 
CYS 'L-peptide linking' y CYSTEINE        ? 'C3 H7 N O2 S'   121.158 
GLN 'L-peptide linking' y GLUTAMINE       ? 'C5 H10 N2 O3'   146.144 
GLU 'L-peptide linking' y 'GLUTAMIC ACID' ? 'C5 H9 N O4'     147.129 
GLY 'peptide linking'   y GLYCINE         ? 'C2 H5 N O2'     75.067  
HIS 'L-peptide linking' y HISTIDINE       ? 'C6 H10 N3 O2 1' 156.162 
HOH non-polymer         . WATER           ? 'H2 O'           18.015  
ILE 'L-peptide linking' y ISOLEUCINE      ? 'C6 H13 N O2'    131.173 
LEU 'L-peptide linking' y LEUCINE         ? 'C6 H13 N O2'    131.173 
LYS 'L-peptide linking' y LYSINE          ? 'C6 H15 N2 O2 1' 147.195 
MET 'L-peptide linking' y METHIONINE      ? 'C5 H11 N O2 S'  149.211 
PHE 'L-peptide linking' y PHENYLALANINE   ? 'C9 H11 N O2'    165.189 
PRO 'L-peptide linking' y PROLINE         ? 'C5 H9 N O2'     115.130 
SER 'L-peptide linking' y SERINE          ? 'C3 H7 N O3'     105.093 
SO4 non-polymer         . 'SULFATE ION'   ? 'O4 S -2'        96.063  
THR 'L-peptide linking' y THREONINE       ? 'C4 H9 N O3'     119.119 
TRP 'L-peptide linking' y TRYPTOPHAN      ? 'C11 H12 N2 O2'  204.225 
TYR 'L-peptide linking' y TYROSINE        ? 'C9 H11 N O3'    181.189 
VAL 'L-peptide linking' y VALINE          ? 'C5 H11 N O2'    117.146 
ZN  non-polymer         . 'ZINC ION'      ? 'Zn 2'           65.409  
# 
loop_
_pdbx_poly_seq_scheme.asym_id 
_pdbx_poly_seq_scheme.entity_id 
_pdbx_poly_seq_scheme.seq_id 
_pdbx_poly_seq_scheme.mon_id 
_pdbx_poly_seq_scheme.ndb_seq_num 
_pdbx_poly_seq_scheme.pdb_seq_num 
_pdbx_poly_seq_scheme.auth_seq_num 
_pdbx_poly_seq_scheme.pdb_mon_id 
_pdbx_poly_seq_scheme.auth_mon_id 
_pdbx_poly_seq_scheme.pdb_strand_id 
_pdbx_poly_seq_scheme.pdb_ins_code 
_pdbx_poly_seq_scheme.hetero 
A 1 1   GLY 1   262 ?   ?   ?   A . n 
A 1 2   ALA 2   263 ?   ?   ?   A . n 
A 1 3   MET 3   264 ?   ?   ?   A . n 
A 1 4   GLY 4   265 ?   ?   ?   A . n 
A 1 5   PRO 5   266 266 PRO PRO A . n 
A 1 6   THR 6   267 267 THR THR A . n 
A 1 7   ILE 7   268 268 ILE ILE A . n 
A 1 8   ASP 8   269 269 ASP ASP A . n 
A 1 9   ILE 9   270 270 ILE ILE A . n 
A 1 10  ASP 10  271 271 ASP ASP A . n 
A 1 11  ASP 11  272 272 ASP ASP A . n 
A 1 12  LEU 12  273 273 LEU LEU A . n 
A 1 13  LYS 13  274 274 LYS LYS A . n 
A 1 14  SER 14  275 275 SER SER A . n 
A 1 15  ASN 15  276 276 ASN ASN A . n 
A 1 16  THR 16  277 277 THR THR A . n 
A 1 17  GLU 17  278 278 GLU GLU A . n 
A 1 18  TYR 18  279 279 TYR TYR A . n 
A 1 19  HIS 19  280 280 HIS HIS A . n 
A 1 20  LYS 20  281 281 LYS LYS A . n 
A 1 21  TYR 21  282 282 TYR TYR A . n 
A 1 22  GLN 22  283 283 GLN GLN A . n 
A 1 23  SER 23  284 284 SER SER A . n 
A 1 24  ASN 24  285 285 ASN ASN A . n 
A 1 25  SER 25  286 286 SER SER A . n 
A 1 26  ILE 26  287 287 ILE ILE A . n 
A 1 27  GLN 27  288 288 GLN GLN A . n 
A 1 28  ILE 28  289 289 ILE ILE A . n 
A 1 29  GLN 29  290 290 GLN GLN A . n 
A 1 30  TRP 30  291 291 TRP TRP A . n 
A 1 31  PHE 31  292 292 PHE PHE A . n 
A 1 32  TRP 32  293 293 TRP TRP A . n 
A 1 33  ARG 33  294 294 ARG ARG A . n 
A 1 34  ALA 34  295 295 ALA ALA A . n 
A 1 35  LEU 35  296 296 LEU LEU A . n 
A 1 36  ARG 36  297 297 ARG ARG A . n 
A 1 37  SER 37  298 298 SER SER A . n 
A 1 38  PHE 38  299 299 PHE PHE A . n 
A 1 39  ASP 39  300 300 ASP ASP A . n 
A 1 40  GLN 40  301 301 GLN GLN A . n 
A 1 41  ALA 41  302 302 ALA ALA A . n 
A 1 42  ASP 42  303 303 ASP ASP A . n 
A 1 43  ARG 43  304 304 ARG ARG A . n 
A 1 44  ALA 44  305 305 ALA ALA A . n 
A 1 45  LYS 45  306 306 LYS LYS A . n 
A 1 46  PHE 46  307 307 PHE PHE A . n 
A 1 47  LEU 47  308 308 LEU LEU A . n 
A 1 48  GLN 48  309 309 GLN GLN A . n 
A 1 49  PHE 49  310 310 PHE PHE A . n 
A 1 50  VAL 50  311 311 VAL VAL A . n 
A 1 51  THR 51  312 312 THR THR A . n 
A 1 52  GLY 52  313 313 GLY GLY A . n 
A 1 53  THR 53  314 314 THR THR A . n 
A 1 54  SER 54  315 315 SER SER A . n 
A 1 55  LYS 55  316 316 LYS LYS A . n 
A 1 56  VAL 56  317 317 VAL VAL A . n 
A 1 57  PRO 57  318 318 PRO PRO A . n 
A 1 58  LEU 58  319 319 LEU LEU A . n 
A 1 59  GLN 59  320 320 GLN GLN A . n 
A 1 60  GLY 60  321 321 GLY GLY A . n 
A 1 61  PHE 61  322 322 PHE PHE A . n 
A 1 62  ALA 62  323 323 ALA ALA A . n 
A 1 63  ALA 63  324 324 ALA ALA A . n 
A 1 64  LEU 64  325 325 LEU LEU A . n 
A 1 65  GLU 65  326 326 GLU GLU A . n 
A 1 66  GLY 66  327 327 GLY GLY A . n 
A 1 67  MET 67  328 328 MET MET A . n 
A 1 68  ASN 68  329 329 ASN ASN A . n 
A 1 69  GLY 69  330 330 GLY GLY A . n 
A 1 70  ILE 70  331 331 ILE ILE A . n 
A 1 71  GLN 71  332 332 GLN GLN A . n 
A 1 72  LYS 72  333 333 LYS LYS A . n 
A 1 73  PHE 73  334 334 PHE PHE A . n 
A 1 74  GLN 74  335 335 GLN GLN A . n 
A 1 75  ILE 75  336 336 ILE ILE A . n 
A 1 76  HIS 76  337 337 HIS HIS A . n 
A 1 77  ARG 77  338 338 ARG ARG A . n 
A 1 78  ASP 78  339 339 ASP ASP A . n 
A 1 79  ASP 79  340 340 ASP ASP A . n 
A 1 80  ARG 80  341 341 ARG ARG A . n 
A 1 81  SER 81  342 342 SER SER A . n 
A 1 82  THR 82  343 343 THR THR A . n 
A 1 83  ASP 83  344 344 ASP ASP A . n 
A 1 84  ARG 84  345 345 ARG ARG A . n 
A 1 85  LEU 85  346 346 LEU LEU A . n 
A 1 86  PRO 86  347 347 PRO PRO A . n 
A 1 87  SER 87  348 348 SER SER A . n 
A 1 88  ALA 88  349 349 ALA ALA A . n 
A 1 89  HIS 89  350 350 HIS HIS A . n 
A 1 90  THR 90  351 351 THR THR A . n 
A 1 91  CYS 91  352 352 CYS CYS A . n 
A 1 92  PHE 92  353 353 PHE PHE A . n 
A 1 93  ASN 93  354 354 ASN ASN A . n 
A 1 94  GLN 94  355 355 GLN GLN A . n 
A 1 95  LEU 95  356 356 LEU LEU A . n 
A 1 96  ASP 96  357 357 ASP ASP A . n 
A 1 97  LEU 97  358 358 LEU LEU A . n 
A 1 98  PRO 98  359 359 PRO PRO A . n 
A 1 99  ALA 99  360 360 ALA ALA A . n 
A 1 100 TYR 100 361 361 TYR TYR A . n 
A 1 101 GLU 101 362 362 GLU GLU A . n 
A 1 102 SER 102 363 363 SER SER A . n 
A 1 103 PHE 103 364 364 PHE PHE A . n 
A 1 104 GLU 104 365 365 GLU GLU A . n 
A 1 105 LYS 105 366 366 LYS LYS A . n 
A 1 106 LEU 106 367 367 LEU LEU A . n 
A 1 107 ARG 107 368 368 ARG ARG A . n 
A 1 108 HIS 108 369 369 HIS HIS A . n 
A 1 109 MET 109 370 370 MET MET A . n 
A 1 110 LEU 110 371 371 LEU LEU A . n 
A 1 111 LEU 111 372 372 LEU LEU A . n 
A 1 112 LEU 112 373 373 LEU LEU A . n 
A 1 113 ALA 113 374 374 ALA ALA A . n 
A 1 114 ILE 114 375 375 ILE ILE A . n 
A 1 115 GLN 115 376 376 GLN GLN A . n 
A 1 116 GLU 116 377 377 GLU GLU A . n 
A 1 117 ASN 117 378 378 ASN ASN A . n 
A 1 118 SER 118 379 379 SER SER A . n 
A 1 119 GLU 119 380 380 GLU GLU A . n 
A 1 120 GLY 120 381 ?   ?   ?   A . n 
A 1 121 PHE 121 382 ?   ?   ?   A . n 
A 1 122 GLY 122 383 ?   ?   ?   A . n 
A 1 123 LEU 123 384 ?   ?   ?   A . n 
A 1 124 ALA 124 385 ?   ?   ?   A . n 
B 2 1   MET 1   1   1   MET MET B . n 
B 2 2   GLN 2   2   2   GLN GLN B . n 
B 2 3   ILE 3   3   3   ILE ILE B . n 
B 2 4   PHE 4   4   4   PHE PHE B . n 
B 2 5   VAL 5   5   5   VAL VAL B . n 
B 2 6   LYS 6   6   6   LYS LYS B . n 
B 2 7   THR 7   7   7   THR THR B . n 
B 2 8   LEU 8   8   8   LEU LEU B . n 
B 2 9   THR 9   9   9   THR THR B . n 
B 2 10  GLY 10  10  10  GLY GLY B . n 
B 2 11  LYS 11  11  11  LYS LYS B . n 
B 2 12  THR 12  12  12  THR THR B . n 
B 2 13  ILE 13  13  13  ILE ILE B . n 
B 2 14  THR 14  14  14  THR THR B . n 
B 2 15  LEU 15  15  15  LEU LEU B . n 
B 2 16  GLU 16  16  16  GLU GLU B . n 
B 2 17  VAL 17  17  17  VAL VAL B . n 
B 2 18  GLU 18  18  18  GLU GLU B . n 
B 2 19  PRO 19  19  19  PRO PRO B . n 
B 2 20  SER 20  20  20  SER SER B . n 
B 2 21  ASP 21  21  21  ASP ASP B . n 
B 2 22  THR 22  22  22  THR THR B . n 
B 2 23  ILE 23  23  23  ILE ILE B . n 
B 2 24  GLU 24  24  24  GLU GLU B . n 
B 2 25  ASN 25  25  25  ASN ASN B . n 
B 2 26  VAL 26  26  26  VAL VAL B . n 
B 2 27  LYS 27  27  27  LYS LYS B . n 
B 2 28  ALA 28  28  28  ALA ALA B . n 
B 2 29  LYS 29  29  29  LYS LYS B . n 
B 2 30  ILE 30  30  30  ILE ILE B . n 
B 2 31  GLN 31  31  31  GLN GLN B . n 
B 2 32  ASP 32  32  32  ASP ASP B . n 
B 2 33  LYS 33  33  33  LYS LYS B . n 
B 2 34  GLU 34  34  34  GLU GLU B . n 
B 2 35  GLY 35  35  35  GLY GLY B . n 
B 2 36  ILE 36  36  36  ILE ILE B . n 
B 2 37  PRO 37  37  37  PRO PRO B . n 
B 2 38  PRO 38  38  38  PRO PRO B . n 
B 2 39  ASP 39  39  39  ASP ASP B . n 
B 2 40  GLN 40  40  40  GLN GLN B . n 
B 2 41  GLN 41  41  41  GLN GLN B . n 
B 2 42  ARG 42  42  42  ARG ARG B . n 
B 2 43  LEU 43  43  43  LEU LEU B . n 
B 2 44  ILE 44  44  44  ILE ILE B . n 
B 2 45  PHE 45  45  45  PHE PHE B . n 
B 2 46  ALA 46  46  46  ALA ALA B . n 
B 2 47  GLY 47  47  47  GLY GLY B . n 
B 2 48  LYS 48  48  48  LYS LYS B . n 
B 2 49  GLN 49  49  49  GLN GLN B . n 
B 2 50  LEU 50  50  50  LEU LEU B . n 
B 2 51  GLU 51  51  51  GLU GLU B . n 
B 2 52  ASP 52  52  52  ASP ASP B . n 
B 2 53  GLY 53  53  53  GLY GLY B . n 
B 2 54  ARG 54  54  54  ARG ARG B . n 
B 2 55  THR 55  55  55  THR THR B . n 
B 2 56  LEU 56  56  56  LEU LEU B . n 
B 2 57  SER 57  57  57  SER SER B . n 
B 2 58  ASP 58  58  58  ASP ASP B . n 
B 2 59  TYR 59  59  59  TYR TYR B . n 
B 2 60  ASN 60  60  60  ASN ASN B . n 
B 2 61  ILE 61  61  61  ILE ILE B . n 
B 2 62  GLN 62  62  62  GLN GLN B . n 
B 2 63  LYS 63  63  63  LYS LYS B . n 
B 2 64  GLU 64  64  64  GLU GLU B . n 
B 2 65  SER 65  65  65  SER SER B . n 
B 2 66  THR 66  66  66  THR THR B . n 
B 2 67  LEU 67  67  67  LEU LEU B . n 
B 2 68  HIS 68  68  68  HIS HIS B . n 
B 2 69  LEU 69  69  69  LEU LEU B . n 
B 2 70  VAL 70  70  70  VAL VAL B . n 
B 2 71  LEU 71  71  71  LEU LEU B . n 
B 2 72  ARG 72  72  72  ARG ARG B . n 
B 2 73  LEU 73  73  73  LEU LEU B . n 
B 2 74  ARG 74  74  74  ARG ARG B . n 
B 2 75  GLY 75  75  75  GLY GLY B . n 
B 2 76  CYS 76  76  76  CYS CYS B . n 
# 
loop_
_pdbx_nonpoly_scheme.asym_id 
_pdbx_nonpoly_scheme.entity_id 
_pdbx_nonpoly_scheme.mon_id 
_pdbx_nonpoly_scheme.ndb_seq_num 
_pdbx_nonpoly_scheme.pdb_seq_num 
_pdbx_nonpoly_scheme.auth_seq_num 
_pdbx_nonpoly_scheme.pdb_mon_id 
_pdbx_nonpoly_scheme.auth_mon_id 
_pdbx_nonpoly_scheme.pdb_strand_id 
_pdbx_nonpoly_scheme.pdb_ins_code 
C 3 SO4 1 401 381 SO4 SO4 A . 
D 4 ZN  1 402 382 ZN  ZN  A . 
E 4 ZN  1 403 383 ZN  ZN  A . 
F 4 ZN  1 404 384 ZN  ZN  A . 
G 3 SO4 1 405 385 SO4 SO4 A . 
H 4 ZN  1 406 386 ZN  ZN  A . 
I 4 ZN  1 101 77  ZN  ZN  B . 
J 4 ZN  1 102 78  ZN  ZN  B . 
K 5 HOH 1 501 390 HOH HOH A . 
K 5 HOH 2 502 387 HOH HOH A . 
K 5 HOH 3 503 391 HOH HOH A . 
K 5 HOH 4 504 389 HOH HOH A . 
K 5 HOH 5 505 388 HOH HOH A . 
# 
loop_
_pdbx_unobs_or_zero_occ_atoms.id 
_pdbx_unobs_or_zero_occ_atoms.PDB_model_num 
_pdbx_unobs_or_zero_occ_atoms.polymer_flag 
_pdbx_unobs_or_zero_occ_atoms.occupancy_flag 
_pdbx_unobs_or_zero_occ_atoms.auth_asym_id 
_pdbx_unobs_or_zero_occ_atoms.auth_comp_id 
_pdbx_unobs_or_zero_occ_atoms.auth_seq_id 
_pdbx_unobs_or_zero_occ_atoms.PDB_ins_code 
_pdbx_unobs_or_zero_occ_atoms.auth_atom_id 
_pdbx_unobs_or_zero_occ_atoms.label_alt_id 
_pdbx_unobs_or_zero_occ_atoms.label_asym_id 
_pdbx_unobs_or_zero_occ_atoms.label_comp_id 
_pdbx_unobs_or_zero_occ_atoms.label_seq_id 
_pdbx_unobs_or_zero_occ_atoms.label_atom_id 
1  1 Y 1 A LYS 316 ? CG  ? A LYS 55  CG  
2  1 Y 1 A LYS 316 ? CD  ? A LYS 55  CD  
3  1 Y 1 A LYS 316 ? CE  ? A LYS 55  CE  
4  1 Y 1 A LYS 316 ? NZ  ? A LYS 55  NZ  
5  1 Y 1 A GLN 320 ? CG  ? A GLN 59  CG  
6  1 Y 1 A GLN 320 ? CD  ? A GLN 59  CD  
7  1 Y 1 A GLN 320 ? OE1 ? A GLN 59  OE1 
8  1 Y 1 A GLN 320 ? NE2 ? A GLN 59  NE2 
9  1 Y 1 A GLU 380 ? CG  ? A GLU 119 CG  
10 1 Y 1 A GLU 380 ? CD  ? A GLU 119 CD  
11 1 Y 1 A GLU 380 ? OE1 ? A GLU 119 OE1 
12 1 Y 1 A GLU 380 ? OE2 ? A GLU 119 OE2 
13 1 Y 1 B MET 1   ? CG  ? B MET 1   CG  
14 1 Y 1 B MET 1   ? SD  ? B MET 1   SD  
15 1 Y 1 B MET 1   ? CE  ? B MET 1   CE  
16 1 Y 1 B LEU 8   ? CG  ? B LEU 8   CG  
17 1 Y 1 B LEU 8   ? CD1 ? B LEU 8   CD1 
18 1 Y 1 B LEU 8   ? CD2 ? B LEU 8   CD2 
19 1 Y 1 B THR 9   ? OG1 ? B THR 9   OG1 
20 1 Y 1 B THR 9   ? CG2 ? B THR 9   CG2 
21 1 Y 1 B LYS 11  ? CG  ? B LYS 11  CG  
22 1 Y 1 B LYS 11  ? CD  ? B LYS 11  CD  
23 1 Y 1 B LYS 11  ? CE  ? B LYS 11  CE  
24 1 Y 1 B LYS 11  ? NZ  ? B LYS 11  NZ  
25 1 Y 1 B GLU 16  ? CG  ? B GLU 16  CG  
26 1 Y 1 B GLU 16  ? CD  ? B GLU 16  CD  
27 1 Y 1 B GLU 16  ? OE1 ? B GLU 16  OE1 
28 1 Y 1 B GLU 16  ? OE2 ? B GLU 16  OE2 
29 1 Y 1 B LYS 48  ? CG  ? B LYS 48  CG  
30 1 Y 1 B LYS 48  ? CD  ? B LYS 48  CD  
31 1 Y 1 B LYS 48  ? CE  ? B LYS 48  CE  
32 1 Y 1 B LYS 48  ? NZ  ? B LYS 48  NZ  
33 1 Y 1 B GLU 51  ? CD  ? B GLU 51  CD  
34 1 Y 1 B GLU 51  ? OE1 ? B GLU 51  OE1 
35 1 Y 1 B GLU 51  ? OE2 ? B GLU 51  OE2 
36 1 Y 1 B ARG 54  ? CG  ? B ARG 54  CG  
37 1 Y 1 B ARG 54  ? CD  ? B ARG 54  CD  
38 1 Y 1 B ARG 54  ? NE  ? B ARG 54  NE  
39 1 Y 1 B ARG 54  ? CZ  ? B ARG 54  CZ  
40 1 Y 1 B ARG 54  ? NH1 ? B ARG 54  NH1 
41 1 Y 1 B ARG 54  ? NH2 ? B ARG 54  NH2 
42 1 Y 1 B GLN 62  ? CG  ? B GLN 62  CG  
43 1 Y 1 B GLN 62  ? CD  ? B GLN 62  CD  
44 1 Y 1 B GLN 62  ? OE1 ? B GLN 62  OE1 
45 1 Y 1 B GLN 62  ? NE2 ? B GLN 62  NE2 
46 1 Y 1 B LYS 63  ? CG  ? B LYS 63  CG  
47 1 Y 1 B LYS 63  ? CD  ? B LYS 63  CD  
48 1 Y 1 B LYS 63  ? CE  ? B LYS 63  CE  
49 1 Y 1 B LYS 63  ? NZ  ? B LYS 63  NZ  
# 
loop_
_software.citation_id 
_software.classification 
_software.compiler_name 
_software.compiler_version 
_software.contact_author 
_software.contact_author_email 
_software.date 
_software.description 
_software.dependencies 
_software.hardware 
_software.language 
_software.location 
_software.mods 
_software.name 
_software.os 
_software.os_version 
_software.type 
_software.version 
_software.pdbx_ordinal 
? refinement       ? ? ? ? ? ? ? ? ? ? ? PHENIX ? ? ? '(1.11.1_2575: ???)' 1 
? 'data reduction' ? ? ? ? ? ? ? ? ? ? ? XDS    ? ? ? .                    2 
? 'data scaling'   ? ? ? ? ? ? ? ? ? ? ? SCALA  ? ? ? .                    3 
? phasing          ? ? ? ? ? ? ? ? ? ? ? PHASER ? ? ? .                    4 
# 
_cell.angle_alpha                  90.00 
_cell.angle_alpha_esd              ? 
_cell.angle_beta                   90.00 
_cell.angle_beta_esd               ? 
_cell.angle_gamma                  90.00 
_cell.angle_gamma_esd              ? 
_cell.entry_id                     6FYH 
_cell.details                      ? 
_cell.formula_units_Z              ? 
_cell.length_a                     82.234 
_cell.length_a_esd                 ? 
_cell.length_b                     82.234 
_cell.length_b_esd                 ? 
_cell.length_c                     85.852 
_cell.length_c_esd                 ? 
_cell.volume                       ? 
_cell.volume_esd                   ? 
_cell.Z_PDB                        8 
_cell.reciprocal_angle_alpha       ? 
_cell.reciprocal_angle_beta        ? 
_cell.reciprocal_angle_gamma       ? 
_cell.reciprocal_angle_alpha_esd   ? 
_cell.reciprocal_angle_beta_esd    ? 
_cell.reciprocal_angle_gamma_esd   ? 
_cell.reciprocal_length_a          ? 
_cell.reciprocal_length_b          ? 
_cell.reciprocal_length_c          ? 
_cell.reciprocal_length_a_esd      ? 
_cell.reciprocal_length_b_esd      ? 
_cell.reciprocal_length_c_esd      ? 
_cell.pdbx_unique_axis             ? 
# 
_symmetry.entry_id                         6FYH 
_symmetry.cell_setting                     ? 
_symmetry.Int_Tables_number                96 
_symmetry.space_group_name_Hall            ? 
_symmetry.space_group_name_H-M             'P 43 21 2' 
_symmetry.pdbx_full_space_group_name_H-M   ? 
# 
_exptl.absorpt_coefficient_mu     ? 
_exptl.absorpt_correction_T_max   ? 
_exptl.absorpt_correction_T_min   ? 
_exptl.absorpt_correction_type    ? 
_exptl.absorpt_process_details    ? 
_exptl.entry_id                   6FYH 
_exptl.crystals_number            1 
_exptl.details                    ? 
_exptl.method                     'X-RAY DIFFRACTION' 
_exptl.method_details             ? 
# 
_exptl_crystal.colour                      ? 
_exptl_crystal.density_diffrn              ? 
_exptl_crystal.density_Matthews            3.18 
_exptl_crystal.density_method              ? 
_exptl_crystal.density_percent_sol         61.32 
_exptl_crystal.description                 ? 
_exptl_crystal.F_000                       ? 
_exptl_crystal.id                          1 
_exptl_crystal.preparation                 ? 
_exptl_crystal.size_max                    ? 
_exptl_crystal.size_mid                    ? 
_exptl_crystal.size_min                    ? 
_exptl_crystal.size_rad                    ? 
_exptl_crystal.colour_lustre               ? 
_exptl_crystal.colour_modifier             ? 
_exptl_crystal.colour_primary              ? 
_exptl_crystal.density_meas                ? 
_exptl_crystal.density_meas_esd            ? 
_exptl_crystal.density_meas_gt             ? 
_exptl_crystal.density_meas_lt             ? 
_exptl_crystal.density_meas_temp           ? 
_exptl_crystal.density_meas_temp_esd       ? 
_exptl_crystal.density_meas_temp_gt        ? 
_exptl_crystal.density_meas_temp_lt        ? 
_exptl_crystal.pdbx_crystal_image_url      ? 
_exptl_crystal.pdbx_crystal_image_format   ? 
_exptl_crystal.pdbx_mosaicity              ? 
_exptl_crystal.pdbx_mosaicity_esd          ? 
# 
_exptl_crystal_grow.apparatus       ? 
_exptl_crystal_grow.atmosphere      ? 
_exptl_crystal_grow.crystal_id      1 
_exptl_crystal_grow.details         ? 
_exptl_crystal_grow.method          'VAPOR DIFFUSION, SITTING DROP' 
_exptl_crystal_grow.method_ref      ? 
_exptl_crystal_grow.pH              ? 
_exptl_crystal_grow.pressure        ? 
_exptl_crystal_grow.pressure_esd    ? 
_exptl_crystal_grow.seeding         ? 
_exptl_crystal_grow.seeding_ref     ? 
_exptl_crystal_grow.temp            293 
_exptl_crystal_grow.temp_details    ? 
_exptl_crystal_grow.temp_esd        ? 
_exptl_crystal_grow.time            ? 
_exptl_crystal_grow.pdbx_details    '0.8M Zn SO4 0.1M Na Acetat pH 4.0' 
_exptl_crystal_grow.pdbx_pH_range   ? 
# 
_diffrn.ambient_environment    ? 
_diffrn.ambient_temp           100 
_diffrn.ambient_temp_details   ? 
_diffrn.ambient_temp_esd       ? 
_diffrn.crystal_id             1 
_diffrn.crystal_support        ? 
_diffrn.crystal_treatment      ? 
_diffrn.details                ? 
_diffrn.id                     1 
_diffrn.ambient_pressure       ? 
_diffrn.ambient_pressure_esd   ? 
_diffrn.ambient_pressure_gt    ? 
_diffrn.ambient_pressure_lt    ? 
_diffrn.ambient_temp_gt        ? 
_diffrn.ambient_temp_lt        ? 
# 
_diffrn_detector.details                      ? 
_diffrn_detector.detector                     PIXEL 
_diffrn_detector.diffrn_id                    1 
_diffrn_detector.type                         'DECTRIS PILATUS 6M-F' 
_diffrn_detector.area_resol_mean              ? 
_diffrn_detector.dtime                        ? 
_diffrn_detector.pdbx_frames_total            ? 
_diffrn_detector.pdbx_collection_time_total   ? 
_diffrn_detector.pdbx_collection_date         2015-11-20 
# 
_diffrn_radiation.collimation                      ? 
_diffrn_radiation.diffrn_id                        1 
_diffrn_radiation.filter_edge                      ? 
_diffrn_radiation.inhomogeneity                    ? 
_diffrn_radiation.monochromator                    ? 
_diffrn_radiation.polarisn_norm                    ? 
_diffrn_radiation.polarisn_ratio                   ? 
_diffrn_radiation.probe                            ? 
_diffrn_radiation.type                             ? 
_diffrn_radiation.xray_symbol                      ? 
_diffrn_radiation.wavelength_id                    1 
_diffrn_radiation.pdbx_monochromatic_or_laue_m_l   M 
_diffrn_radiation.pdbx_wavelength_list             ? 
_diffrn_radiation.pdbx_wavelength                  ? 
_diffrn_radiation.pdbx_diffrn_protocol             'SINGLE WAVELENGTH' 
_diffrn_radiation.pdbx_analyzer                    ? 
_diffrn_radiation.pdbx_scattering_type             x-ray 
# 
_diffrn_radiation_wavelength.id           1 
_diffrn_radiation_wavelength.wavelength   1.002 
_diffrn_radiation_wavelength.wt           1.0 
# 
_diffrn_source.current                     ? 
_diffrn_source.details                     ? 
_diffrn_source.diffrn_id                   1 
_diffrn_source.power                       ? 
_diffrn_source.size                        ? 
_diffrn_source.source                      SYNCHROTRON 
_diffrn_source.target                      ? 
_diffrn_source.type                        'SLS BEAMLINE X10SA' 
_diffrn_source.voltage                     ? 
_diffrn_source.take-off_angle              ? 
_diffrn_source.pdbx_wavelength_list        1.002 
_diffrn_source.pdbx_wavelength             ? 
_diffrn_source.pdbx_synchrotron_beamline   X10SA 
_diffrn_source.pdbx_synchrotron_site       SLS 
# 
_reflns.B_iso_Wilson_estimate            ? 
_reflns.entry_id                         6FYH 
_reflns.data_reduction_details           ? 
_reflns.data_reduction_method            ? 
_reflns.d_resolution_high                2.906 
_reflns.d_resolution_low                 48.144 
_reflns.details                          ? 
_reflns.limit_h_max                      ? 
_reflns.limit_h_min                      ? 
_reflns.limit_k_max                      ? 
_reflns.limit_k_min                      ? 
_reflns.limit_l_max                      ? 
_reflns.limit_l_min                      ? 
_reflns.number_all                       ? 
_reflns.number_obs                       12356 
_reflns.observed_criterion               ? 
_reflns.observed_criterion_F_max         ? 
_reflns.observed_criterion_F_min         ? 
_reflns.observed_criterion_I_max         ? 
_reflns.observed_criterion_I_min         ? 
_reflns.observed_criterion_sigma_F       ? 
_reflns.observed_criterion_sigma_I       ? 
_reflns.percent_possible_obs             99.64 
_reflns.R_free_details                   ? 
_reflns.Rmerge_F_all                     ? 
_reflns.Rmerge_F_obs                     ? 
_reflns.Friedel_coverage                 ? 
_reflns.number_gt                        ? 
_reflns.threshold_expression             ? 
_reflns.pdbx_redundancy                  16.7 
_reflns.pdbx_Rmerge_I_obs                0.126 
_reflns.pdbx_Rmerge_I_all                ? 
_reflns.pdbx_Rsym_value                  ? 
_reflns.pdbx_netI_over_av_sigmaI         ? 
_reflns.pdbx_netI_over_sigmaI            21.43 
_reflns.pdbx_res_netI_over_av_sigmaI_2   ? 
_reflns.pdbx_res_netI_over_sigmaI_2      ? 
_reflns.pdbx_chi_squared                 ? 
_reflns.pdbx_scaling_rejects             ? 
_reflns.pdbx_d_res_high_opt              ? 
_reflns.pdbx_d_res_low_opt               ? 
_reflns.pdbx_d_res_opt_method            ? 
_reflns.phase_calculation_details        ? 
_reflns.pdbx_Rrim_I_all                  ? 
_reflns.pdbx_Rpim_I_all                  ? 
_reflns.pdbx_d_opt                       ? 
_reflns.pdbx_number_measured_all         ? 
_reflns.pdbx_diffrn_id                   1 
_reflns.pdbx_ordinal                     1 
_reflns.pdbx_CC_half                     ? 
_reflns.pdbx_R_split                     ? 
# 
_reflns_shell.d_res_high                  2.91 
_reflns_shell.d_res_low                   3.08 
_reflns_shell.meanI_over_sigI_all         ? 
_reflns_shell.meanI_over_sigI_obs         ? 
_reflns_shell.number_measured_all         ? 
_reflns_shell.number_measured_obs         ? 
_reflns_shell.number_possible             ? 
_reflns_shell.number_unique_all           ? 
_reflns_shell.number_unique_obs           ? 
_reflns_shell.percent_possible_all        ? 
_reflns_shell.percent_possible_obs        ? 
_reflns_shell.Rmerge_F_all                ? 
_reflns_shell.Rmerge_F_obs                ? 
_reflns_shell.Rmerge_I_all                ? 
_reflns_shell.Rmerge_I_obs                0.853 
_reflns_shell.meanI_over_sigI_gt          ? 
_reflns_shell.meanI_over_uI_all           ? 
_reflns_shell.meanI_over_uI_gt            ? 
_reflns_shell.number_measured_gt          ? 
_reflns_shell.number_unique_gt            ? 
_reflns_shell.percent_possible_gt         ? 
_reflns_shell.Rmerge_F_gt                 ? 
_reflns_shell.Rmerge_I_gt                 ? 
_reflns_shell.pdbx_redundancy             ? 
_reflns_shell.pdbx_Rsym_value             ? 
_reflns_shell.pdbx_chi_squared            ? 
_reflns_shell.pdbx_netI_over_sigmaI_all   ? 
_reflns_shell.pdbx_netI_over_sigmaI_obs   ? 
_reflns_shell.pdbx_Rrim_I_all             ? 
_reflns_shell.pdbx_Rpim_I_all             ? 
_reflns_shell.pdbx_rejects                ? 
_reflns_shell.pdbx_ordinal                1 
_reflns_shell.pdbx_diffrn_id              1 
_reflns_shell.pdbx_CC_half                ? 
_reflns_shell.pdbx_R_split                ? 
# 
_refine.aniso_B[1][1]                            ? 
_refine.aniso_B[1][2]                            ? 
_refine.aniso_B[1][3]                            ? 
_refine.aniso_B[2][2]                            ? 
_refine.aniso_B[2][3]                            ? 
_refine.aniso_B[3][3]                            ? 
_refine.B_iso_max                                ? 
_refine.B_iso_mean                               ? 
_refine.B_iso_min                                ? 
_refine.correlation_coeff_Fo_to_Fc               ? 
_refine.correlation_coeff_Fo_to_Fc_free          ? 
_refine.details                                  ? 
_refine.diff_density_max                         ? 
_refine.diff_density_max_esd                     ? 
_refine.diff_density_min                         ? 
_refine.diff_density_min_esd                     ? 
_refine.diff_density_rms                         ? 
_refine.diff_density_rms_esd                     ? 
_refine.entry_id                                 6FYH 
_refine.pdbx_refine_id                           'X-RAY DIFFRACTION' 
_refine.ls_abs_structure_details                 ? 
_refine.ls_abs_structure_Flack                   ? 
_refine.ls_abs_structure_Flack_esd               ? 
_refine.ls_abs_structure_Rogers                  ? 
_refine.ls_abs_structure_Rogers_esd              ? 
_refine.ls_d_res_high                            2.906 
_refine.ls_d_res_low                             48.144 
_refine.ls_extinction_coef                       ? 
_refine.ls_extinction_coef_esd                   ? 
_refine.ls_extinction_expression                 ? 
_refine.ls_extinction_method                     ? 
_refine.ls_goodness_of_fit_all                   ? 
_refine.ls_goodness_of_fit_all_esd               ? 
_refine.ls_goodness_of_fit_obs                   ? 
_refine.ls_goodness_of_fit_obs_esd               ? 
_refine.ls_hydrogen_treatment                    ? 
_refine.ls_matrix_type                           ? 
_refine.ls_number_constraints                    ? 
_refine.ls_number_parameters                     ? 
_refine.ls_number_reflns_all                     ? 
_refine.ls_number_reflns_obs                     12351 
_refine.ls_number_reflns_R_free                  598 
_refine.ls_number_reflns_R_work                  ? 
_refine.ls_number_restraints                     ? 
_refine.ls_percent_reflns_obs                    99.64 
_refine.ls_percent_reflns_R_free                 4.84 
_refine.ls_R_factor_all                          ? 
_refine.ls_R_factor_obs                          0.2316 
_refine.ls_R_factor_R_free                       0.2656 
_refine.ls_R_factor_R_free_error                 ? 
_refine.ls_R_factor_R_free_error_details         ? 
_refine.ls_R_factor_R_work                       0.2298 
_refine.ls_R_Fsqd_factor_obs                     ? 
_refine.ls_R_I_factor_obs                        ? 
_refine.ls_redundancy_reflns_all                 ? 
_refine.ls_redundancy_reflns_obs                 ? 
_refine.ls_restrained_S_all                      ? 
_refine.ls_restrained_S_obs                      ? 
_refine.ls_shift_over_esd_max                    ? 
_refine.ls_shift_over_esd_mean                   ? 
_refine.ls_structure_factor_coef                 ? 
_refine.ls_weighting_details                     ? 
_refine.ls_weighting_scheme                      ? 
_refine.ls_wR_factor_all                         ? 
_refine.ls_wR_factor_obs                         ? 
_refine.ls_wR_factor_R_free                      ? 
_refine.ls_wR_factor_R_work                      ? 
_refine.occupancy_max                            ? 
_refine.occupancy_min                            ? 
_refine.solvent_model_details                    ? 
_refine.solvent_model_param_bsol                 ? 
_refine.solvent_model_param_ksol                 ? 
_refine.ls_R_factor_gt                           ? 
_refine.ls_goodness_of_fit_gt                    ? 
_refine.ls_goodness_of_fit_ref                   ? 
_refine.ls_shift_over_su_max                     ? 
_refine.ls_shift_over_su_max_lt                  ? 
_refine.ls_shift_over_su_mean                    ? 
_refine.ls_shift_over_su_mean_lt                 ? 
_refine.pdbx_ls_sigma_I                          ? 
_refine.pdbx_ls_sigma_F                          1.36 
_refine.pdbx_ls_sigma_Fsqd                       ? 
_refine.pdbx_data_cutoff_high_absF               ? 
_refine.pdbx_data_cutoff_high_rms_absF           ? 
_refine.pdbx_data_cutoff_low_absF                ? 
_refine.pdbx_isotropic_thermal_model             ? 
_refine.pdbx_ls_cross_valid_method               'FREE R-VALUE' 
_refine.pdbx_method_to_determine_struct          'MOLECULAR REPLACEMENT' 
_refine.pdbx_starting_model                      '3H1D, 4BBN' 
_refine.pdbx_stereochemistry_target_values       ? 
_refine.pdbx_R_Free_selection_details            ? 
_refine.pdbx_stereochem_target_val_spec_case     ? 
_refine.pdbx_overall_ESU_R                       ? 
_refine.pdbx_overall_ESU_R_Free                  ? 
_refine.pdbx_solvent_vdw_probe_radii             1.11 
_refine.pdbx_solvent_ion_probe_radii             ? 
_refine.pdbx_solvent_shrinkage_radii             0.90 
_refine.pdbx_real_space_R                        ? 
_refine.pdbx_density_correlation                 ? 
_refine.pdbx_pd_number_of_powder_patterns        ? 
_refine.pdbx_pd_number_of_points                 ? 
_refine.pdbx_pd_meas_number_of_points            ? 
_refine.pdbx_pd_proc_ls_prof_R_factor            ? 
_refine.pdbx_pd_proc_ls_prof_wR_factor           ? 
_refine.pdbx_pd_Marquardt_correlation_coeff      ? 
_refine.pdbx_pd_Fsqrd_R_factor                   ? 
_refine.pdbx_pd_ls_matrix_band_width             ? 
_refine.pdbx_overall_phase_error                 29.01 
_refine.pdbx_overall_SU_R_free_Cruickshank_DPI   ? 
_refine.pdbx_overall_SU_R_free_Blow_DPI          ? 
_refine.pdbx_overall_SU_R_Blow_DPI               ? 
_refine.pdbx_TLS_residual_ADP_flag               ? 
_refine.pdbx_diffrn_id                           1 
_refine.overall_SU_B                             ? 
_refine.overall_SU_ML                            0.46 
_refine.overall_SU_R_Cruickshank_DPI             ? 
_refine.overall_SU_R_free                        ? 
_refine.overall_FOM_free_R_set                   ? 
_refine.overall_FOM_work_R_set                   ? 
_refine.pdbx_average_fsc_overall                 ? 
_refine.pdbx_average_fsc_work                    ? 
_refine.pdbx_average_fsc_free                    ? 
# 
_refine_hist.pdbx_refine_id                   'X-RAY DIFFRACTION' 
_refine_hist.cycle_id                         LAST 
_refine_hist.pdbx_number_atoms_protein        1501 
_refine_hist.pdbx_number_atoms_nucleic_acid   0 
_refine_hist.pdbx_number_atoms_ligand         16 
_refine_hist.number_atoms_solvent             5 
_refine_hist.number_atoms_total               1522 
_refine_hist.d_res_high                       2.906 
_refine_hist.d_res_low                        48.144 
# 
loop_
_refine_ls_restr.pdbx_refine_id 
_refine_ls_restr.criterion 
_refine_ls_restr.dev_ideal 
_refine_ls_restr.dev_ideal_target 
_refine_ls_restr.number 
_refine_ls_restr.rejects 
_refine_ls_restr.type 
_refine_ls_restr.weight 
_refine_ls_restr.pdbx_restraint_function 
'X-RAY DIFFRACTION' ? 0.002  ? 1534 ? f_bond_d           ? ? 
'X-RAY DIFFRACTION' ? 0.455  ? 2077 ? f_angle_d          ? ? 
'X-RAY DIFFRACTION' ? 18.925 ? 927  ? f_dihedral_angle_d ? ? 
'X-RAY DIFFRACTION' ? 0.038  ? 234  ? f_chiral_restr     ? ? 
'X-RAY DIFFRACTION' ? 0.003  ? 270  ? f_plane_restr      ? ? 
# 
loop_
_refine_ls_shell.pdbx_refine_id 
_refine_ls_shell.d_res_high 
_refine_ls_shell.d_res_low 
_refine_ls_shell.number_reflns_all 
_refine_ls_shell.number_reflns_obs 
_refine_ls_shell.number_reflns_R_free 
_refine_ls_shell.number_reflns_R_work 
_refine_ls_shell.percent_reflns_obs 
_refine_ls_shell.percent_reflns_R_free 
_refine_ls_shell.R_factor_all 
_refine_ls_shell.R_factor_obs 
_refine_ls_shell.R_factor_R_free 
_refine_ls_shell.R_factor_R_free_error 
_refine_ls_shell.R_factor_R_work 
_refine_ls_shell.redundancy_reflns_all 
_refine_ls_shell.redundancy_reflns_obs 
_refine_ls_shell.wR_factor_all 
_refine_ls_shell.wR_factor_obs 
_refine_ls_shell.wR_factor_R_free 
_refine_ls_shell.wR_factor_R_work 
_refine_ls_shell.pdbx_total_number_of_bins_used 
_refine_ls_shell.pdbx_phase_error 
_refine_ls_shell.pdbx_fsc_work 
_refine_ls_shell.pdbx_fsc_free 
'X-RAY DIFFRACTION' 2.9063 3.1987  . . 151 2900 99.00  . . . 0.3498 . 0.2888 . . . . . . . . . . 
'X-RAY DIFFRACTION' 3.1987 3.6614  . . 162 2936 100.00 . . . 0.3158 . 0.2377 . . . . . . . . . . 
'X-RAY DIFFRACTION' 3.6614 4.6125  . . 145 2959 100.00 . . . 0.2182 . 0.1992 . . . . . . . . . . 
'X-RAY DIFFRACTION' 4.6125 48.1511 . . 140 2958 100.00 . . . 0.2612 . 0.2357 . . . . . . . . . . 
# 
_struct.entry_id                     6FYH 
_struct.title                        'Disulfide between ubiquitin G76C and the E3 HECT ligase Huwe1' 
_struct.pdbx_model_details           ? 
_struct.pdbx_formula_weight          ? 
_struct.pdbx_formula_weight_method   ? 
_struct.pdbx_model_type_details      ? 
_struct.pdbx_CASP_flag               N 
# 
_struct_keywords.entry_id        6FYH 
_struct_keywords.text            'HUWE1 HECT, Ubiquitin transfer, thioester, LIGASE' 
_struct_keywords.pdbx_keywords   LIGASE 
# 
loop_
_struct_asym.id 
_struct_asym.pdbx_blank_PDB_chainid_flag 
_struct_asym.pdbx_modified 
_struct_asym.entity_id 
_struct_asym.details 
A N N 1 ? 
B N N 2 ? 
C N N 3 ? 
D N N 4 ? 
E N N 4 ? 
F N N 4 ? 
G N N 3 ? 
H N N 4 ? 
I N N 4 ? 
J N N 4 ? 
K N N 5 ? 
# 
loop_
_struct_ref.id 
_struct_ref.db_name 
_struct_ref.db_code 
_struct_ref.pdbx_db_accession 
_struct_ref.pdbx_db_isoform 
_struct_ref.entity_id 
_struct_ref.pdbx_seq_one_letter_code 
_struct_ref.pdbx_align_begin 
1 UNP HUWE1_HUMAN Q7Z6Z7 ? 1 
;PTIDIDDLKSNTEYHKYQSNSIQIQWFWRALRSFDQADRAKFLQFVTGTSKVPLQGFAALEGMNGIQKFQIHRDDRSTDR
LPSAHTCFNQLDLPAYESFEKLRHMLLLAIQECSEGFGLA
;
4255 
2 UNP UBB_HUMAN   P0CG47 ? 2 MQIFVKTLTGKTITLEVEPSDTIENVKAKIQDKEGIPPDQQRLIFAGKQLEDGRTLSDYNIQKESTLHLVLRLRGG 1    
# 
loop_
_struct_ref_seq.align_id 
_struct_ref_seq.ref_id 
_struct_ref_seq.pdbx_PDB_id_code 
_struct_ref_seq.pdbx_strand_id 
_struct_ref_seq.seq_align_beg 
_struct_ref_seq.pdbx_seq_align_beg_ins_code 
_struct_ref_seq.seq_align_end 
_struct_ref_seq.pdbx_seq_align_end_ins_code 
_struct_ref_seq.pdbx_db_accession 
_struct_ref_seq.db_align_beg 
_struct_ref_seq.pdbx_db_align_beg_ins_code 
_struct_ref_seq.db_align_end 
_struct_ref_seq.pdbx_db_align_end_ins_code 
_struct_ref_seq.pdbx_auth_seq_align_beg 
_struct_ref_seq.pdbx_auth_seq_align_end 
1 1 6FYH A 5 ? 124 ? Q7Z6Z7 4255 ? 4374 ? 266 385 
2 2 6FYH B 1 ? 76  ? P0CG47 1    ? 76   ? 1   76  
# 
loop_
_struct_ref_seq_dif.align_id 
_struct_ref_seq_dif.pdbx_pdb_id_code 
_struct_ref_seq_dif.mon_id 
_struct_ref_seq_dif.pdbx_pdb_strand_id 
_struct_ref_seq_dif.seq_num 
_struct_ref_seq_dif.pdbx_pdb_ins_code 
_struct_ref_seq_dif.pdbx_seq_db_name 
_struct_ref_seq_dif.pdbx_seq_db_accession_code 
_struct_ref_seq_dif.db_mon_id 
_struct_ref_seq_dif.pdbx_seq_db_seq_num 
_struct_ref_seq_dif.details 
_struct_ref_seq_dif.pdbx_auth_seq_num 
_struct_ref_seq_dif.pdbx_ordinal 
1 6FYH GLY A 1   ? UNP Q7Z6Z7 ?   ?    'expression tag'      262 1 
1 6FYH ALA A 2   ? UNP Q7Z6Z7 ?   ?    'expression tag'      263 2 
1 6FYH MET A 3   ? UNP Q7Z6Z7 ?   ?    'expression tag'      264 3 
1 6FYH GLY A 4   ? UNP Q7Z6Z7 ?   ?    'expression tag'      265 4 
1 6FYH ASN A 117 ? UNP Q7Z6Z7 CYS 4367 'engineered mutation' 378 5 
2 6FYH CYS B 76  ? UNP P0CG47 GLY 76   'engineered mutation' 76  6 
# 
_pdbx_struct_assembly.id                   1 
_pdbx_struct_assembly.details              author_and_software_defined_assembly 
_pdbx_struct_assembly.method_details       PISA 
_pdbx_struct_assembly.oligomeric_details   dimeric 
_pdbx_struct_assembly.oligomeric_count     2 
# 
loop_
_pdbx_struct_assembly_prop.biol_id 
_pdbx_struct_assembly_prop.type 
_pdbx_struct_assembly_prop.value 
_pdbx_struct_assembly_prop.details 
1 'ABSA (A^2)' 1920 ? 
1 MORE         -167 ? 
1 'SSA (A^2)'  9910 ? 
# 
_pdbx_struct_assembly_gen.assembly_id       1 
_pdbx_struct_assembly_gen.oper_expression   1 
_pdbx_struct_assembly_gen.asym_id_list      A,B,C,D,E,F,G,H,I,J,K 
# 
_pdbx_struct_assembly_auth_evidence.id                     1 
_pdbx_struct_assembly_auth_evidence.assembly_id            1 
_pdbx_struct_assembly_auth_evidence.experimental_support   'assay for oligomerization' 
_pdbx_struct_assembly_auth_evidence.details                
;NMR CSP's experiments
non-reducing SDS-PAGE
;
# 
_pdbx_struct_oper_list.id                   1 
_pdbx_struct_oper_list.type                 'identity operation' 
_pdbx_struct_oper_list.name                 1_555 
_pdbx_struct_oper_list.symmetry_operation   x,y,z 
_pdbx_struct_oper_list.matrix[1][1]         1.0000000000 
_pdbx_struct_oper_list.matrix[1][2]         0.0000000000 
_pdbx_struct_oper_list.matrix[1][3]         0.0000000000 
_pdbx_struct_oper_list.vector[1]            0.0000000000 
_pdbx_struct_oper_list.matrix[2][1]         0.0000000000 
_pdbx_struct_oper_list.matrix[2][2]         1.0000000000 
_pdbx_struct_oper_list.matrix[2][3]         0.0000000000 
_pdbx_struct_oper_list.vector[2]            0.0000000000 
_pdbx_struct_oper_list.matrix[3][1]         0.0000000000 
_pdbx_struct_oper_list.matrix[3][2]         0.0000000000 
_pdbx_struct_oper_list.matrix[3][3]         1.0000000000 
_pdbx_struct_oper_list.vector[3]            0.0000000000 
# 
loop_
_struct_conf.conf_type_id 
_struct_conf.id 
_struct_conf.pdbx_PDB_helix_id 
_struct_conf.beg_label_comp_id 
_struct_conf.beg_label_asym_id 
_struct_conf.beg_label_seq_id 
_struct_conf.pdbx_beg_PDB_ins_code 
_struct_conf.end_label_comp_id 
_struct_conf.end_label_asym_id 
_struct_conf.end_label_seq_id 
_struct_conf.pdbx_end_PDB_ins_code 
_struct_conf.beg_auth_comp_id 
_struct_conf.beg_auth_asym_id 
_struct_conf.beg_auth_seq_id 
_struct_conf.end_auth_comp_id 
_struct_conf.end_auth_asym_id 
_struct_conf.end_auth_seq_id 
_struct_conf.pdbx_PDB_helix_class 
_struct_conf.details 
_struct_conf.pdbx_PDB_helix_length 
HELX_P HELX_P1 AA1 ASP A 8   ? SER A 14  ? ASP A 269 SER A 275 1 ? 7  
HELX_P HELX_P2 AA2 SER A 25  ? SER A 37  ? SER A 286 SER A 298 1 ? 13 
HELX_P HELX_P3 AA3 ASP A 39  ? GLY A 52  ? ASP A 300 GLY A 313 1 ? 14 
HELX_P HELX_P4 AA4 GLY A 60  ? LEU A 64  ? GLY A 321 LEU A 325 5 ? 5  
HELX_P HELX_P5 AA5 SER A 102 ? GLN A 115 ? SER A 363 GLN A 376 1 ? 14 
HELX_P HELX_P6 AA6 THR B 22  ? GLY B 35  ? THR B 22  GLY B 35  1 ? 14 
HELX_P HELX_P7 AA7 PRO B 37  ? ASP B 39  ? PRO B 37  ASP B 39  5 ? 3  
# 
_struct_conf_type.id          HELX_P 
_struct_conf_type.criteria    ? 
_struct_conf_type.reference   ? 
# 
loop_
_struct_conn.id 
_struct_conn.conn_type_id 
_struct_conn.pdbx_leaving_atom_flag 
_struct_conn.pdbx_PDB_id 
_struct_conn.ptnr1_label_asym_id 
_struct_conn.ptnr1_label_comp_id 
_struct_conn.ptnr1_label_seq_id 
_struct_conn.ptnr1_label_atom_id 
_struct_conn.pdbx_ptnr1_label_alt_id 
_struct_conn.pdbx_ptnr1_PDB_ins_code 
_struct_conn.pdbx_ptnr1_standard_comp_id 
_struct_conn.ptnr1_symmetry 
_struct_conn.ptnr2_label_asym_id 
_struct_conn.ptnr2_label_comp_id 
_struct_conn.ptnr2_label_seq_id 
_struct_conn.ptnr2_label_atom_id 
_struct_conn.pdbx_ptnr2_label_alt_id 
_struct_conn.pdbx_ptnr2_PDB_ins_code 
_struct_conn.ptnr1_auth_asym_id 
_struct_conn.ptnr1_auth_comp_id 
_struct_conn.ptnr1_auth_seq_id 
_struct_conn.ptnr2_auth_asym_id 
_struct_conn.ptnr2_auth_comp_id 
_struct_conn.ptnr2_auth_seq_id 
_struct_conn.ptnr2_symmetry 
_struct_conn.pdbx_ptnr3_label_atom_id 
_struct_conn.pdbx_ptnr3_label_seq_id 
_struct_conn.pdbx_ptnr3_label_comp_id 
_struct_conn.pdbx_ptnr3_label_asym_id 
_struct_conn.pdbx_ptnr3_label_alt_id 
_struct_conn.pdbx_ptnr3_PDB_ins_code 
_struct_conn.details 
_struct_conn.pdbx_dist_value 
_struct_conn.pdbx_value_order 
_struct_conn.pdbx_role 
disulf1 disulf ? ? A CYS 91  SG  ? ? ? 1_555 B CYS 76 SG ? ? A CYS 352 B CYS 76  1_555 ? ? ? ? ? ? ? 2.031 ? ? 
metalc1 metalc ? ? A HIS 19  ND1 ? ? ? 1_555 E ZN  .  ZN ? ? A HIS 280 A ZN  403 3_454 ? ? ? ? ? ? ? 2.174 ? ? 
metalc2 metalc ? ? A HIS 89  NE2 ? ? ? 1_555 F ZN  .  ZN ? ? A HIS 350 A ZN  404 1_555 ? ? ? ? ? ? ? 2.012 ? ? 
metalc3 metalc ? ? A ASP 96  OD2 ? ? ? 1_555 F ZN  .  ZN ? ? A ASP 357 A ZN  404 1_555 ? ? ? ? ? ? ? 2.066 ? ? 
metalc4 metalc ? ? A GLU 104 OE1 ? ? ? 1_555 E ZN  .  ZN ? ? A GLU 365 A ZN  403 1_555 ? ? ? ? ? ? ? 2.535 ? ? 
metalc5 metalc ? ? A GLU 104 OE1 ? ? ? 1_555 H ZN  .  ZN ? ? A GLU 365 A ZN  406 1_555 ? ? ? ? ? ? ? 2.085 ? ? 
metalc6 metalc ? ? A HIS 108 NE2 ? ? ? 1_555 D ZN  .  ZN ? ? A HIS 369 A ZN  402 1_555 ? ? ? ? ? ? ? 2.449 ? ? 
metalc7 metalc ? ? F ZN  .   ZN  ? ? ? 1_555 G SO4 .  O4 ? ? A ZN  404 A SO4 405 1_555 ? ? ? ? ? ? ? 2.037 ? ? 
metalc8 metalc ? ? F ZN  .   ZN  ? ? ? 1_555 K HOH .  O  ? ? A ZN  404 A HOH 502 1_555 ? ? ? ? ? ? ? 2.440 ? ? 
metalc9 metalc ? ? B ASP 32  OD1 ? ? ? 1_555 J ZN  .  ZN ? ? B ASP 32  B ZN  102 1_555 ? ? ? ? ? ? ? 2.587 ? ? 
# 
loop_
_struct_conn_type.id 
_struct_conn_type.criteria 
_struct_conn_type.reference 
disulf ? ? 
metalc ? ? 
# 
loop_
_pdbx_struct_conn_angle.id 
_pdbx_struct_conn_angle.ptnr1_label_atom_id 
_pdbx_struct_conn_angle.ptnr1_label_alt_id 
_pdbx_struct_conn_angle.ptnr1_label_asym_id 
_pdbx_struct_conn_angle.ptnr1_label_comp_id 
_pdbx_struct_conn_angle.ptnr1_label_seq_id 
_pdbx_struct_conn_angle.ptnr1_auth_atom_id 
_pdbx_struct_conn_angle.ptnr1_auth_asym_id 
_pdbx_struct_conn_angle.ptnr1_auth_comp_id 
_pdbx_struct_conn_angle.ptnr1_auth_seq_id 
_pdbx_struct_conn_angle.ptnr1_PDB_ins_code 
_pdbx_struct_conn_angle.ptnr1_symmetry 
_pdbx_struct_conn_angle.ptnr2_label_atom_id 
_pdbx_struct_conn_angle.ptnr2_label_alt_id 
_pdbx_struct_conn_angle.ptnr2_label_asym_id 
_pdbx_struct_conn_angle.ptnr2_label_comp_id 
_pdbx_struct_conn_angle.ptnr2_label_seq_id 
_pdbx_struct_conn_angle.ptnr2_auth_atom_id 
_pdbx_struct_conn_angle.ptnr2_auth_asym_id 
_pdbx_struct_conn_angle.ptnr2_auth_comp_id 
_pdbx_struct_conn_angle.ptnr2_auth_seq_id 
_pdbx_struct_conn_angle.ptnr2_PDB_ins_code 
_pdbx_struct_conn_angle.ptnr2_symmetry 
_pdbx_struct_conn_angle.ptnr3_label_atom_id 
_pdbx_struct_conn_angle.ptnr3_label_alt_id 
_pdbx_struct_conn_angle.ptnr3_label_asym_id 
_pdbx_struct_conn_angle.ptnr3_label_comp_id 
_pdbx_struct_conn_angle.ptnr3_label_seq_id 
_pdbx_struct_conn_angle.ptnr3_auth_atom_id 
_pdbx_struct_conn_angle.ptnr3_auth_asym_id 
_pdbx_struct_conn_angle.ptnr3_auth_comp_id 
_pdbx_struct_conn_angle.ptnr3_auth_seq_id 
_pdbx_struct_conn_angle.ptnr3_PDB_ins_code 
_pdbx_struct_conn_angle.ptnr3_symmetry 
_pdbx_struct_conn_angle.value 
_pdbx_struct_conn_angle.value_esd 
1 ND1 ? A HIS 19 ? A HIS 280 ? 1_555 ZN ? E ZN . ? A ZN 403 ? 3_454 OE1 ? A GLU 104 ? A GLU 365 ? 1_555 111.9 ? 
2 NE2 ? A HIS 89 ? A HIS 350 ? 1_555 ZN ? F ZN . ? A ZN 404 ? 1_555 OD2 ? A ASP 96  ? A ASP 357 ? 1_555 90.3  ? 
3 NE2 ? A HIS 89 ? A HIS 350 ? 1_555 ZN ? F ZN . ? A ZN 404 ? 1_555 O4  ? G SO4 .   ? A SO4 405 ? 1_555 95.8  ? 
4 OD2 ? A ASP 96 ? A ASP 357 ? 1_555 ZN ? F ZN . ? A ZN 404 ? 1_555 O4  ? G SO4 .   ? A SO4 405 ? 1_555 100.5 ? 
5 NE2 ? A HIS 89 ? A HIS 350 ? 1_555 ZN ? F ZN . ? A ZN 404 ? 1_555 O   ? K HOH .   ? A HOH 502 ? 1_555 100.4 ? 
6 OD2 ? A ASP 96 ? A ASP 357 ? 1_555 ZN ? F ZN . ? A ZN 404 ? 1_555 O   ? K HOH .   ? A HOH 502 ? 1_555 114.2 ? 
7 O4  ? G SO4 .  ? A SO4 405 ? 1_555 ZN ? F ZN . ? A ZN 404 ? 1_555 O   ? K HOH .   ? A HOH 502 ? 1_555 141.3 ? 
# 
_pdbx_modification_feature.ordinal                            1 
_pdbx_modification_feature.label_comp_id                      CYS 
_pdbx_modification_feature.label_asym_id                      A 
_pdbx_modification_feature.label_seq_id                       91 
_pdbx_modification_feature.label_alt_id                       ? 
_pdbx_modification_feature.modified_residue_label_comp_id     CYS 
_pdbx_modification_feature.modified_residue_label_asym_id     B 
_pdbx_modification_feature.modified_residue_label_seq_id      76 
_pdbx_modification_feature.modified_residue_label_alt_id      ? 
_pdbx_modification_feature.auth_comp_id                       CYS 
_pdbx_modification_feature.auth_asym_id                       A 
_pdbx_modification_feature.auth_seq_id                        352 
_pdbx_modification_feature.PDB_ins_code                       ? 
_pdbx_modification_feature.symmetry                           1_555 
_pdbx_modification_feature.modified_residue_auth_comp_id      CYS 
_pdbx_modification_feature.modified_residue_auth_asym_id      B 
_pdbx_modification_feature.modified_residue_auth_seq_id       76 
_pdbx_modification_feature.modified_residue_PDB_ins_code      ? 
_pdbx_modification_feature.modified_residue_symmetry          1_555 
_pdbx_modification_feature.comp_id_linking_atom               SG 
_pdbx_modification_feature.modified_residue_id_linking_atom   SG 
_pdbx_modification_feature.modified_residue_id                . 
_pdbx_modification_feature.ref_pcm_id                         . 
_pdbx_modification_feature.ref_comp_id                        . 
_pdbx_modification_feature.type                               None 
_pdbx_modification_feature.category                           'Disulfide bridge' 
# 
loop_
_struct_mon_prot_cis.pdbx_id 
_struct_mon_prot_cis.label_comp_id 
_struct_mon_prot_cis.label_seq_id 
_struct_mon_prot_cis.label_asym_id 
_struct_mon_prot_cis.label_alt_id 
_struct_mon_prot_cis.pdbx_PDB_ins_code 
_struct_mon_prot_cis.auth_comp_id 
_struct_mon_prot_cis.auth_seq_id 
_struct_mon_prot_cis.auth_asym_id 
_struct_mon_prot_cis.pdbx_label_comp_id_2 
_struct_mon_prot_cis.pdbx_label_seq_id_2 
_struct_mon_prot_cis.pdbx_label_asym_id_2 
_struct_mon_prot_cis.pdbx_PDB_ins_code_2 
_struct_mon_prot_cis.pdbx_auth_comp_id_2 
_struct_mon_prot_cis.pdbx_auth_seq_id_2 
_struct_mon_prot_cis.pdbx_auth_asym_id_2 
_struct_mon_prot_cis.pdbx_PDB_model_num 
_struct_mon_prot_cis.pdbx_omega_angle 
1 HIS 19 A . ? HIS 280 A LYS 20 A ? LYS 281 A 1 7.68 
2 GLU 65 A . ? GLU 326 A GLY 66 A ? GLY 327 A 1 5.69 
# 
loop_
_struct_sheet.id 
_struct_sheet.type 
_struct_sheet.number_strands 
_struct_sheet.details 
AA1 ? 4 ? 
AA2 ? 5 ? 
# 
loop_
_struct_sheet_order.sheet_id 
_struct_sheet_order.range_id_1 
_struct_sheet_order.range_id_2 
_struct_sheet_order.offset 
_struct_sheet_order.sense 
AA1 1 2 ? parallel      
AA1 2 3 ? parallel      
AA1 3 4 ? anti-parallel 
AA2 1 2 ? anti-parallel 
AA2 2 3 ? parallel      
AA2 3 4 ? anti-parallel 
AA2 4 5 ? anti-parallel 
# 
loop_
_struct_sheet_range.sheet_id 
_struct_sheet_range.id 
_struct_sheet_range.beg_label_comp_id 
_struct_sheet_range.beg_label_asym_id 
_struct_sheet_range.beg_label_seq_id 
_struct_sheet_range.pdbx_beg_PDB_ins_code 
_struct_sheet_range.end_label_comp_id 
_struct_sheet_range.end_label_asym_id 
_struct_sheet_range.end_label_seq_id 
_struct_sheet_range.pdbx_end_PDB_ins_code 
_struct_sheet_range.beg_auth_comp_id 
_struct_sheet_range.beg_auth_asym_id 
_struct_sheet_range.beg_auth_seq_id 
_struct_sheet_range.end_auth_comp_id 
_struct_sheet_range.end_auth_asym_id 
_struct_sheet_range.end_auth_seq_id 
AA1 1 THR A 16 ? HIS A 19 ? THR A 277 HIS A 280 
AA1 2 PHE A 73 ? ASP A 78 ? PHE A 334 ASP A 339 
AA1 3 GLN A 94 ? PRO A 98 ? GLN A 355 PRO A 359 
AA1 4 SER A 87 ? ALA A 88 ? SER A 348 ALA A 349 
AA2 1 THR B 12 ? LEU B 15 ? THR B 12  LEU B 15  
AA2 2 ILE B 3  ? THR B 7  ? ILE B 3   THR B 7   
AA2 3 THR B 66 ? LEU B 71 ? THR B 66  LEU B 71  
AA2 4 GLN B 41 ? PHE B 45 ? GLN B 41  PHE B 45  
AA2 5 LYS B 48 ? GLN B 49 ? LYS B 48  GLN B 49  
# 
loop_
_pdbx_struct_sheet_hbond.sheet_id 
_pdbx_struct_sheet_hbond.range_id_1 
_pdbx_struct_sheet_hbond.range_id_2 
_pdbx_struct_sheet_hbond.range_1_label_atom_id 
_pdbx_struct_sheet_hbond.range_1_label_comp_id 
_pdbx_struct_sheet_hbond.range_1_label_asym_id 
_pdbx_struct_sheet_hbond.range_1_label_seq_id 
_pdbx_struct_sheet_hbond.range_1_PDB_ins_code 
_pdbx_struct_sheet_hbond.range_1_auth_atom_id 
_pdbx_struct_sheet_hbond.range_1_auth_comp_id 
_pdbx_struct_sheet_hbond.range_1_auth_asym_id 
_pdbx_struct_sheet_hbond.range_1_auth_seq_id 
_pdbx_struct_sheet_hbond.range_2_label_atom_id 
_pdbx_struct_sheet_hbond.range_2_label_comp_id 
_pdbx_struct_sheet_hbond.range_2_label_asym_id 
_pdbx_struct_sheet_hbond.range_2_label_seq_id 
_pdbx_struct_sheet_hbond.range_2_PDB_ins_code 
_pdbx_struct_sheet_hbond.range_2_auth_atom_id 
_pdbx_struct_sheet_hbond.range_2_auth_comp_id 
_pdbx_struct_sheet_hbond.range_2_auth_asym_id 
_pdbx_struct_sheet_hbond.range_2_auth_seq_id 
AA1 1 2 N GLU A 17 ? N GLU A 278 O PHE A 73 ? O PHE A 334 
AA1 2 3 N HIS A 76 ? N HIS A 337 O LEU A 97 ? O LEU A 358 
AA1 3 4 O ASP A 96 ? O ASP A 357 N SER A 87 ? N SER A 348 
AA2 1 2 O LEU B 15 ? O LEU B 15  N ILE B 3  ? N ILE B 3   
AA2 2 3 N PHE B 4  ? N PHE B 4   O LEU B 67 ? O LEU B 67  
AA2 3 4 O HIS B 68 ? O HIS B 68  N ILE B 44 ? N ILE B 44  
AA2 4 5 N PHE B 45 ? N PHE B 45  O LYS B 48 ? O LYS B 48  
# 
loop_
_struct_site.id 
_struct_site.pdbx_evidence_code 
_struct_site.pdbx_auth_asym_id 
_struct_site.pdbx_auth_comp_id 
_struct_site.pdbx_auth_seq_id 
_struct_site.pdbx_auth_ins_code 
_struct_site.pdbx_num_residues 
_struct_site.details 
AC1 Software A SO4 401 ? 8 'binding site for residue SO4 A 401' 
AC2 Software A ZN  402 ? 3 'binding site for residue ZN A 402'  
AC3 Software A ZN  403 ? 4 'binding site for residue ZN A 403'  
AC4 Software A ZN  404 ? 4 'binding site for residue ZN A 404'  
AC5 Software A SO4 405 ? 7 'binding site for residue SO4 A 405' 
AC6 Software A ZN  406 ? 5 'binding site for residue ZN A 406'  
AC7 Software B ZN  101 ? 1 'binding site for residue ZN B 101'  
AC8 Software B ZN  102 ? 1 'binding site for residue ZN B 102'  
# 
loop_
_struct_site_gen.id 
_struct_site_gen.site_id 
_struct_site_gen.pdbx_num_res 
_struct_site_gen.label_comp_id 
_struct_site_gen.label_asym_id 
_struct_site_gen.label_seq_id 
_struct_site_gen.pdbx_auth_ins_code 
_struct_site_gen.auth_comp_id 
_struct_site_gen.auth_asym_id 
_struct_site_gen.auth_seq_id 
_struct_site_gen.label_atom_id 
_struct_site_gen.label_alt_id 
_struct_site_gen.symmetry 
_struct_site_gen.details 
1  AC1 8 ILE A 7   ? ILE A 268 . ? 1_555 ? 
2  AC1 8 ILE A 7   ? ILE A 268 . ? 7_555 ? 
3  AC1 8 ILE A 9   ? ILE A 270 . ? 7_555 ? 
4  AC1 8 ILE A 9   ? ILE A 270 . ? 1_555 ? 
5  AC1 8 ARG A 36  ? ARG A 297 . ? 1_555 ? 
6  AC1 8 ARG A 36  ? ARG A 297 . ? 7_555 ? 
7  AC1 8 ARG A 43  ? ARG A 304 . ? 7_555 ? 
8  AC1 8 ARG A 43  ? ARG A 304 . ? 1_555 ? 
9  AC2 3 GLU A 104 ? GLU A 365 . ? 1_555 ? 
10 AC2 3 HIS A 108 ? HIS A 369 . ? 1_555 ? 
11 AC2 3 HOH K .   ? HOH A 503 . ? 1_555 ? 
12 AC3 4 HIS A 19  ? HIS A 280 . ? 4_445 ? 
13 AC3 4 HIS A 76  ? HIS A 337 . ? 4_445 ? 
14 AC3 4 GLU A 104 ? GLU A 365 . ? 1_555 ? 
15 AC3 4 ZN  H .   ? ZN  A 406 . ? 1_555 ? 
16 AC4 4 HIS A 89  ? HIS A 350 . ? 1_555 ? 
17 AC4 4 ASP A 96  ? ASP A 357 . ? 1_555 ? 
18 AC4 4 SO4 G .   ? SO4 A 405 . ? 1_555 ? 
19 AC4 4 HOH K .   ? HOH A 502 . ? 1_555 ? 
20 AC5 7 ARG A 80  ? ARG A 341 . ? 1_555 ? 
21 AC5 7 HIS A 89  ? HIS A 350 . ? 1_555 ? 
22 AC5 7 ASP A 96  ? ASP A 357 . ? 1_555 ? 
23 AC5 7 GLU A 101 ? GLU A 362 . ? 3_454 ? 
24 AC5 7 LYS A 105 ? LYS A 366 . ? 3_454 ? 
25 AC5 7 ZN  F .   ? ZN  A 404 . ? 1_555 ? 
26 AC5 7 ZN  I .   ? ZN  B 101 . ? 1_555 ? 
27 AC6 5 HIS A 19  ? HIS A 280 . ? 4_445 ? 
28 AC6 5 HIS A 76  ? HIS A 337 . ? 4_445 ? 
29 AC6 5 GLU A 104 ? GLU A 365 . ? 1_555 ? 
30 AC6 5 ZN  E .   ? ZN  A 403 . ? 1_555 ? 
31 AC6 5 HOH K .   ? HOH A 505 . ? 4_445 ? 
32 AC7 1 SO4 G .   ? SO4 A 405 . ? 1_555 ? 
33 AC8 1 ASP B 32  ? ASP B 32  . ? 1_555 ? 
# 
_pdbx_entry_details.entry_id                   6FYH 
_pdbx_entry_details.compound_details           ? 
_pdbx_entry_details.source_details             ? 
_pdbx_entry_details.nonpolymer_details         ? 
_pdbx_entry_details.sequence_details           ? 
_pdbx_entry_details.has_ligand_of_interest     ? 
_pdbx_entry_details.has_protein_modification   Y 
# 
_pdbx_validate_close_contact.id               1 
_pdbx_validate_close_contact.PDB_model_num    1 
_pdbx_validate_close_contact.auth_atom_id_1   ZN 
_pdbx_validate_close_contact.auth_asym_id_1   A 
_pdbx_validate_close_contact.auth_comp_id_1   ZN 
_pdbx_validate_close_contact.auth_seq_id_1    403 
_pdbx_validate_close_contact.PDB_ins_code_1   ? 
_pdbx_validate_close_contact.label_alt_id_1   ? 
_pdbx_validate_close_contact.auth_atom_id_2   ZN 
_pdbx_validate_close_contact.auth_asym_id_2   A 
_pdbx_validate_close_contact.auth_comp_id_2   ZN 
_pdbx_validate_close_contact.auth_seq_id_2    406 
_pdbx_validate_close_contact.PDB_ins_code_2   ? 
_pdbx_validate_close_contact.label_alt_id_2   ? 
_pdbx_validate_close_contact.dist             1.17 
# 
loop_
_pdbx_validate_symm_contact.id 
_pdbx_validate_symm_contact.PDB_model_num 
_pdbx_validate_symm_contact.auth_atom_id_1 
_pdbx_validate_symm_contact.auth_asym_id_1 
_pdbx_validate_symm_contact.auth_comp_id_1 
_pdbx_validate_symm_contact.auth_seq_id_1 
_pdbx_validate_symm_contact.PDB_ins_code_1 
_pdbx_validate_symm_contact.label_alt_id_1 
_pdbx_validate_symm_contact.site_symmetry_1 
_pdbx_validate_symm_contact.auth_atom_id_2 
_pdbx_validate_symm_contact.auth_asym_id_2 
_pdbx_validate_symm_contact.auth_comp_id_2 
_pdbx_validate_symm_contact.auth_seq_id_2 
_pdbx_validate_symm_contact.PDB_ins_code_2 
_pdbx_validate_symm_contact.label_alt_id_2 
_pdbx_validate_symm_contact.site_symmetry_2 
_pdbx_validate_symm_contact.dist 
1 1 O2 A SO4 401 ? ? 1_555 O3 A SO4 401 ? ? 7_555 0.01 
2 1 O1 A SO4 401 ? ? 1_555 O4 A SO4 401 ? ? 7_555 0.01 
3 1 S  A SO4 401 ? ? 1_555 O3 A SO4 401 ? ? 7_555 1.46 
4 1 S  A SO4 401 ? ? 1_555 O2 A SO4 401 ? ? 7_555 1.46 
5 1 S  A SO4 401 ? ? 1_555 O1 A SO4 401 ? ? 7_555 1.46 
6 1 S  A SO4 401 ? ? 1_555 O4 A SO4 401 ? ? 7_555 1.46 
7 1 O1 A SO4 401 ? ? 1_555 O1 A SO4 401 ? ? 7_555 2.04 
8 1 O4 A SO4 401 ? ? 1_555 O4 A SO4 401 ? ? 7_555 2.06 
# 
loop_
_pdbx_validate_torsion.id 
_pdbx_validate_torsion.PDB_model_num 
_pdbx_validate_torsion.auth_comp_id 
_pdbx_validate_torsion.auth_asym_id 
_pdbx_validate_torsion.auth_seq_id 
_pdbx_validate_torsion.PDB_ins_code 
_pdbx_validate_torsion.label_alt_id 
_pdbx_validate_torsion.phi 
_pdbx_validate_torsion.psi 
1 1 ASP A 269 ? ? -68.40  94.09   
2 1 HIS A 280 ? ? -179.59 114.54  
3 1 ASP A 340 ? ? -94.92  48.41   
4 1 THR A 351 ? ? 49.41   -64.56  
5 1 ASN A 354 ? ? -58.50  68.61   
6 1 LEU B 8   ? ? 52.47   -120.84 
# 
_pdbx_struct_special_symmetry.id              1 
_pdbx_struct_special_symmetry.PDB_model_num   1 
_pdbx_struct_special_symmetry.auth_asym_id    A 
_pdbx_struct_special_symmetry.auth_comp_id    SO4 
_pdbx_struct_special_symmetry.auth_seq_id     401 
_pdbx_struct_special_symmetry.PDB_ins_code    ? 
_pdbx_struct_special_symmetry.label_asym_id   C 
_pdbx_struct_special_symmetry.label_comp_id   SO4 
_pdbx_struct_special_symmetry.label_seq_id    . 
# 
loop_
_pdbx_unobs_or_zero_occ_residues.id 
_pdbx_unobs_or_zero_occ_residues.PDB_model_num 
_pdbx_unobs_or_zero_occ_residues.polymer_flag 
_pdbx_unobs_or_zero_occ_residues.occupancy_flag 
_pdbx_unobs_or_zero_occ_residues.auth_asym_id 
_pdbx_unobs_or_zero_occ_residues.auth_comp_id 
_pdbx_unobs_or_zero_occ_residues.auth_seq_id 
_pdbx_unobs_or_zero_occ_residues.PDB_ins_code 
_pdbx_unobs_or_zero_occ_residues.label_asym_id 
_pdbx_unobs_or_zero_occ_residues.label_comp_id 
_pdbx_unobs_or_zero_occ_residues.label_seq_id 
1 1 Y 1 A GLY 262 ? A GLY 1   
2 1 Y 1 A ALA 263 ? A ALA 2   
3 1 Y 1 A MET 264 ? A MET 3   
4 1 Y 1 A GLY 265 ? A GLY 4   
5 1 Y 1 A GLY 381 ? A GLY 120 
6 1 Y 1 A PHE 382 ? A PHE 121 
7 1 Y 1 A GLY 383 ? A GLY 122 
8 1 Y 1 A LEU 384 ? A LEU 123 
9 1 Y 1 A ALA 385 ? A ALA 124 
# 
loop_
_chem_comp_atom.comp_id 
_chem_comp_atom.atom_id 
_chem_comp_atom.type_symbol 
_chem_comp_atom.pdbx_aromatic_flag 
_chem_comp_atom.pdbx_stereo_config 
_chem_comp_atom.pdbx_ordinal 
ALA N    N  N N 1   
ALA CA   C  N S 2   
ALA C    C  N N 3   
ALA O    O  N N 4   
ALA CB   C  N N 5   
ALA OXT  O  N N 6   
ALA H    H  N N 7   
ALA H2   H  N N 8   
ALA HA   H  N N 9   
ALA HB1  H  N N 10  
ALA HB2  H  N N 11  
ALA HB3  H  N N 12  
ALA HXT  H  N N 13  
ARG N    N  N N 14  
ARG CA   C  N S 15  
ARG C    C  N N 16  
ARG O    O  N N 17  
ARG CB   C  N N 18  
ARG CG   C  N N 19  
ARG CD   C  N N 20  
ARG NE   N  N N 21  
ARG CZ   C  N N 22  
ARG NH1  N  N N 23  
ARG NH2  N  N N 24  
ARG OXT  O  N N 25  
ARG H    H  N N 26  
ARG H2   H  N N 27  
ARG HA   H  N N 28  
ARG HB2  H  N N 29  
ARG HB3  H  N N 30  
ARG HG2  H  N N 31  
ARG HG3  H  N N 32  
ARG HD2  H  N N 33  
ARG HD3  H  N N 34  
ARG HE   H  N N 35  
ARG HH11 H  N N 36  
ARG HH12 H  N N 37  
ARG HH21 H  N N 38  
ARG HH22 H  N N 39  
ARG HXT  H  N N 40  
ASN N    N  N N 41  
ASN CA   C  N S 42  
ASN C    C  N N 43  
ASN O    O  N N 44  
ASN CB   C  N N 45  
ASN CG   C  N N 46  
ASN OD1  O  N N 47  
ASN ND2  N  N N 48  
ASN OXT  O  N N 49  
ASN H    H  N N 50  
ASN H2   H  N N 51  
ASN HA   H  N N 52  
ASN HB2  H  N N 53  
ASN HB3  H  N N 54  
ASN HD21 H  N N 55  
ASN HD22 H  N N 56  
ASN HXT  H  N N 57  
ASP N    N  N N 58  
ASP CA   C  N S 59  
ASP C    C  N N 60  
ASP O    O  N N 61  
ASP CB   C  N N 62  
ASP CG   C  N N 63  
ASP OD1  O  N N 64  
ASP OD2  O  N N 65  
ASP OXT  O  N N 66  
ASP H    H  N N 67  
ASP H2   H  N N 68  
ASP HA   H  N N 69  
ASP HB2  H  N N 70  
ASP HB3  H  N N 71  
ASP HD2  H  N N 72  
ASP HXT  H  N N 73  
CYS N    N  N N 74  
CYS CA   C  N R 75  
CYS C    C  N N 76  
CYS O    O  N N 77  
CYS CB   C  N N 78  
CYS SG   S  N N 79  
CYS OXT  O  N N 80  
CYS H    H  N N 81  
CYS H2   H  N N 82  
CYS HA   H  N N 83  
CYS HB2  H  N N 84  
CYS HB3  H  N N 85  
CYS HG   H  N N 86  
CYS HXT  H  N N 87  
GLN N    N  N N 88  
GLN CA   C  N S 89  
GLN C    C  N N 90  
GLN O    O  N N 91  
GLN CB   C  N N 92  
GLN CG   C  N N 93  
GLN CD   C  N N 94  
GLN OE1  O  N N 95  
GLN NE2  N  N N 96  
GLN OXT  O  N N 97  
GLN H    H  N N 98  
GLN H2   H  N N 99  
GLN HA   H  N N 100 
GLN HB2  H  N N 101 
GLN HB3  H  N N 102 
GLN HG2  H  N N 103 
GLN HG3  H  N N 104 
GLN HE21 H  N N 105 
GLN HE22 H  N N 106 
GLN HXT  H  N N 107 
GLU N    N  N N 108 
GLU CA   C  N S 109 
GLU C    C  N N 110 
GLU O    O  N N 111 
GLU CB   C  N N 112 
GLU CG   C  N N 113 
GLU CD   C  N N 114 
GLU OE1  O  N N 115 
GLU OE2  O  N N 116 
GLU OXT  O  N N 117 
GLU H    H  N N 118 
GLU H2   H  N N 119 
GLU HA   H  N N 120 
GLU HB2  H  N N 121 
GLU HB3  H  N N 122 
GLU HG2  H  N N 123 
GLU HG3  H  N N 124 
GLU HE2  H  N N 125 
GLU HXT  H  N N 126 
GLY N    N  N N 127 
GLY CA   C  N N 128 
GLY C    C  N N 129 
GLY O    O  N N 130 
GLY OXT  O  N N 131 
GLY H    H  N N 132 
GLY H2   H  N N 133 
GLY HA2  H  N N 134 
GLY HA3  H  N N 135 
GLY HXT  H  N N 136 
HIS N    N  N N 137 
HIS CA   C  N S 138 
HIS C    C  N N 139 
HIS O    O  N N 140 
HIS CB   C  N N 141 
HIS CG   C  Y N 142 
HIS ND1  N  Y N 143 
HIS CD2  C  Y N 144 
HIS CE1  C  Y N 145 
HIS NE2  N  Y N 146 
HIS OXT  O  N N 147 
HIS H    H  N N 148 
HIS H2   H  N N 149 
HIS HA   H  N N 150 
HIS HB2  H  N N 151 
HIS HB3  H  N N 152 
HIS HD1  H  N N 153 
HIS HD2  H  N N 154 
HIS HE1  H  N N 155 
HIS HE2  H  N N 156 
HIS HXT  H  N N 157 
HOH O    O  N N 158 
HOH H1   H  N N 159 
HOH H2   H  N N 160 
ILE N    N  N N 161 
ILE CA   C  N S 162 
ILE C    C  N N 163 
ILE O    O  N N 164 
ILE CB   C  N S 165 
ILE CG1  C  N N 166 
ILE CG2  C  N N 167 
ILE CD1  C  N N 168 
ILE OXT  O  N N 169 
ILE H    H  N N 170 
ILE H2   H  N N 171 
ILE HA   H  N N 172 
ILE HB   H  N N 173 
ILE HG12 H  N N 174 
ILE HG13 H  N N 175 
ILE HG21 H  N N 176 
ILE HG22 H  N N 177 
ILE HG23 H  N N 178 
ILE HD11 H  N N 179 
ILE HD12 H  N N 180 
ILE HD13 H  N N 181 
ILE HXT  H  N N 182 
LEU N    N  N N 183 
LEU CA   C  N S 184 
LEU C    C  N N 185 
LEU O    O  N N 186 
LEU CB   C  N N 187 
LEU CG   C  N N 188 
LEU CD1  C  N N 189 
LEU CD2  C  N N 190 
LEU OXT  O  N N 191 
LEU H    H  N N 192 
LEU H2   H  N N 193 
LEU HA   H  N N 194 
LEU HB2  H  N N 195 
LEU HB3  H  N N 196 
LEU HG   H  N N 197 
LEU HD11 H  N N 198 
LEU HD12 H  N N 199 
LEU HD13 H  N N 200 
LEU HD21 H  N N 201 
LEU HD22 H  N N 202 
LEU HD23 H  N N 203 
LEU HXT  H  N N 204 
LYS N    N  N N 205 
LYS CA   C  N S 206 
LYS C    C  N N 207 
LYS O    O  N N 208 
LYS CB   C  N N 209 
LYS CG   C  N N 210 
LYS CD   C  N N 211 
LYS CE   C  N N 212 
LYS NZ   N  N N 213 
LYS OXT  O  N N 214 
LYS H    H  N N 215 
LYS H2   H  N N 216 
LYS HA   H  N N 217 
LYS HB2  H  N N 218 
LYS HB3  H  N N 219 
LYS HG2  H  N N 220 
LYS HG3  H  N N 221 
LYS HD2  H  N N 222 
LYS HD3  H  N N 223 
LYS HE2  H  N N 224 
LYS HE3  H  N N 225 
LYS HZ1  H  N N 226 
LYS HZ2  H  N N 227 
LYS HZ3  H  N N 228 
LYS HXT  H  N N 229 
MET N    N  N N 230 
MET CA   C  N S 231 
MET C    C  N N 232 
MET O    O  N N 233 
MET CB   C  N N 234 
MET CG   C  N N 235 
MET SD   S  N N 236 
MET CE   C  N N 237 
MET OXT  O  N N 238 
MET H    H  N N 239 
MET H2   H  N N 240 
MET HA   H  N N 241 
MET HB2  H  N N 242 
MET HB3  H  N N 243 
MET HG2  H  N N 244 
MET HG3  H  N N 245 
MET HE1  H  N N 246 
MET HE2  H  N N 247 
MET HE3  H  N N 248 
MET HXT  H  N N 249 
PHE N    N  N N 250 
PHE CA   C  N S 251 
PHE C    C  N N 252 
PHE O    O  N N 253 
PHE CB   C  N N 254 
PHE CG   C  Y N 255 
PHE CD1  C  Y N 256 
PHE CD2  C  Y N 257 
PHE CE1  C  Y N 258 
PHE CE2  C  Y N 259 
PHE CZ   C  Y N 260 
PHE OXT  O  N N 261 
PHE H    H  N N 262 
PHE H2   H  N N 263 
PHE HA   H  N N 264 
PHE HB2  H  N N 265 
PHE HB3  H  N N 266 
PHE HD1  H  N N 267 
PHE HD2  H  N N 268 
PHE HE1  H  N N 269 
PHE HE2  H  N N 270 
PHE HZ   H  N N 271 
PHE HXT  H  N N 272 
PRO N    N  N N 273 
PRO CA   C  N S 274 
PRO C    C  N N 275 
PRO O    O  N N 276 
PRO CB   C  N N 277 
PRO CG   C  N N 278 
PRO CD   C  N N 279 
PRO OXT  O  N N 280 
PRO H    H  N N 281 
PRO HA   H  N N 282 
PRO HB2  H  N N 283 
PRO HB3  H  N N 284 
PRO HG2  H  N N 285 
PRO HG3  H  N N 286 
PRO HD2  H  N N 287 
PRO HD3  H  N N 288 
PRO HXT  H  N N 289 
SER N    N  N N 290 
SER CA   C  N S 291 
SER C    C  N N 292 
SER O    O  N N 293 
SER CB   C  N N 294 
SER OG   O  N N 295 
SER OXT  O  N N 296 
SER H    H  N N 297 
SER H2   H  N N 298 
SER HA   H  N N 299 
SER HB2  H  N N 300 
SER HB3  H  N N 301 
SER HG   H  N N 302 
SER HXT  H  N N 303 
SO4 S    S  N N 304 
SO4 O1   O  N N 305 
SO4 O2   O  N N 306 
SO4 O3   O  N N 307 
SO4 O4   O  N N 308 
THR N    N  N N 309 
THR CA   C  N S 310 
THR C    C  N N 311 
THR O    O  N N 312 
THR CB   C  N R 313 
THR OG1  O  N N 314 
THR CG2  C  N N 315 
THR OXT  O  N N 316 
THR H    H  N N 317 
THR H2   H  N N 318 
THR HA   H  N N 319 
THR HB   H  N N 320 
THR HG1  H  N N 321 
THR HG21 H  N N 322 
THR HG22 H  N N 323 
THR HG23 H  N N 324 
THR HXT  H  N N 325 
TRP N    N  N N 326 
TRP CA   C  N S 327 
TRP C    C  N N 328 
TRP O    O  N N 329 
TRP CB   C  N N 330 
TRP CG   C  Y N 331 
TRP CD1  C  Y N 332 
TRP CD2  C  Y N 333 
TRP NE1  N  Y N 334 
TRP CE2  C  Y N 335 
TRP CE3  C  Y N 336 
TRP CZ2  C  Y N 337 
TRP CZ3  C  Y N 338 
TRP CH2  C  Y N 339 
TRP OXT  O  N N 340 
TRP H    H  N N 341 
TRP H2   H  N N 342 
TRP HA   H  N N 343 
TRP HB2  H  N N 344 
TRP HB3  H  N N 345 
TRP HD1  H  N N 346 
TRP HE1  H  N N 347 
TRP HE3  H  N N 348 
TRP HZ2  H  N N 349 
TRP HZ3  H  N N 350 
TRP HH2  H  N N 351 
TRP HXT  H  N N 352 
TYR N    N  N N 353 
TYR CA   C  N S 354 
TYR C    C  N N 355 
TYR O    O  N N 356 
TYR CB   C  N N 357 
TYR CG   C  Y N 358 
TYR CD1  C  Y N 359 
TYR CD2  C  Y N 360 
TYR CE1  C  Y N 361 
TYR CE2  C  Y N 362 
TYR CZ   C  Y N 363 
TYR OH   O  N N 364 
TYR OXT  O  N N 365 
TYR H    H  N N 366 
TYR H2   H  N N 367 
TYR HA   H  N N 368 
TYR HB2  H  N N 369 
TYR HB3  H  N N 370 
TYR HD1  H  N N 371 
TYR HD2  H  N N 372 
TYR HE1  H  N N 373 
TYR HE2  H  N N 374 
TYR HH   H  N N 375 
TYR HXT  H  N N 376 
VAL N    N  N N 377 
VAL CA   C  N S 378 
VAL C    C  N N 379 
VAL O    O  N N 380 
VAL CB   C  N N 381 
VAL CG1  C  N N 382 
VAL CG2  C  N N 383 
VAL OXT  O  N N 384 
VAL H    H  N N 385 
VAL H2   H  N N 386 
VAL HA   H  N N 387 
VAL HB   H  N N 388 
VAL HG11 H  N N 389 
VAL HG12 H  N N 390 
VAL HG13 H  N N 391 
VAL HG21 H  N N 392 
VAL HG22 H  N N 393 
VAL HG23 H  N N 394 
VAL HXT  H  N N 395 
ZN  ZN   ZN N N 396 
# 
loop_
_chem_comp_bond.comp_id 
_chem_comp_bond.atom_id_1 
_chem_comp_bond.atom_id_2 
_chem_comp_bond.value_order 
_chem_comp_bond.pdbx_aromatic_flag 
_chem_comp_bond.pdbx_stereo_config 
_chem_comp_bond.pdbx_ordinal 
ALA N   CA   sing N N 1   
ALA N   H    sing N N 2   
ALA N   H2   sing N N 3   
ALA CA  C    sing N N 4   
ALA CA  CB   sing N N 5   
ALA CA  HA   sing N N 6   
ALA C   O    doub N N 7   
ALA C   OXT  sing N N 8   
ALA CB  HB1  sing N N 9   
ALA CB  HB2  sing N N 10  
ALA CB  HB3  sing N N 11  
ALA OXT HXT  sing N N 12  
ARG N   CA   sing N N 13  
ARG N   H    sing N N 14  
ARG N   H2   sing N N 15  
ARG CA  C    sing N N 16  
ARG CA  CB   sing N N 17  
ARG CA  HA   sing N N 18  
ARG C   O    doub N N 19  
ARG C   OXT  sing N N 20  
ARG CB  CG   sing N N 21  
ARG CB  HB2  sing N N 22  
ARG CB  HB3  sing N N 23  
ARG CG  CD   sing N N 24  
ARG CG  HG2  sing N N 25  
ARG CG  HG3  sing N N 26  
ARG CD  NE   sing N N 27  
ARG CD  HD2  sing N N 28  
ARG CD  HD3  sing N N 29  
ARG NE  CZ   sing N N 30  
ARG NE  HE   sing N N 31  
ARG CZ  NH1  sing N N 32  
ARG CZ  NH2  doub N N 33  
ARG NH1 HH11 sing N N 34  
ARG NH1 HH12 sing N N 35  
ARG NH2 HH21 sing N N 36  
ARG NH2 HH22 sing N N 37  
ARG OXT HXT  sing N N 38  
ASN N   CA   sing N N 39  
ASN N   H    sing N N 40  
ASN N   H2   sing N N 41  
ASN CA  C    sing N N 42  
ASN CA  CB   sing N N 43  
ASN CA  HA   sing N N 44  
ASN C   O    doub N N 45  
ASN C   OXT  sing N N 46  
ASN CB  CG   sing N N 47  
ASN CB  HB2  sing N N 48  
ASN CB  HB3  sing N N 49  
ASN CG  OD1  doub N N 50  
ASN CG  ND2  sing N N 51  
ASN ND2 HD21 sing N N 52  
ASN ND2 HD22 sing N N 53  
ASN OXT HXT  sing N N 54  
ASP N   CA   sing N N 55  
ASP N   H    sing N N 56  
ASP N   H2   sing N N 57  
ASP CA  C    sing N N 58  
ASP CA  CB   sing N N 59  
ASP CA  HA   sing N N 60  
ASP C   O    doub N N 61  
ASP C   OXT  sing N N 62  
ASP CB  CG   sing N N 63  
ASP CB  HB2  sing N N 64  
ASP CB  HB3  sing N N 65  
ASP CG  OD1  doub N N 66  
ASP CG  OD2  sing N N 67  
ASP OD2 HD2  sing N N 68  
ASP OXT HXT  sing N N 69  
CYS N   CA   sing N N 70  
CYS N   H    sing N N 71  
CYS N   H2   sing N N 72  
CYS CA  C    sing N N 73  
CYS CA  CB   sing N N 74  
CYS CA  HA   sing N N 75  
CYS C   O    doub N N 76  
CYS C   OXT  sing N N 77  
CYS CB  SG   sing N N 78  
CYS CB  HB2  sing N N 79  
CYS CB  HB3  sing N N 80  
CYS SG  HG   sing N N 81  
CYS OXT HXT  sing N N 82  
GLN N   CA   sing N N 83  
GLN N   H    sing N N 84  
GLN N   H2   sing N N 85  
GLN CA  C    sing N N 86  
GLN CA  CB   sing N N 87  
GLN CA  HA   sing N N 88  
GLN C   O    doub N N 89  
GLN C   OXT  sing N N 90  
GLN CB  CG   sing N N 91  
GLN CB  HB2  sing N N 92  
GLN CB  HB3  sing N N 93  
GLN CG  CD   sing N N 94  
GLN CG  HG2  sing N N 95  
GLN CG  HG3  sing N N 96  
GLN CD  OE1  doub N N 97  
GLN CD  NE2  sing N N 98  
GLN NE2 HE21 sing N N 99  
GLN NE2 HE22 sing N N 100 
GLN OXT HXT  sing N N 101 
GLU N   CA   sing N N 102 
GLU N   H    sing N N 103 
GLU N   H2   sing N N 104 
GLU CA  C    sing N N 105 
GLU CA  CB   sing N N 106 
GLU CA  HA   sing N N 107 
GLU C   O    doub N N 108 
GLU C   OXT  sing N N 109 
GLU CB  CG   sing N N 110 
GLU CB  HB2  sing N N 111 
GLU CB  HB3  sing N N 112 
GLU CG  CD   sing N N 113 
GLU CG  HG2  sing N N 114 
GLU CG  HG3  sing N N 115 
GLU CD  OE1  doub N N 116 
GLU CD  OE2  sing N N 117 
GLU OE2 HE2  sing N N 118 
GLU OXT HXT  sing N N 119 
GLY N   CA   sing N N 120 
GLY N   H    sing N N 121 
GLY N   H2   sing N N 122 
GLY CA  C    sing N N 123 
GLY CA  HA2  sing N N 124 
GLY CA  HA3  sing N N 125 
GLY C   O    doub N N 126 
GLY C   OXT  sing N N 127 
GLY OXT HXT  sing N N 128 
HIS N   CA   sing N N 129 
HIS N   H    sing N N 130 
HIS N   H2   sing N N 131 
HIS CA  C    sing N N 132 
HIS CA  CB   sing N N 133 
HIS CA  HA   sing N N 134 
HIS C   O    doub N N 135 
HIS C   OXT  sing N N 136 
HIS CB  CG   sing N N 137 
HIS CB  HB2  sing N N 138 
HIS CB  HB3  sing N N 139 
HIS CG  ND1  sing Y N 140 
HIS CG  CD2  doub Y N 141 
HIS ND1 CE1  doub Y N 142 
HIS ND1 HD1  sing N N 143 
HIS CD2 NE2  sing Y N 144 
HIS CD2 HD2  sing N N 145 
HIS CE1 NE2  sing Y N 146 
HIS CE1 HE1  sing N N 147 
HIS NE2 HE2  sing N N 148 
HIS OXT HXT  sing N N 149 
HOH O   H1   sing N N 150 
HOH O   H2   sing N N 151 
ILE N   CA   sing N N 152 
ILE N   H    sing N N 153 
ILE N   H2   sing N N 154 
ILE CA  C    sing N N 155 
ILE CA  CB   sing N N 156 
ILE CA  HA   sing N N 157 
ILE C   O    doub N N 158 
ILE C   OXT  sing N N 159 
ILE CB  CG1  sing N N 160 
ILE CB  CG2  sing N N 161 
ILE CB  HB   sing N N 162 
ILE CG1 CD1  sing N N 163 
ILE CG1 HG12 sing N N 164 
ILE CG1 HG13 sing N N 165 
ILE CG2 HG21 sing N N 166 
ILE CG2 HG22 sing N N 167 
ILE CG2 HG23 sing N N 168 
ILE CD1 HD11 sing N N 169 
ILE CD1 HD12 sing N N 170 
ILE CD1 HD13 sing N N 171 
ILE OXT HXT  sing N N 172 
LEU N   CA   sing N N 173 
LEU N   H    sing N N 174 
LEU N   H2   sing N N 175 
LEU CA  C    sing N N 176 
LEU CA  CB   sing N N 177 
LEU CA  HA   sing N N 178 
LEU C   O    doub N N 179 
LEU C   OXT  sing N N 180 
LEU CB  CG   sing N N 181 
LEU CB  HB2  sing N N 182 
LEU CB  HB3  sing N N 183 
LEU CG  CD1  sing N N 184 
LEU CG  CD2  sing N N 185 
LEU CG  HG   sing N N 186 
LEU CD1 HD11 sing N N 187 
LEU CD1 HD12 sing N N 188 
LEU CD1 HD13 sing N N 189 
LEU CD2 HD21 sing N N 190 
LEU CD2 HD22 sing N N 191 
LEU CD2 HD23 sing N N 192 
LEU OXT HXT  sing N N 193 
LYS N   CA   sing N N 194 
LYS N   H    sing N N 195 
LYS N   H2   sing N N 196 
LYS CA  C    sing N N 197 
LYS CA  CB   sing N N 198 
LYS CA  HA   sing N N 199 
LYS C   O    doub N N 200 
LYS C   OXT  sing N N 201 
LYS CB  CG   sing N N 202 
LYS CB  HB2  sing N N 203 
LYS CB  HB3  sing N N 204 
LYS CG  CD   sing N N 205 
LYS CG  HG2  sing N N 206 
LYS CG  HG3  sing N N 207 
LYS CD  CE   sing N N 208 
LYS CD  HD2  sing N N 209 
LYS CD  HD3  sing N N 210 
LYS CE  NZ   sing N N 211 
LYS CE  HE2  sing N N 212 
LYS CE  HE3  sing N N 213 
LYS NZ  HZ1  sing N N 214 
LYS NZ  HZ2  sing N N 215 
LYS NZ  HZ3  sing N N 216 
LYS OXT HXT  sing N N 217 
MET N   CA   sing N N 218 
MET N   H    sing N N 219 
MET N   H2   sing N N 220 
MET CA  C    sing N N 221 
MET CA  CB   sing N N 222 
MET CA  HA   sing N N 223 
MET C   O    doub N N 224 
MET C   OXT  sing N N 225 
MET CB  CG   sing N N 226 
MET CB  HB2  sing N N 227 
MET CB  HB3  sing N N 228 
MET CG  SD   sing N N 229 
MET CG  HG2  sing N N 230 
MET CG  HG3  sing N N 231 
MET SD  CE   sing N N 232 
MET CE  HE1  sing N N 233 
MET CE  HE2  sing N N 234 
MET CE  HE3  sing N N 235 
MET OXT HXT  sing N N 236 
PHE N   CA   sing N N 237 
PHE N   H    sing N N 238 
PHE N   H2   sing N N 239 
PHE CA  C    sing N N 240 
PHE CA  CB   sing N N 241 
PHE CA  HA   sing N N 242 
PHE C   O    doub N N 243 
PHE C   OXT  sing N N 244 
PHE CB  CG   sing N N 245 
PHE CB  HB2  sing N N 246 
PHE CB  HB3  sing N N 247 
PHE CG  CD1  doub Y N 248 
PHE CG  CD2  sing Y N 249 
PHE CD1 CE1  sing Y N 250 
PHE CD1 HD1  sing N N 251 
PHE CD2 CE2  doub Y N 252 
PHE CD2 HD2  sing N N 253 
PHE CE1 CZ   doub Y N 254 
PHE CE1 HE1  sing N N 255 
PHE CE2 CZ   sing Y N 256 
PHE CE2 HE2  sing N N 257 
PHE CZ  HZ   sing N N 258 
PHE OXT HXT  sing N N 259 
PRO N   CA   sing N N 260 
PRO N   CD   sing N N 261 
PRO N   H    sing N N 262 
PRO CA  C    sing N N 263 
PRO CA  CB   sing N N 264 
PRO CA  HA   sing N N 265 
PRO C   O    doub N N 266 
PRO C   OXT  sing N N 267 
PRO CB  CG   sing N N 268 
PRO CB  HB2  sing N N 269 
PRO CB  HB3  sing N N 270 
PRO CG  CD   sing N N 271 
PRO CG  HG2  sing N N 272 
PRO CG  HG3  sing N N 273 
PRO CD  HD2  sing N N 274 
PRO CD  HD3  sing N N 275 
PRO OXT HXT  sing N N 276 
SER N   CA   sing N N 277 
SER N   H    sing N N 278 
SER N   H2   sing N N 279 
SER CA  C    sing N N 280 
SER CA  CB   sing N N 281 
SER CA  HA   sing N N 282 
SER C   O    doub N N 283 
SER C   OXT  sing N N 284 
SER CB  OG   sing N N 285 
SER CB  HB2  sing N N 286 
SER CB  HB3  sing N N 287 
SER OG  HG   sing N N 288 
SER OXT HXT  sing N N 289 
SO4 S   O1   doub N N 290 
SO4 S   O2   doub N N 291 
SO4 S   O3   sing N N 292 
SO4 S   O4   sing N N 293 
THR N   CA   sing N N 294 
THR N   H    sing N N 295 
THR N   H2   sing N N 296 
THR CA  C    sing N N 297 
THR CA  CB   sing N N 298 
THR CA  HA   sing N N 299 
THR C   O    doub N N 300 
THR C   OXT  sing N N 301 
THR CB  OG1  sing N N 302 
THR CB  CG2  sing N N 303 
THR CB  HB   sing N N 304 
THR OG1 HG1  sing N N 305 
THR CG2 HG21 sing N N 306 
THR CG2 HG22 sing N N 307 
THR CG2 HG23 sing N N 308 
THR OXT HXT  sing N N 309 
TRP N   CA   sing N N 310 
TRP N   H    sing N N 311 
TRP N   H2   sing N N 312 
TRP CA  C    sing N N 313 
TRP CA  CB   sing N N 314 
TRP CA  HA   sing N N 315 
TRP C   O    doub N N 316 
TRP C   OXT  sing N N 317 
TRP CB  CG   sing N N 318 
TRP CB  HB2  sing N N 319 
TRP CB  HB3  sing N N 320 
TRP CG  CD1  doub Y N 321 
TRP CG  CD2  sing Y N 322 
TRP CD1 NE1  sing Y N 323 
TRP CD1 HD1  sing N N 324 
TRP CD2 CE2  doub Y N 325 
TRP CD2 CE3  sing Y N 326 
TRP NE1 CE2  sing Y N 327 
TRP NE1 HE1  sing N N 328 
TRP CE2 CZ2  sing Y N 329 
TRP CE3 CZ3  doub Y N 330 
TRP CE3 HE3  sing N N 331 
TRP CZ2 CH2  doub Y N 332 
TRP CZ2 HZ2  sing N N 333 
TRP CZ3 CH2  sing Y N 334 
TRP CZ3 HZ3  sing N N 335 
TRP CH2 HH2  sing N N 336 
TRP OXT HXT  sing N N 337 
TYR N   CA   sing N N 338 
TYR N   H    sing N N 339 
TYR N   H2   sing N N 340 
TYR CA  C    sing N N 341 
TYR CA  CB   sing N N 342 
TYR CA  HA   sing N N 343 
TYR C   O    doub N N 344 
TYR C   OXT  sing N N 345 
TYR CB  CG   sing N N 346 
TYR CB  HB2  sing N N 347 
TYR CB  HB3  sing N N 348 
TYR CG  CD1  doub Y N 349 
TYR CG  CD2  sing Y N 350 
TYR CD1 CE1  sing Y N 351 
TYR CD1 HD1  sing N N 352 
TYR CD2 CE2  doub Y N 353 
TYR CD2 HD2  sing N N 354 
TYR CE1 CZ   doub Y N 355 
TYR CE1 HE1  sing N N 356 
TYR CE2 CZ   sing Y N 357 
TYR CE2 HE2  sing N N 358 
TYR CZ  OH   sing N N 359 
TYR OH  HH   sing N N 360 
TYR OXT HXT  sing N N 361 
VAL N   CA   sing N N 362 
VAL N   H    sing N N 363 
VAL N   H2   sing N N 364 
VAL CA  C    sing N N 365 
VAL CA  CB   sing N N 366 
VAL CA  HA   sing N N 367 
VAL C   O    doub N N 368 
VAL C   OXT  sing N N 369 
VAL CB  CG1  sing N N 370 
VAL CB  CG2  sing N N 371 
VAL CB  HB   sing N N 372 
VAL CG1 HG11 sing N N 373 
VAL CG1 HG12 sing N N 374 
VAL CG1 HG13 sing N N 375 
VAL CG2 HG21 sing N N 376 
VAL CG2 HG22 sing N N 377 
VAL CG2 HG23 sing N N 378 
VAL OXT HXT  sing N N 379 
# 
_pdbx_audit_support.funding_organization   'Max Planck Society' 
_pdbx_audit_support.country                Germany 
_pdbx_audit_support.grant_number           ? 
_pdbx_audit_support.ordinal                1 
# 
loop_
_pdbx_initial_refinement_model.id 
_pdbx_initial_refinement_model.entity_id_list 
_pdbx_initial_refinement_model.type 
_pdbx_initial_refinement_model.source_name 
_pdbx_initial_refinement_model.accession_code 
_pdbx_initial_refinement_model.details 
1 ? 'experimental model' PDB 3H1D '3H1D, 4BBN' 
2 ? 'experimental model' PDB 4BBN '3H1D, 4BBN' 
# 
_atom_sites.entry_id                    6FYH 
_atom_sites.fract_transf_matrix[1][1]   -0.00689022 
_atom_sites.fract_transf_matrix[1][2]   0.00375950 
_atom_sites.fract_transf_matrix[1][3]   -0.00928745 
_atom_sites.fract_transf_matrix[2][1]   0.00475836 
_atom_sites.fract_transf_matrix[2][2]   -0.00869155 
_atom_sites.fract_transf_matrix[2][3]   -0.00704844 
_atom_sites.fract_transf_matrix[3][1]   -0.00844625 
_atom_sites.fract_transf_matrix[3][2]   -0.00730697 
_atom_sites.fract_transf_matrix[3][3]   0.00330833 
_atom_sites.fract_transf_vector[1]      -0.442651 
_atom_sites.fract_transf_vector[2]      -0.092434 
_atom_sites.fract_transf_vector[3]      -0.073436 
# 
loop_
_atom_type.symbol 
C  
N  
O  
S  
ZN 
# 
loop_
_atom_site.group_PDB 
_atom_site.id 
_atom_site.type_symbol 
_atom_site.label_atom_id 
_atom_site.label_alt_id 
_atom_site.label_comp_id 
_atom_site.label_asym_id 
_atom_site.label_entity_id 
_atom_site.label_seq_id 
_atom_site.pdbx_PDB_ins_code 
_atom_site.Cartn_x 
_atom_site.Cartn_y 
_atom_site.Cartn_z 
_atom_site.occupancy 
_atom_site.B_iso_or_equiv 
_atom_site.pdbx_formal_charge 
_atom_site.auth_seq_id 
_atom_site.auth_comp_id 
_atom_site.auth_asym_id 
_atom_site.auth_atom_id 
_atom_site.pdbx_PDB_model_num 
ATOM   1    N  N   . PRO A 1 5   ? -12.920 15.185  -7.577  1.00 84.10  ? 266 PRO A N   1 
ATOM   2    C  CA  . PRO A 1 5   ? -14.338 15.536  -7.449  1.00 97.33  ? 266 PRO A CA  1 
ATOM   3    C  C   . PRO A 1 5   ? -15.124 15.331  -8.744  1.00 85.89  ? 266 PRO A C   1 
ATOM   4    O  O   . PRO A 1 5   ? -16.339 15.520  -8.763  1.00 85.83  ? 266 PRO A O   1 
ATOM   5    C  CB  . PRO A 1 5   ? -14.292 17.013  -7.062  1.00 82.44  ? 266 PRO A CB  1 
ATOM   6    C  CG  . PRO A 1 5   ? -13.022 17.137  -6.290  1.00 91.72  ? 266 PRO A CG  1 
ATOM   7    C  CD  . PRO A 1 5   ? -12.045 16.190  -6.948  1.00 94.17  ? 266 PRO A CD  1 
ATOM   8    N  N   . THR A 1 6   ? -14.426 14.950  -9.815  1.00 82.82  ? 267 THR A N   1 
ATOM   9    C  CA  . THR A 1 6   ? -15.048 14.672  -11.115 1.00 77.19  ? 267 THR A CA  1 
ATOM   10   C  C   . THR A 1 6   ? -14.383 13.412  -11.668 1.00 89.35  ? 267 THR A C   1 
ATOM   11   O  O   . THR A 1 6   ? -13.394 13.489  -12.403 1.00 97.07  ? 267 THR A O   1 
ATOM   12   C  CB  . THR A 1 6   ? -14.906 15.850  -12.073 1.00 96.59  ? 267 THR A CB  1 
ATOM   13   O  OG1 . THR A 1 6   ? -13.543 16.296  -12.088 1.00 81.76  ? 267 THR A OG1 1 
ATOM   14   C  CG2 . THR A 1 6   ? -15.813 16.999  -11.655 1.00 75.83  ? 267 THR A CG2 1 
ATOM   15   N  N   . ILE A 1 7   ? -14.934 12.254  -11.310 1.00 79.84  ? 268 ILE A N   1 
ATOM   16   C  CA  . ILE A 1 7   ? -14.371 10.958  -11.687 1.00 65.16  ? 268 ILE A CA  1 
ATOM   17   C  C   . ILE A 1 7   ? -15.488 10.164  -12.359 1.00 60.94  ? 268 ILE A C   1 
ATOM   18   O  O   . ILE A 1 7   ? -16.260 9.465   -11.694 1.00 79.37  ? 268 ILE A O   1 
ATOM   19   C  CB  . ILE A 1 7   ? -13.797 10.194  -10.489 1.00 66.73  ? 268 ILE A CB  1 
ATOM   20   C  CG1 . ILE A 1 7   ? -12.846 11.082  -9.682  1.00 61.55  ? 268 ILE A CG1 1 
ATOM   21   C  CG2 . ILE A 1 7   ? -13.080 8.934   -10.953 1.00 58.93  ? 268 ILE A CG2 1 
ATOM   22   C  CD1 . ILE A 1 7   ? -11.594 11.473  -10.427 1.00 55.98  ? 268 ILE A CD1 1 
ATOM   23   N  N   . ASP A 1 8   ? -15.589 10.270  -13.686 1.00 63.82  ? 269 ASP A N   1 
ATOM   24   C  CA  . ASP A 1 8   ? -16.459 9.367   -14.432 1.00 62.24  ? 269 ASP A CA  1 
ATOM   25   C  C   . ASP A 1 8   ? -15.846 7.976   -14.357 1.00 72.09  ? 269 ASP A C   1 
ATOM   26   O  O   . ASP A 1 8   ? -14.967 7.633   -15.154 1.00 80.39  ? 269 ASP A O   1 
ATOM   27   C  CB  . ASP A 1 8   ? -16.634 9.827   -15.887 1.00 50.13  ? 269 ASP A CB  1 
ATOM   28   C  CG  . ASP A 1 8   ? -17.744 9.068   -16.626 1.00 63.82  ? 269 ASP A CG  1 
ATOM   29   O  OD1 . ASP A 1 8   ? -18.070 7.933   -16.224 1.00 70.72  ? 269 ASP A OD1 1 
ATOM   30   O  OD2 . ASP A 1 8   ? -18.288 9.603   -17.619 1.00 23.34  ? 269 ASP A OD2 1 
ATOM   31   N  N   . ILE A 1 9   ? -16.290 7.176   -13.383 1.00 61.17  ? 270 ILE A N   1 
ATOM   32   C  CA  . ILE A 1 9   ? -15.680 5.870   -13.150 1.00 58.06  ? 270 ILE A CA  1 
ATOM   33   C  C   . ILE A 1 9   ? -15.888 4.950   -14.344 1.00 53.63  ? 270 ILE A C   1 
ATOM   34   O  O   . ILE A 1 9   ? -15.088 4.037   -14.580 1.00 45.37  ? 270 ILE A O   1 
ATOM   35   C  CB  . ILE A 1 9   ? -16.222 5.269   -11.835 1.00 65.33  ? 270 ILE A CB  1 
ATOM   36   C  CG1 . ILE A 1 9   ? -15.619 6.017   -10.643 1.00 50.52  ? 270 ILE A CG1 1 
ATOM   37   C  CG2 . ILE A 1 9   ? -15.937 3.770   -11.734 1.00 48.77  ? 270 ILE A CG2 1 
ATOM   38   C  CD1 . ILE A 1 9   ? -15.611 5.230   -9.358  1.00 51.10  ? 270 ILE A CD1 1 
ATOM   39   N  N   . ASP A 1 10  ? -16.939 5.181   -15.132 1.00 50.45  ? 271 ASP A N   1 
ATOM   40   C  CA  . ASP A 1 10  ? -17.074 4.446   -16.383 1.00 57.20  ? 271 ASP A CA  1 
ATOM   41   C  C   . ASP A 1 10  ? -15.974 4.823   -17.370 1.00 47.56  ? 271 ASP A C   1 
ATOM   42   O  O   . ASP A 1 10  ? -15.540 3.980   -18.165 1.00 57.69  ? 271 ASP A O   1 
ATOM   43   C  CB  . ASP A 1 10  ? -18.456 4.689   -16.987 1.00 57.06  ? 271 ASP A CB  1 
ATOM   44   C  CG  . ASP A 1 10  ? -19.572 4.105   -16.141 1.00 67.63  ? 271 ASP A CG  1 
ATOM   45   O  OD1 . ASP A 1 10  ? -19.661 4.458   -14.946 1.00 69.18  ? 271 ASP A OD1 1 
ATOM   46   O  OD2 . ASP A 1 10  ? -20.363 3.294   -16.669 1.00 82.43  ? 271 ASP A OD2 1 
ATOM   47   N  N   . ASP A 1 11  ? -15.500 6.071   -17.323 1.00 41.24  ? 272 ASP A N   1 
ATOM   48   C  CA  . ASP A 1 11  ? -14.418 6.491   -18.210 1.00 55.56  ? 272 ASP A CA  1 
ATOM   49   C  C   . ASP A 1 11  ? -13.085 5.888   -17.782 1.00 54.93  ? 272 ASP A C   1 
ATOM   50   O  O   . ASP A 1 11  ? -12.265 5.516   -18.630 1.00 57.92  ? 272 ASP A O   1 
ATOM   51   C  CB  . ASP A 1 11  ? -14.333 8.017   -18.245 1.00 39.82  ? 272 ASP A CB  1 
ATOM   52   C  CG  . ASP A 1 11  ? -13.133 8.518   -19.026 1.00 62.17  ? 272 ASP A CG  1 
ATOM   53   O  OD1 . ASP A 1 11  ? -13.041 8.220   -20.235 1.00 87.22  ? 272 ASP A OD1 1 
ATOM   54   O  OD2 . ASP A 1 11  ? -12.282 9.212   -18.431 1.00 55.83  ? 272 ASP A OD2 1 
ATOM   55   N  N   . LEU A 1 12  ? -12.846 5.791   -16.472 1.00 52.80  ? 273 LEU A N   1 
ATOM   56   C  CA  . LEU A 1 12  ? -11.638 5.129   -15.990 1.00 47.11  ? 273 LEU A CA  1 
ATOM   57   C  C   . LEU A 1 12  ? -11.696 3.627   -16.241 1.00 46.98  ? 273 LEU A C   1 
ATOM   58   O  O   . LEU A 1 12  ? -10.676 3.002   -16.549 1.00 48.67  ? 273 LEU A O   1 
ATOM   59   C  CB  . LEU A 1 12  ? -11.442 5.421   -14.504 1.00 50.45  ? 273 LEU A CB  1 
ATOM   60   C  CG  . LEU A 1 12  ? -10.311 4.678   -13.791 1.00 48.39  ? 273 LEU A CG  1 
ATOM   61   C  CD1 . LEU A 1 12  ? -8.968  5.009   -14.419 1.00 37.49  ? 273 LEU A CD1 1 
ATOM   62   C  CD2 . LEU A 1 12  ? -10.311 5.003   -12.306 1.00 35.27  ? 273 LEU A CD2 1 
ATOM   63   N  N   . LYS A 1 13  ? -12.885 3.036   -16.119 1.00 48.01  ? 274 LYS A N   1 
ATOM   64   C  CA  . LYS A 1 13  ? -13.036 1.601   -16.336 1.00 47.83  ? 274 LYS A CA  1 
ATOM   65   C  C   . LYS A 1 13  ? -12.890 1.247   -17.808 1.00 53.41  ? 274 LYS A C   1 
ATOM   66   O  O   . LYS A 1 13  ? -12.342 0.190   -18.147 1.00 50.68  ? 274 LYS A O   1 
ATOM   67   C  CB  . LYS A 1 13  ? -14.388 1.133   -15.794 1.00 37.83  ? 274 LYS A CB  1 
ATOM   68   C  CG  . LYS A 1 13  ? -14.654 -0.353  -15.960 1.00 52.06  ? 274 LYS A CG  1 
ATOM   69   C  CD  . LYS A 1 13  ? -15.929 -0.774  -15.243 1.00 50.28  ? 274 LYS A CD  1 
ATOM   70   C  CE  . LYS A 1 13  ? -17.133 0.007   -15.746 1.00 85.77  ? 274 LYS A CE  1 
ATOM   71   N  NZ  . LYS A 1 13  ? -18.385 -0.387  -15.040 1.00 82.18  ? 274 LYS A NZ  1 
ATOM   72   N  N   . SER A 1 14  ? -13.368 2.117   -18.698 1.00 46.85  ? 275 SER A N   1 
ATOM   73   C  CA  . SER A 1 14  ? -13.224 1.899   -20.130 1.00 50.99  ? 275 SER A CA  1 
ATOM   74   C  C   . SER A 1 14  ? -11.811 2.159   -20.635 1.00 48.79  ? 275 SER A C   1 
ATOM   75   O  O   . SER A 1 14  ? -11.511 1.828   -21.786 1.00 53.41  ? 275 SER A O   1 
ATOM   76   C  CB  . SER A 1 14  ? -14.215 2.778   -20.900 1.00 34.35  ? 275 SER A CB  1 
ATOM   77   O  OG  . SER A 1 14  ? -14.009 4.150   -20.614 1.00 55.89  ? 275 SER A OG  1 
ATOM   78   N  N   . ASN A 1 15  ? -10.942 2.735   -19.809 1.00 47.63  ? 276 ASN A N   1 
ATOM   79   C  CA  . ASN A 1 15  ? -9.553  3.000   -20.164 1.00 49.15  ? 276 ASN A CA  1 
ATOM   80   C  C   . ASN A 1 15  ? -8.604  2.328   -19.181 1.00 46.84  ? 276 ASN A C   1 
ATOM   81   O  O   . ASN A 1 15  ? -7.597  2.906   -18.767 1.00 43.49  ? 276 ASN A O   1 
ATOM   82   C  CB  . ASN A 1 15  ? -9.283  4.501   -20.231 1.00 54.25  ? 276 ASN A CB  1 
ATOM   83   C  CG  . ASN A 1 15  ? -10.043 5.178   -21.352 1.00 54.48  ? 276 ASN A CG  1 
ATOM   84   O  OD1 . ASN A 1 15  ? -9.606  5.175   -22.503 1.00 55.67  ? 276 ASN A OD1 1 
ATOM   85   N  ND2 . ASN A 1 15  ? -11.187 5.764   -21.020 1.00 61.38  ? 276 ASN A ND2 1 
ATOM   86   N  N   . THR A 1 16  ? -8.916  1.093   -18.801 1.00 42.69  ? 277 THR A N   1 
ATOM   87   C  CA  . THR A 1 16  ? -8.106  0.325   -17.866 1.00 42.39  ? 277 THR A CA  1 
ATOM   88   C  C   . THR A 1 16  ? -7.653  -0.963  -18.537 1.00 43.75  ? 277 THR A C   1 
ATOM   89   O  O   . THR A 1 16  ? -8.466  -1.678  -19.133 1.00 38.58  ? 277 THR A O   1 
ATOM   90   C  CB  . THR A 1 16  ? -8.885  0.014   -16.584 1.00 38.84  ? 277 THR A CB  1 
ATOM   91   O  OG1 . THR A 1 16  ? -9.217  1.239   -15.918 1.00 46.38  ? 277 THR A OG1 1 
ATOM   92   C  CG2 . THR A 1 16  ? -8.056  -0.856  -15.646 1.00 31.15  ? 277 THR A CG2 1 
ATOM   93   N  N   . GLU A 1 17  ? -6.358  -1.248  -18.447 1.00 40.97  ? 278 GLU A N   1 
ATOM   94   C  CA  . GLU A 1 17  ? -5.773  -2.467  -18.981 1.00 50.04  ? 278 GLU A CA  1 
ATOM   95   C  C   . GLU A 1 17  ? -5.535  -3.467  -17.855 1.00 43.54  ? 278 GLU A C   1 
ATOM   96   O  O   . GLU A 1 17  ? -5.453  -3.105  -16.679 1.00 48.60  ? 278 GLU A O   1 
ATOM   97   C  CB  . GLU A 1 17  ? -4.467  -2.156  -19.715 1.00 56.77  ? 278 GLU A CB  1 
ATOM   98   C  CG  . GLU A 1 17  ? -4.644  -1.159  -20.855 1.00 44.49  ? 278 GLU A CG  1 
ATOM   99   C  CD  . GLU A 1 17  ? -3.337  -0.766  -21.511 1.00 64.47  ? 278 GLU A CD  1 
ATOM   100  O  OE1 . GLU A 1 17  ? -2.268  -1.168  -21.004 1.00 85.13  ? 278 GLU A OE1 1 
ATOM   101  O  OE2 . GLU A 1 17  ? -3.379  -0.053  -22.536 1.00 61.52  ? 278 GLU A OE2 1 
ATOM   102  N  N   . TYR A 1 18  ? -5.432  -4.743  -18.226 1.00 42.95  ? 279 TYR A N   1 
ATOM   103  C  CA  . TYR A 1 18  ? -5.375  -5.811  -17.239 1.00 47.67  ? 279 TYR A CA  1 
ATOM   104  C  C   . TYR A 1 18  ? -4.290  -6.816  -17.601 1.00 49.99  ? 279 TYR A C   1 
ATOM   105  O  O   . TYR A 1 18  ? -3.991  -7.038  -18.778 1.00 69.07  ? 279 TYR A O   1 
ATOM   106  C  CB  . TYR A 1 18  ? -6.726  -6.531  -17.116 1.00 45.23  ? 279 TYR A CB  1 
ATOM   107  C  CG  . TYR A 1 18  ? -7.881  -5.622  -16.769 1.00 48.37  ? 279 TYR A CG  1 
ATOM   108  C  CD1 . TYR A 1 18  ? -8.157  -5.287  -15.450 1.00 39.97  ? 279 TYR A CD1 1 
ATOM   109  C  CD2 . TYR A 1 18  ? -8.700  -5.101  -17.763 1.00 47.09  ? 279 TYR A CD2 1 
ATOM   110  C  CE1 . TYR A 1 18  ? -9.214  -4.456  -15.130 1.00 44.61  ? 279 TYR A CE1 1 
ATOM   111  C  CE2 . TYR A 1 18  ? -9.760  -4.269  -17.453 1.00 48.62  ? 279 TYR A CE2 1 
ATOM   112  C  CZ  . TYR A 1 18  ? -10.014 -3.950  -16.135 1.00 49.71  ? 279 TYR A CZ  1 
ATOM   113  O  OH  . TYR A 1 18  ? -11.069 -3.123  -15.823 1.00 42.86  ? 279 TYR A OH  1 
ATOM   114  N  N   . HIS A 1 19  ? -3.719  -7.426  -16.560 1.00 53.14  ? 280 HIS A N   1 
ATOM   115  C  CA  . HIS A 1 19  ? -2.743  -8.507  -16.656 1.00 62.46  ? 280 HIS A CA  1 
ATOM   116  C  C   . HIS A 1 19  ? -2.338  -8.940  -15.252 1.00 67.14  ? 280 HIS A C   1 
ATOM   117  O  O   . HIS A 1 19  ? -1.702  -8.166  -14.536 1.00 93.90  ? 280 HIS A O   1 
ATOM   118  C  CB  . HIS A 1 19  ? -1.502  -8.076  -17.444 1.00 74.44  ? 280 HIS A CB  1 
ATOM   119  C  CG  . HIS A 1 19  ? -0.308  -8.948  -17.210 1.00 64.50  ? 280 HIS A CG  1 
ATOM   120  N  ND1 . HIS A 1 19  ? 0.677   -8.631  -16.300 1.00 62.00  ? 280 HIS A ND1 1 
ATOM   121  C  CD2 . HIS A 1 19  ? 0.054   -10.132 -17.758 1.00 74.52  ? 280 HIS A CD2 1 
ATOM   122  C  CE1 . HIS A 1 19  ? 1.597   -9.579  -16.300 1.00 57.03  ? 280 HIS A CE1 1 
ATOM   123  N  NE2 . HIS A 1 19  ? 1.243   -10.502 -17.177 1.00 55.10  ? 280 HIS A NE2 1 
ATOM   124  N  N   . LYS A 1 20  ? -2.661  -10.167 -14.850 1.00 69.94  ? 281 LYS A N   1 
ATOM   125  C  CA  . LYS A 1 20  ? -3.236  -11.183 -15.721 1.00 52.70  ? 281 LYS A CA  1 
ATOM   126  C  C   . LYS A 1 20  ? -4.744  -11.295 -15.527 1.00 64.17  ? 281 LYS A C   1 
ATOM   127  O  O   . LYS A 1 20  ? -5.361  -12.275 -15.947 1.00 73.16  ? 281 LYS A O   1 
ATOM   128  C  CB  . LYS A 1 20  ? -2.580  -12.543 -15.458 1.00 75.68  ? 281 LYS A CB  1 
ATOM   129  C  CG  . LYS A 1 20  ? -1.067  -12.495 -15.247 1.00 74.08  ? 281 LYS A CG  1 
ATOM   130  C  CD  . LYS A 1 20  ? -0.704  -12.364 -13.771 1.00 61.53  ? 281 LYS A CD  1 
ATOM   131  C  CE  . LYS A 1 20  ? 0.782   -12.096 -13.585 1.00 81.59  ? 281 LYS A CE  1 
ATOM   132  N  NZ  . LYS A 1 20  ? 1.128   -11.827 -12.160 1.00 70.46  ? 281 LYS A NZ  1 
ATOM   133  N  N   . TYR A 1 21  ? -5.332  -10.296 -14.876 1.00 69.39  ? 282 TYR A N   1 
ATOM   134  C  CA  . TYR A 1 21  ? -6.775  -10.266 -14.705 1.00 43.37  ? 282 TYR A CA  1 
ATOM   135  C  C   . TYR A 1 21  ? -7.474  -10.108 -16.051 1.00 47.14  ? 282 TYR A C   1 
ATOM   136  O  O   . TYR A 1 21  ? -6.881  -9.699  -17.053 1.00 43.00  ? 282 TYR A O   1 
ATOM   137  C  CB  . TYR A 1 21  ? -7.192  -9.115  -13.789 1.00 47.34  ? 282 TYR A CB  1 
ATOM   138  C  CG  . TYR A 1 21  ? -7.059  -9.385  -12.309 1.00 54.40  ? 282 TYR A CG  1 
ATOM   139  C  CD1 . TYR A 1 21  ? -7.726  -10.448 -11.712 1.00 49.47  ? 282 TYR A CD1 1 
ATOM   140  C  CD2 . TYR A 1 21  ? -6.294  -8.553  -11.501 1.00 43.63  ? 282 TYR A CD2 1 
ATOM   141  C  CE1 . TYR A 1 21  ? -7.614  -10.688 -10.354 1.00 42.91  ? 282 TYR A CE1 1 
ATOM   142  C  CE2 . TYR A 1 21  ? -6.179  -8.784  -10.145 1.00 41.14  ? 282 TYR A CE2 1 
ATOM   143  C  CZ  . TYR A 1 21  ? -6.840  -9.851  -9.576  1.00 44.64  ? 282 TYR A CZ  1 
ATOM   144  O  OH  . TYR A 1 21  ? -6.725  -10.082 -8.226  1.00 40.31  ? 282 TYR A OH  1 
ATOM   145  N  N   . GLN A 1 22  ? -8.758  -10.444 -16.062 1.00 53.23  ? 283 GLN A N   1 
ATOM   146  C  CA  . GLN A 1 22  ? -9.649  -10.124 -17.164 1.00 49.03  ? 283 GLN A CA  1 
ATOM   147  C  C   . GLN A 1 22  ? -10.662 -9.087  -16.698 1.00 50.84  ? 283 GLN A C   1 
ATOM   148  O  O   . GLN A 1 22  ? -10.875 -8.894  -15.498 1.00 46.98  ? 283 GLN A O   1 
ATOM   149  C  CB  . GLN A 1 22  ? -10.362 -11.377 -17.686 1.00 63.14  ? 283 GLN A CB  1 
ATOM   150  C  CG  . GLN A 1 22  ? -9.434  -12.386 -18.344 1.00 68.99  ? 283 GLN A CG  1 
ATOM   151  C  CD  . GLN A 1 22  ? -10.171 -13.596 -18.884 1.00 91.08  ? 283 GLN A CD  1 
ATOM   152  O  OE1 . GLN A 1 22  ? -11.383 -13.729 -18.706 1.00 82.48  ? 283 GLN A OE1 1 
ATOM   153  N  NE2 . GLN A 1 22  ? -9.443  -14.485 -19.549 1.00 97.78  ? 283 GLN A NE2 1 
ATOM   154  N  N   . SER A 1 23  ? -11.282 -8.406  -17.664 1.00 54.72  ? 284 SER A N   1 
ATOM   155  C  CA  . SER A 1 23  ? -12.239 -7.359  -17.322 1.00 49.30  ? 284 SER A CA  1 
ATOM   156  C  C   . SER A 1 23  ? -13.414 -7.910  -16.524 1.00 54.89  ? 284 SER A C   1 
ATOM   157  O  O   . SER A 1 23  ? -14.009 -7.186  -15.717 1.00 53.67  ? 284 SER A O   1 
ATOM   158  C  CB  . SER A 1 23  ? -12.737 -6.664  -18.590 1.00 38.84  ? 284 SER A CB  1 
ATOM   159  O  OG  . SER A 1 23  ? -13.421 -7.572  -19.435 1.00 70.25  ? 284 SER A OG  1 
ATOM   160  N  N   . ASN A 1 24  ? -13.754 -9.181  -16.725 1.00 56.86  ? 285 ASN A N   1 
ATOM   161  C  CA  . ASN A 1 24  ? -14.860 -9.820  -16.026 1.00 50.08  ? 285 ASN A CA  1 
ATOM   162  C  C   . ASN A 1 24  ? -14.402 -10.659 -14.840 1.00 51.27  ? 285 ASN A C   1 
ATOM   163  O  O   . ASN A 1 24  ? -15.204 -11.415 -14.285 1.00 51.12  ? 285 ASN A O   1 
ATOM   164  C  CB  . ASN A 1 24  ? -15.666 -10.686 -16.996 1.00 64.73  ? 285 ASN A CB  1 
ATOM   165  C  CG  . ASN A 1 24  ? -14.805 -11.705 -17.719 1.00 79.66  ? 285 ASN A CG  1 
ATOM   166  O  OD1 . ASN A 1 24  ? -14.611 -12.821 -17.240 1.00 72.52  ? 285 ASN A OD1 1 
ATOM   167  N  ND2 . ASN A 1 24  ? -14.284 -11.322 -18.880 1.00 86.29  ? 285 ASN A ND2 1 
ATOM   168  N  N   . SER A 1 25  ? -13.135 -10.547 -14.442 1.00 50.07  ? 286 SER A N   1 
ATOM   169  C  CA  . SER A 1 25  ? -12.660 -11.258 -13.263 1.00 39.48  ? 286 SER A CA  1 
ATOM   170  C  C   . SER A 1 25  ? -13.386 -10.758 -12.018 1.00 50.74  ? 286 SER A C   1 
ATOM   171  O  O   . SER A 1 25  ? -13.762 -9.586  -11.920 1.00 45.50  ? 286 SER A O   1 
ATOM   172  C  CB  . SER A 1 25  ? -11.150 -11.083 -13.101 1.00 49.71  ? 286 SER A CB  1 
ATOM   173  O  OG  . SER A 1 25  ? -10.447 -11.666 -14.185 1.00 45.72  ? 286 SER A OG  1 
ATOM   174  N  N   . ILE A 1 26  ? -13.579 -11.665 -11.059 1.00 44.24  ? 287 ILE A N   1 
ATOM   175  C  CA  . ILE A 1 26  ? -14.405 -11.349 -9.899  1.00 41.30  ? 287 ILE A CA  1 
ATOM   176  C  C   . ILE A 1 26  ? -13.758 -10.256 -9.051  1.00 45.19  ? 287 ILE A C   1 
ATOM   177  O  O   . ILE A 1 26  ? -14.447 -9.375  -8.523  1.00 45.17  ? 287 ILE A O   1 
ATOM   178  C  CB  . ILE A 1 26  ? -14.691 -12.628 -9.085  1.00 43.64  ? 287 ILE A CB  1 
ATOM   179  C  CG1 . ILE A 1 26  ? -15.599 -12.321 -7.892  1.00 48.12  ? 287 ILE A CG1 1 
ATOM   180  C  CG2 . ILE A 1 26  ? -13.397 -13.301 -8.642  1.00 47.73  ? 287 ILE A CG2 1 
ATOM   181  C  CD1 . ILE A 1 26  ? -16.958 -11.771 -8.281  1.00 34.84  ? 287 ILE A CD1 1 
ATOM   182  N  N   . GLN A 1 27  ? -12.427 -10.277 -8.925  1.00 45.99  ? 288 GLN A N   1 
ATOM   183  C  CA  . GLN A 1 27  ? -11.742 -9.219  -8.193  1.00 39.23  ? 288 GLN A CA  1 
ATOM   184  C  C   . GLN A 1 27  ? -11.783 -7.888  -8.931  1.00 40.81  ? 288 GLN A C   1 
ATOM   185  O  O   . GLN A 1 27  ? -11.665 -6.836  -8.294  1.00 41.64  ? 288 GLN A O   1 
ATOM   186  C  CB  . GLN A 1 27  ? -10.289 -9.609  -7.915  1.00 49.17  ? 288 GLN A CB  1 
ATOM   187  C  CG  . GLN A 1 27  ? -10.116 -10.681 -6.849  1.00 46.15  ? 288 GLN A CG  1 
ATOM   188  C  CD  . GLN A 1 27  ? -10.320 -12.079 -7.391  1.00 46.64  ? 288 GLN A CD  1 
ATOM   189  O  OE1 . GLN A 1 27  ? -10.302 -12.297 -8.603  1.00 49.48  ? 288 GLN A OE1 1 
ATOM   190  N  NE2 . GLN A 1 27  ? -10.514 -13.039 -6.494  1.00 59.22  ? 288 GLN A NE2 1 
ATOM   191  N  N   . ILE A 1 28  ? -11.941 -7.909  -10.256 1.00 45.15  ? 289 ILE A N   1 
ATOM   192  C  CA  . ILE A 1 28  ? -12.081 -6.664  -11.002 1.00 45.15  ? 289 ILE A CA  1 
ATOM   193  C  C   . ILE A 1 28  ? -13.466 -6.069  -10.786 1.00 48.66  ? 289 ILE A C   1 
ATOM   194  O  O   . ILE A 1 28  ? -13.613 -4.858  -10.570 1.00 42.43  ? 289 ILE A O   1 
ATOM   195  C  CB  . ILE A 1 28  ? -11.787 -6.904  -12.493 1.00 39.55  ? 289 ILE A CB  1 
ATOM   196  C  CG1 . ILE A 1 28  ? -10.350 -7.399  -12.677 1.00 46.51  ? 289 ILE A CG1 1 
ATOM   197  C  CG2 . ILE A 1 28  ? -12.031 -5.639  -13.299 1.00 48.32  ? 289 ILE A CG2 1 
ATOM   198  C  CD1 . ILE A 1 28  ? -9.301  -6.461  -12.115 1.00 36.66  ? 289 ILE A CD1 1 
ATOM   199  N  N   . GLN A 1 29  ? -14.505 -6.910  -10.840 1.00 44.08  ? 290 GLN A N   1 
ATOM   200  C  CA  . GLN A 1 29  ? -15.853 -6.443  -10.535 1.00 43.36  ? 290 GLN A CA  1 
ATOM   201  C  C   . GLN A 1 29  ? -15.932 -5.903  -9.114  1.00 42.40  ? 290 GLN A C   1 
ATOM   202  O  O   . GLN A 1 29  ? -16.528 -4.845  -8.873  1.00 50.68  ? 290 GLN A O   1 
ATOM   203  C  CB  . GLN A 1 29  ? -16.859 -7.578  -10.729 1.00 46.21  ? 290 GLN A CB  1 
ATOM   204  C  CG  . GLN A 1 29  ? -16.767 -8.276  -12.075 1.00 44.19  ? 290 GLN A CG  1 
ATOM   205  C  CD  . GLN A 1 29  ? -17.794 -9.382  -12.223 1.00 49.13  ? 290 GLN A CD  1 
ATOM   206  O  OE1 . GLN A 1 29  ? -18.867 -9.332  -11.623 1.00 66.12  ? 290 GLN A OE1 1 
ATOM   207  N  NE2 . GLN A 1 29  ? -17.466 -10.393 -13.019 1.00 49.44  ? 290 GLN A NE2 1 
ATOM   208  N  N   . TRP A 1 30  ? -15.330 -6.617  -8.160  1.00 47.49  ? 291 TRP A N   1 
ATOM   209  C  CA  . TRP A 1 30  ? -15.253 -6.112  -6.795  1.00 49.52  ? 291 TRP A CA  1 
ATOM   210  C  C   . TRP A 1 30  ? -14.463 -4.812  -6.724  1.00 39.29  ? 291 TRP A C   1 
ATOM   211  O  O   . TRP A 1 30  ? -14.788 -3.935  -5.916  1.00 34.09  ? 291 TRP A O   1 
ATOM   212  C  CB  . TRP A 1 30  ? -14.626 -7.164  -5.881  1.00 45.67  ? 291 TRP A CB  1 
ATOM   213  C  CG  . TRP A 1 30  ? -15.518 -8.335  -5.613  1.00 45.49  ? 291 TRP A CG  1 
ATOM   214  C  CD1 . TRP A 1 30  ? -16.868 -8.397  -5.799  1.00 43.79  ? 291 TRP A CD1 1 
ATOM   215  C  CD2 . TRP A 1 30  ? -15.122 -9.617  -5.111  1.00 45.60  ? 291 TRP A CD2 1 
ATOM   216  N  NE1 . TRP A 1 30  ? -17.338 -9.637  -5.441  1.00 49.35  ? 291 TRP A NE1 1 
ATOM   217  C  CE2 . TRP A 1 30  ? -16.287 -10.405 -5.016  1.00 44.34  ? 291 TRP A CE2 1 
ATOM   218  C  CE3 . TRP A 1 30  ? -13.897 -10.174 -4.732  1.00 45.22  ? 291 TRP A CE3 1 
ATOM   219  C  CZ2 . TRP A 1 30  ? -16.261 -11.720 -4.556  1.00 39.99  ? 291 TRP A CZ2 1 
ATOM   220  C  CZ3 . TRP A 1 30  ? -13.875 -11.480 -4.279  1.00 49.11  ? 291 TRP A CZ3 1 
ATOM   221  C  CH2 . TRP A 1 30  ? -15.049 -12.239 -4.195  1.00 35.18  ? 291 TRP A CH2 1 
ATOM   222  N  N   . PHE A 1 31  ? -13.433 -4.666  -7.562  1.00 39.38  ? 292 PHE A N   1 
ATOM   223  C  CA  . PHE A 1 31  ? -12.627 -3.449  -7.532  1.00 43.39  ? 292 PHE A CA  1 
ATOM   224  C  C   . PHE A 1 31  ? -13.430 -2.241  -7.991  1.00 42.07  ? 292 PHE A C   1 
ATOM   225  O  O   . PHE A 1 31  ? -13.437 -1.202  -7.324  1.00 40.31  ? 292 PHE A O   1 
ATOM   226  C  CB  . PHE A 1 31  ? -11.376 -3.606  -8.396  1.00 35.65  ? 292 PHE A CB  1 
ATOM   227  C  CG  . PHE A 1 31  ? -10.654 -2.311  -8.632  1.00 36.43  ? 292 PHE A CG  1 
ATOM   228  C  CD1 . PHE A 1 31  ? -9.793  -1.802  -7.676  1.00 35.68  ? 292 PHE A CD1 1 
ATOM   229  C  CD2 . PHE A 1 31  ? -10.853 -1.589  -9.800  1.00 38.37  ? 292 PHE A CD2 1 
ATOM   230  C  CE1 . PHE A 1 31  ? -9.136  -0.604  -7.882  1.00 37.05  ? 292 PHE A CE1 1 
ATOM   231  C  CE2 . PHE A 1 31  ? -10.201 -0.390  -10.010 1.00 35.56  ? 292 PHE A CE2 1 
ATOM   232  C  CZ  . PHE A 1 31  ? -9.340  0.100   -9.052  1.00 31.53  ? 292 PHE A CZ  1 
ATOM   233  N  N   . TRP A 1 32  ? -14.092 -2.345  -9.146  1.00 52.15  ? 293 TRP A N   1 
ATOM   234  C  CA  . TRP A 1 32  ? -14.884 -1.218  -9.626  1.00 46.65  ? 293 TRP A CA  1 
ATOM   235  C  C   . TRP A 1 32  ? -16.085 -0.957  -8.727  1.00 42.55  ? 293 TRP A C   1 
ATOM   236  O  O   . TRP A 1 32  ? -16.477 0.201   -8.537  1.00 43.72  ? 293 TRP A O   1 
ATOM   237  C  CB  . TRP A 1 32  ? -15.330 -1.459  -11.068 1.00 36.15  ? 293 TRP A CB  1 
ATOM   238  C  CG  . TRP A 1 32  ? -14.185 -1.535  -12.031 1.00 40.86  ? 293 TRP A CG  1 
ATOM   239  C  CD1 . TRP A 1 32  ? -13.807 -2.616  -12.775 1.00 45.97  ? 293 TRP A CD1 1 
ATOM   240  C  CD2 . TRP A 1 32  ? -13.254 -0.491  -12.341 1.00 36.87  ? 293 TRP A CD2 1 
ATOM   241  N  NE1 . TRP A 1 32  ? -12.705 -2.305  -13.535 1.00 43.40  ? 293 TRP A NE1 1 
ATOM   242  C  CE2 . TRP A 1 32  ? -12.345 -1.007  -13.287 1.00 44.83  ? 293 TRP A CE2 1 
ATOM   243  C  CE3 . TRP A 1 32  ? -13.103 0.832   -11.914 1.00 35.64  ? 293 TRP A CE3 1 
ATOM   244  C  CZ2 . TRP A 1 32  ? -11.301 -0.247  -13.810 1.00 47.89  ? 293 TRP A CZ2 1 
ATOM   245  C  CZ3 . TRP A 1 32  ? -12.067 1.585   -12.436 1.00 43.71  ? 293 TRP A CZ3 1 
ATOM   246  C  CH2 . TRP A 1 32  ? -11.179 1.043   -13.374 1.00 42.00  ? 293 TRP A CH2 1 
ATOM   247  N  N   . ARG A 1 33  ? -16.668 -2.015  -8.156  1.00 40.89  ? 294 ARG A N   1 
ATOM   248  C  CA  . ARG A 1 33  ? -17.769 -1.836  -7.216  1.00 46.47  ? 294 ARG A CA  1 
ATOM   249  C  C   . ARG A 1 33  ? -17.312 -1.088  -5.969  1.00 48.97  ? 294 ARG A C   1 
ATOM   250  O  O   . ARG A 1 33  ? -18.031 -0.222  -5.454  1.00 45.02  ? 294 ARG A O   1 
ATOM   251  C  CB  . ARG A 1 33  ? -18.359 -3.197  -6.849  1.00 44.58  ? 294 ARG A CB  1 
ATOM   252  C  CG  . ARG A 1 33  ? -19.468 -3.157  -5.815  1.00 49.05  ? 294 ARG A CG  1 
ATOM   253  C  CD  . ARG A 1 33  ? -19.959 -4.564  -5.511  1.00 67.78  ? 294 ARG A CD  1 
ATOM   254  N  NE  . ARG A 1 33  ? -20.793 -4.617  -4.315  1.00 72.13  ? 294 ARG A NE  1 
ATOM   255  C  CZ  . ARG A 1 33  ? -21.241 -5.743  -3.770  1.00 74.29  ? 294 ARG A CZ  1 
ATOM   256  N  NH1 . ARG A 1 33  ? -21.994 -5.701  -2.679  1.00 92.90  ? 294 ARG A NH1 1 
ATOM   257  N  NH2 . ARG A 1 33  ? -20.933 -6.913  -4.314  1.00 67.21  ? 294 ARG A NH2 1 
ATOM   258  N  N   . ALA A 1 34  ? -16.113 -1.400  -5.473  1.00 48.57  ? 295 ALA A N   1 
ATOM   259  C  CA  . ALA A 1 34  ? -15.600 -0.727  -4.284  1.00 43.50  ? 295 ALA A CA  1 
ATOM   260  C  C   . ALA A 1 34  ? -15.187 0.706   -4.591  1.00 44.27  ? 295 ALA A C   1 
ATOM   261  O  O   . ALA A 1 34  ? -15.446 1.617   -3.797  1.00 50.13  ? 295 ALA A O   1 
ATOM   262  C  CB  . ALA A 1 34  ? -14.422 -1.511  -3.706  1.00 35.79  ? 295 ALA A CB  1 
ATOM   263  N  N   . LEU A 1 35  ? -14.539 0.925   -5.736  1.00 54.46  ? 296 LEU A N   1 
ATOM   264  C  CA  . LEU A 1 35  ? -14.124 2.272   -6.108  1.00 54.42  ? 296 LEU A CA  1 
ATOM   265  C  C   . LEU A 1 35  ? -15.324 3.166   -6.388  1.00 44.50  ? 296 LEU A C   1 
ATOM   266  O  O   . LEU A 1 35  ? -15.250 4.383   -6.183  1.00 41.51  ? 296 LEU A O   1 
ATOM   267  C  CB  . LEU A 1 35  ? -13.197 2.217   -7.324  1.00 39.23  ? 296 LEU A CB  1 
ATOM   268  C  CG  . LEU A 1 35  ? -12.440 3.498   -7.678  1.00 54.30  ? 296 LEU A CG  1 
ATOM   269  C  CD1 . LEU A 1 35  ? -11.598 3.966   -6.500  1.00 41.02  ? 296 LEU A CD1 1 
ATOM   270  C  CD2 . LEU A 1 35  ? -11.570 3.287   -8.910  1.00 37.98  ? 296 LEU A CD2 1 
ATOM   271  N  N   . ARG A 1 36  ? -16.436 2.586   -6.850  1.00 53.52  ? 297 ARG A N   1 
ATOM   272  C  CA  . ARG A 1 36  ? -17.652 3.369   -7.041  1.00 43.80  ? 297 ARG A CA  1 
ATOM   273  C  C   . ARG A 1 36  ? -18.191 3.898   -5.717  1.00 55.92  ? 297 ARG A C   1 
ATOM   274  O  O   . ARG A 1 36  ? -18.736 5.007   -5.669  1.00 55.15  ? 297 ARG A O   1 
ATOM   275  C  CB  . ARG A 1 36  ? -18.713 2.524   -7.745  1.00 57.04  ? 297 ARG A CB  1 
ATOM   276  C  CG  . ARG A 1 36  ? -19.967 3.291   -8.152  1.00 71.81  ? 297 ARG A CG  1 
ATOM   277  C  CD  . ARG A 1 36  ? -19.912 3.706   -9.613  1.00 64.30  ? 297 ARG A CD  1 
ATOM   278  N  NE  . ARG A 1 36  ? -19.829 2.548   -10.500 1.00 64.02  ? 297 ARG A NE  1 
ATOM   279  C  CZ  . ARG A 1 36  ? -19.730 2.624   -11.823 1.00 54.43  ? 297 ARG A CZ  1 
ATOM   280  N  NH1 . ARG A 1 36  ? -19.657 1.517   -12.549 1.00 58.11  ? 297 ARG A NH1 1 
ATOM   281  N  NH2 . ARG A 1 36  ? -19.702 3.806   -12.422 1.00 64.17  ? 297 ARG A NH2 1 
ATOM   282  N  N   . SER A 1 37  ? -18.038 3.133   -4.637  1.00 49.30  ? 298 SER A N   1 
ATOM   283  C  CA  . SER A 1 37  ? -18.597 3.490   -3.339  1.00 32.71  ? 298 SER A CA  1 
ATOM   284  C  C   . SER A 1 37  ? -17.757 4.505   -2.575  1.00 45.61  ? 298 SER A C   1 
ATOM   285  O  O   . SER A 1 37  ? -18.175 4.936   -1.495  1.00 67.53  ? 298 SER A O   1 
ATOM   286  C  CB  . SER A 1 37  ? -18.769 2.235   -2.483  1.00 46.22  ? 298 SER A CB  1 
ATOM   287  O  OG  . SER A 1 37  ? -17.511 1.660   -2.171  1.00 42.38  ? 298 SER A OG  1 
ATOM   288  N  N   . PHE A 1 38  ? -16.598 4.897   -3.093  1.00 44.11  ? 299 PHE A N   1 
ATOM   289  C  CA  . PHE A 1 38  ? -15.734 5.822   -2.377  1.00 39.11  ? 299 PHE A CA  1 
ATOM   290  C  C   . PHE A 1 38  ? -16.177 7.262   -2.597  1.00 47.35  ? 299 PHE A C   1 
ATOM   291  O  O   . PHE A 1 38  ? -16.771 7.604   -3.623  1.00 56.89  ? 299 PHE A O   1 
ATOM   292  C  CB  . PHE A 1 38  ? -14.278 5.664   -2.819  1.00 46.30  ? 299 PHE A CB  1 
ATOM   293  C  CG  . PHE A 1 38  ? -13.642 4.373   -2.383  1.00 47.03  ? 299 PHE A CG  1 
ATOM   294  C  CD1 . PHE A 1 38  ? -14.273 3.538   -1.477  1.00 58.19  ? 299 PHE A CD1 1 
ATOM   295  C  CD2 . PHE A 1 38  ? -12.402 4.001   -2.878  1.00 48.56  ? 299 PHE A CD2 1 
ATOM   296  C  CE1 . PHE A 1 38  ? -13.686 2.353   -1.079  1.00 55.58  ? 299 PHE A CE1 1 
ATOM   297  C  CE2 . PHE A 1 38  ? -11.808 2.818   -2.483  1.00 54.35  ? 299 PHE A CE2 1 
ATOM   298  C  CZ  . PHE A 1 38  ? -12.451 1.992   -1.582  1.00 59.13  ? 299 PHE A CZ  1 
ATOM   299  N  N   . ASP A 1 39  ? -15.880 8.110   -1.615  1.00 58.42  ? 300 ASP A N   1 
ATOM   300  C  CA  . ASP A 1 39  ? -16.102 9.538   -1.767  1.00 50.87  ? 300 ASP A CA  1 
ATOM   301  C  C   . ASP A 1 39  ? -15.177 10.096  -2.846  1.00 54.69  ? 300 ASP A C   1 
ATOM   302  O  O   . ASP A 1 39  ? -14.213 9.454   -3.274  1.00 55.62  ? 300 ASP A O   1 
ATOM   303  C  CB  . ASP A 1 39  ? -15.859 10.266  -0.445  1.00 62.71  ? 300 ASP A CB  1 
ATOM   304  C  CG  . ASP A 1 39  ? -16.609 9.642   0.713   1.00 83.23  ? 300 ASP A CG  1 
ATOM   305  O  OD1 . ASP A 1 39  ? -17.364 8.674   0.482   1.00 84.71  ? 300 ASP A OD1 1 
ATOM   306  O  OD2 . ASP A 1 39  ? -16.441 10.119  1.855   1.00 97.11  ? 300 ASP A OD2 1 
ATOM   307  N  N   . GLN A 1 40  ? -15.480 11.317  -3.290  1.00 52.26  ? 301 GLN A N   1 
ATOM   308  C  CA  . GLN A 1 40  ? -14.588 11.986  -4.229  1.00 55.34  ? 301 GLN A CA  1 
ATOM   309  C  C   . GLN A 1 40  ? -13.218 12.227  -3.609  1.00 46.13  ? 301 GLN A C   1 
ATOM   310  O  O   . GLN A 1 40  ? -12.198 12.166  -4.308  1.00 49.81  ? 301 GLN A O   1 
ATOM   311  C  CB  . GLN A 1 40  ? -15.206 13.301  -4.701  1.00 61.68  ? 301 GLN A CB  1 
ATOM   312  C  CG  . GLN A 1 40  ? -16.464 13.129  -5.540  1.00 53.22  ? 301 GLN A CG  1 
ATOM   313  C  CD  . GLN A 1 40  ? -16.203 12.407  -6.853  1.00 62.78  ? 301 GLN A CD  1 
ATOM   314  O  OE1 . GLN A 1 40  ? -15.072 12.361  -7.338  1.00 65.99  ? 301 GLN A OE1 1 
ATOM   315  N  NE2 . GLN A 1 40  ? -17.253 11.839  -7.433  1.00 55.54  ? 301 GLN A NE2 1 
ATOM   316  N  N   . ALA A 1 41  ? -13.174 12.487  -2.300  1.00 34.01  ? 302 ALA A N   1 
ATOM   317  C  CA  . ALA A 1 41  ? -11.894 12.607  -1.611  1.00 40.46  ? 302 ALA A CA  1 
ATOM   318  C  C   . ALA A 1 41  ? -11.154 11.275  -1.591  1.00 54.65  ? 302 ALA A C   1 
ATOM   319  O  O   . ALA A 1 41  ? -9.932  11.236  -1.774  1.00 49.45  ? 302 ALA A O   1 
ATOM   320  C  CB  . ALA A 1 41  ? -12.109 13.126  -0.191  1.00 33.03  ? 302 ALA A CB  1 
ATOM   321  N  N   . ASP A 1 42  ? -11.878 10.173  -1.372  1.00 50.56  ? 303 ASP A N   1 
ATOM   322  C  CA  . ASP A 1 42  ? -11.239 8.861   -1.376  1.00 47.15  ? 303 ASP A CA  1 
ATOM   323  C  C   . ASP A 1 42  ? -10.835 8.436   -2.782  1.00 52.06  ? 303 ASP A C   1 
ATOM   324  O  O   . ASP A 1 42  ? -9.808  7.766   -2.953  1.00 55.11  ? 303 ASP A O   1 
ATOM   325  C  CB  . ASP A 1 42  ? -12.166 7.820   -0.749  1.00 44.35  ? 303 ASP A CB  1 
ATOM   326  C  CG  . ASP A 1 42  ? -12.297 7.986   0.755   1.00 72.85  ? 303 ASP A CG  1 
ATOM   327  O  OD1 . ASP A 1 42  ? -11.335 8.474   1.387   1.00 70.26  ? 303 ASP A OD1 1 
ATOM   328  O  OD2 . ASP A 1 42  ? -13.361 7.628   1.305   1.00 74.33  ? 303 ASP A OD2 1 
ATOM   329  N  N   . ARG A 1 43  ? -11.621 8.805   -3.796  1.00 52.72  ? 304 ARG A N   1 
ATOM   330  C  CA  . ARG A 1 43  ? -11.208 8.552   -5.174  1.00 38.22  ? 304 ARG A CA  1 
ATOM   331  C  C   . ARG A 1 43  ? -9.959  9.350   -5.522  1.00 41.62  ? 304 ARG A C   1 
ATOM   332  O  O   . ARG A 1 43  ? -9.084  8.862   -6.246  1.00 53.44  ? 304 ARG A O   1 
ATOM   333  C  CB  . ARG A 1 43  ? -12.347 8.883   -6.137  1.00 47.04  ? 304 ARG A CB  1 
ATOM   334  C  CG  . ARG A 1 43  ? -13.556 7.972   -6.011  1.00 41.11  ? 304 ARG A CG  1 
ATOM   335  C  CD  . ARG A 1 43  ? -14.678 8.428   -6.925  1.00 44.56  ? 304 ARG A CD  1 
ATOM   336  N  NE  . ARG A 1 43  ? -15.862 7.583   -6.804  1.00 54.91  ? 304 ARG A NE  1 
ATOM   337  C  CZ  . ARG A 1 43  ? -16.990 7.780   -7.478  1.00 44.39  ? 304 ARG A CZ  1 
ATOM   338  N  NH1 . ARG A 1 43  ? -18.020 6.961   -7.305  1.00 35.55  ? 304 ARG A NH1 1 
ATOM   339  N  NH2 . ARG A 1 43  ? -17.089 8.793   -8.327  1.00 43.20  ? 304 ARG A NH2 1 
ATOM   340  N  N   . ALA A 1 44  ? -9.858  10.580  -5.012  1.00 43.84  ? 305 ALA A N   1 
ATOM   341  C  CA  . ALA A 1 44  ? -8.636  11.352  -5.202  1.00 38.02  ? 305 ALA A CA  1 
ATOM   342  C  C   . ALA A 1 44  ? -7.466  10.714  -4.464  1.00 48.30  ? 305 ALA A C   1 
ATOM   343  O  O   . ALA A 1 44  ? -6.329  10.744  -4.950  1.00 49.87  ? 305 ALA A O   1 
ATOM   344  C  CB  . ALA A 1 44  ? -8.846  12.793  -4.739  1.00 45.98  ? 305 ALA A CB  1 
ATOM   345  N  N   . LYS A 1 45  ? -7.725  10.133  -3.290  1.00 41.86  ? 306 LYS A N   1 
ATOM   346  C  CA  . LYS A 1 45  ? -6.669  9.432   -2.565  1.00 43.10  ? 306 LYS A CA  1 
ATOM   347  C  C   . LYS A 1 45  ? -6.199  8.202   -3.332  1.00 46.36  ? 306 LYS A C   1 
ATOM   348  O  O   . LYS A 1 45  ? -5.011  7.866   -3.308  1.00 38.42  ? 306 LYS A O   1 
ATOM   349  C  CB  . LYS A 1 45  ? -7.150  9.034   -1.170  1.00 46.35  ? 306 LYS A CB  1 
ATOM   350  C  CG  . LYS A 1 45  ? -7.299  10.185  -0.193  1.00 43.32  ? 306 LYS A CG  1 
ATOM   351  C  CD  . LYS A 1 45  ? -7.405  9.667   1.234   1.00 62.12  ? 306 LYS A CD  1 
ATOM   352  C  CE  . LYS A 1 45  ? -7.679  10.788  2.222   1.00 60.86  ? 306 LYS A CE  1 
ATOM   353  N  NZ  . LYS A 1 45  ? -9.043  11.358  2.044   1.00 72.52  ? 306 LYS A NZ  1 
ATOM   354  N  N   . PHE A 1 46  ? -7.120  7.513   -4.011  1.00 43.39  ? 307 PHE A N   1 
ATOM   355  C  CA  . PHE A 1 46  ? -6.726  6.370   -4.827  1.00 37.94  ? 307 PHE A CA  1 
ATOM   356  C  C   . PHE A 1 46  ? -5.936  6.817   -6.049  1.00 35.50  ? 307 PHE A C   1 
ATOM   357  O  O   . PHE A 1 46  ? -4.943  6.179   -6.422  1.00 38.37  ? 307 PHE A O   1 
ATOM   358  C  CB  . PHE A 1 46  ? -7.959  5.571   -5.248  1.00 33.91  ? 307 PHE A CB  1 
ATOM   359  C  CG  . PHE A 1 46  ? -7.642  4.386   -6.114  1.00 50.01  ? 307 PHE A CG  1 
ATOM   360  C  CD1 . PHE A 1 46  ? -7.180  3.206   -5.553  1.00 44.27  ? 307 PHE A CD1 1 
ATOM   361  C  CD2 . PHE A 1 46  ? -7.803  4.451   -7.489  1.00 43.07  ? 307 PHE A CD2 1 
ATOM   362  C  CE1 . PHE A 1 46  ? -6.883  2.115   -6.346  1.00 39.06  ? 307 PHE A CE1 1 
ATOM   363  C  CE2 . PHE A 1 46  ? -7.507  3.363   -8.287  1.00 33.41  ? 307 PHE A CE2 1 
ATOM   364  C  CZ  . PHE A 1 46  ? -7.047  2.193   -7.715  1.00 31.11  ? 307 PHE A CZ  1 
ATOM   365  N  N   . LEU A 1 47  ? -6.362  7.912   -6.683  1.00 49.49  ? 308 LEU A N   1 
ATOM   366  C  CA  . LEU A 1 47  ? -5.626  8.439   -7.827  1.00 45.44  ? 308 LEU A CA  1 
ATOM   367  C  C   . LEU A 1 47  ? -4.218  8.863   -7.427  1.00 45.80  ? 308 LEU A C   1 
ATOM   368  O  O   . LEU A 1 47  ? -3.261  8.652   -8.179  1.00 50.34  ? 308 LEU A O   1 
ATOM   369  C  CB  . LEU A 1 47  ? -6.387  9.611   -8.444  1.00 47.62  ? 308 LEU A CB  1 
ATOM   370  C  CG  . LEU A 1 47  ? -6.522  9.608   -9.967  1.00 49.09  ? 308 LEU A CG  1 
ATOM   371  C  CD1 . LEU A 1 47  ? -7.352  8.418   -10.423 1.00 59.46  ? 308 LEU A CD1 1 
ATOM   372  C  CD2 . LEU A 1 47  ? -7.135  10.911  -10.452 1.00 59.43  ? 308 LEU A CD2 1 
ATOM   373  N  N   . GLN A 1 48  ? -4.074  9.462   -6.241  1.00 47.00  ? 309 GLN A N   1 
ATOM   374  C  CA  . GLN A 1 48  ? -2.745  9.805   -5.745  1.00 46.86  ? 309 GLN A CA  1 
ATOM   375  C  C   . GLN A 1 48  ? -1.947  8.563   -5.374  1.00 44.94  ? 309 GLN A C   1 
ATOM   376  O  O   . GLN A 1 48  ? -0.721  8.548   -5.523  1.00 57.46  ? 309 GLN A O   1 
ATOM   377  C  CB  . GLN A 1 48  ? -2.856  10.742  -4.542  1.00 51.86  ? 309 GLN A CB  1 
ATOM   378  C  CG  . GLN A 1 48  ? -3.207  12.175  -4.898  1.00 80.98  ? 309 GLN A CG  1 
ATOM   379  C  CD  . GLN A 1 48  ? -3.441  13.043  -3.677  1.00 93.18  ? 309 GLN A CD  1 
ATOM   380  O  OE1 . GLN A 1 48  ? -3.947  12.576  -2.656  1.00 73.39  ? 309 GLN A OE1 1 
ATOM   381  N  NE2 . GLN A 1 48  ? -3.068  14.314  -3.775  1.00 95.28  ? 309 GLN A NE2 1 
ATOM   382  N  N   . PHE A 1 49  ? -2.619  7.519   -4.889  1.00 42.23  ? 310 PHE A N   1 
ATOM   383  C  CA  . PHE A 1 49  ? -1.920  6.292   -4.526  1.00 41.54  ? 310 PHE A CA  1 
ATOM   384  C  C   . PHE A 1 49  ? -1.362  5.592   -5.758  1.00 41.33  ? 310 PHE A C   1 
ATOM   385  O  O   . PHE A 1 49  ? -0.254  5.046   -5.718  1.00 39.45  ? 310 PHE A O   1 
ATOM   386  C  CB  . PHE A 1 49  ? -2.862  5.365   -3.755  1.00 37.15  ? 310 PHE A CB  1 
ATOM   387  C  CG  . PHE A 1 49  ? -2.256  4.036   -3.397  1.00 40.84  ? 310 PHE A CG  1 
ATOM   388  C  CD1 . PHE A 1 49  ? -1.453  3.905   -2.275  1.00 38.11  ? 310 PHE A CD1 1 
ATOM   389  C  CD2 . PHE A 1 49  ? -2.501  2.913   -4.172  1.00 42.69  ? 310 PHE A CD2 1 
ATOM   390  C  CE1 . PHE A 1 49  ? -0.897  2.682   -1.940  1.00 42.52  ? 310 PHE A CE1 1 
ATOM   391  C  CE2 . PHE A 1 49  ? -1.946  1.690   -3.844  1.00 28.20  ? 310 PHE A CE2 1 
ATOM   392  C  CZ  . PHE A 1 49  ? -1.146  1.575   -2.726  1.00 36.31  ? 310 PHE A CZ  1 
ATOM   393  N  N   . VAL A 1 50  ? -2.107  5.607   -6.861  1.00 42.96  ? 311 VAL A N   1 
ATOM   394  C  CA  . VAL A 1 50  ? -1.711  4.859   -8.050  1.00 42.80  ? 311 VAL A CA  1 
ATOM   395  C  C   . VAL A 1 50  ? -0.818  5.686   -8.970  1.00 51.04  ? 311 VAL A C   1 
ATOM   396  O  O   . VAL A 1 50  ? 0.154   5.167   -9.524  1.00 46.73  ? 311 VAL A O   1 
ATOM   397  C  CB  . VAL A 1 50  ? -2.966  4.354   -8.787  1.00 31.88  ? 311 VAL A CB  1 
ATOM   398  C  CG1 . VAL A 1 50  ? -2.587  3.707   -10.108 1.00 43.59  ? 311 VAL A CG1 1 
ATOM   399  C  CG2 . VAL A 1 50  ? -3.727  3.375   -7.912  1.00 51.73  ? 311 VAL A CG2 1 
ATOM   400  N  N   . THR A 1 51  ? -1.119  6.972   -9.150  1.00 49.40  ? 312 THR A N   1 
ATOM   401  C  CA  . THR A 1 51  ? -0.407  7.799   -10.117 1.00 45.26  ? 312 THR A CA  1 
ATOM   402  C  C   . THR A 1 51  ? 0.463   8.878   -9.491  1.00 52.69  ? 312 THR A C   1 
ATOM   403  O  O   . THR A 1 51  ? 1.194   9.557   -10.220 1.00 47.90  ? 312 THR A O   1 
ATOM   404  C  CB  . THR A 1 51  ? -1.401  8.467   -11.079 1.00 41.89  ? 312 THR A CB  1 
ATOM   405  O  OG1 . THR A 1 51  ? -2.202  9.413   -10.358 1.00 61.95  ? 312 THR A OG1 1 
ATOM   406  C  CG2 . THR A 1 51  ? -2.308  7.427   -11.717 1.00 43.58  ? 312 THR A CG2 1 
ATOM   407  N  N   . GLY A 1 52  ? 0.411   9.060   -8.171  1.00 52.95  ? 313 GLY A N   1 
ATOM   408  C  CA  . GLY A 1 52  ? 1.153   10.119  -7.523  1.00 47.25  ? 313 GLY A CA  1 
ATOM   409  C  C   . GLY A 1 52  ? 0.491   11.478  -7.557  1.00 54.09  ? 313 GLY A C   1 
ATOM   410  O  O   . GLY A 1 52  ? 0.985   12.404  -6.903  1.00 57.82  ? 313 GLY A O   1 
ATOM   411  N  N   . THR A 1 53  ? -0.605  11.634  -8.296  1.00 46.93  ? 314 THR A N   1 
ATOM   412  C  CA  . THR A 1 53  ? -1.331  12.893  -8.348  1.00 64.24  ? 314 THR A CA  1 
ATOM   413  C  C   . THR A 1 53  ? -2.817  12.599  -8.490  1.00 63.62  ? 314 THR A C   1 
ATOM   414  O  O   . THR A 1 53  ? -3.211  11.556  -9.019  1.00 59.19  ? 314 THR A O   1 
ATOM   415  C  CB  . THR A 1 53  ? -0.852  13.783  -9.502  1.00 69.74  ? 314 THR A CB  1 
ATOM   416  O  OG1 . THR A 1 53  ? -1.618  14.993  -9.529  1.00 68.02  ? 314 THR A OG1 1 
ATOM   417  C  CG2 . THR A 1 53  ? -1.002  13.059  -10.833 1.00 49.82  ? 314 THR A CG2 1 
ATOM   418  N  N   . SER A 1 54  ? -3.637  13.528  -8.007  1.00 56.44  ? 315 SER A N   1 
ATOM   419  C  CA  . SER A 1 54  ? -5.085  13.397  -8.069  1.00 56.59  ? 315 SER A CA  1 
ATOM   420  C  C   . SER A 1 54  ? -5.696  14.135  -9.251  1.00 61.24  ? 315 SER A C   1 
ATOM   421  O  O   . SER A 1 54  ? -6.917  14.090  -9.427  1.00 75.85  ? 315 SER A O   1 
ATOM   422  C  CB  . SER A 1 54  ? -5.718  13.899  -6.767  1.00 74.11  ? 315 SER A CB  1 
ATOM   423  O  OG  . SER A 1 54  ? -5.322  15.230  -6.487  1.00 81.54  ? 315 SER A OG  1 
ATOM   424  N  N   . LYS A 1 55  ? -4.884  14.807  -10.062 1.00 56.03  ? 316 LYS A N   1 
ATOM   425  C  CA  . LYS A 1 55  ? -5.408  15.546  -11.200 1.00 67.65  ? 316 LYS A CA  1 
ATOM   426  C  C   . LYS A 1 55  ? -5.888  14.592  -12.289 1.00 61.52  ? 316 LYS A C   1 
ATOM   427  O  O   . LYS A 1 55  ? -5.324  13.514  -12.500 1.00 67.78  ? 316 LYS A O   1 
ATOM   428  C  CB  . LYS A 1 55  ? -4.343  16.488  -11.763 1.00 58.32  ? 316 LYS A CB  1 
ATOM   429  N  N   . VAL A 1 56  ? -6.939  15.000  -12.983 1.00 60.92  ? 317 VAL A N   1 
ATOM   430  C  CA  . VAL A 1 56  ? -7.533  14.234  -14.076 1.00 67.16  ? 317 VAL A CA  1 
ATOM   431  C  C   . VAL A 1 56  ? -7.216  14.952  -15.380 1.00 66.41  ? 317 VAL A C   1 
ATOM   432  O  O   . VAL A 1 56  ? -7.381  16.175  -15.456 1.00 71.48  ? 317 VAL A O   1 
ATOM   433  C  CB  . VAL A 1 56  ? -9.055  14.073  -13.901 1.00 78.37  ? 317 VAL A CB  1 
ATOM   434  C  CG1 . VAL A 1 56  ? -9.634  13.198  -15.004 1.00 57.48  ? 317 VAL A CG1 1 
ATOM   435  C  CG2 . VAL A 1 56  ? -9.374  13.498  -12.531 1.00 68.15  ? 317 VAL A CG2 1 
ATOM   436  N  N   . PRO A 1 57  ? -6.753  14.249  -16.415 1.00 58.76  ? 318 PRO A N   1 
ATOM   437  C  CA  . PRO A 1 57  ? -6.479  14.916  -17.693 1.00 50.61  ? 318 PRO A CA  1 
ATOM   438  C  C   . PRO A 1 57  ? -7.747  15.505  -18.295 1.00 59.15  ? 318 PRO A C   1 
ATOM   439  O  O   . PRO A 1 57  ? -8.859  15.039  -18.039 1.00 64.48  ? 318 PRO A O   1 
ATOM   440  C  CB  . PRO A 1 57  ? -5.913  13.793  -18.570 1.00 58.23  ? 318 PRO A CB  1 
ATOM   441  C  CG  . PRO A 1 57  ? -5.427  12.760  -17.606 1.00 60.82  ? 318 PRO A CG  1 
ATOM   442  C  CD  . PRO A 1 57  ? -6.360  12.829  -16.437 1.00 55.15  ? 318 PRO A CD  1 
ATOM   443  N  N   . LEU A 1 58  ? -7.564  16.548  -19.108 1.00 78.37  ? 319 LEU A N   1 
ATOM   444  C  CA  . LEU A 1 58  ? -8.709  17.232  -19.698 1.00 69.39  ? 319 LEU A CA  1 
ATOM   445  C  C   . LEU A 1 58  ? -9.416  16.364  -20.732 1.00 66.59  ? 319 LEU A C   1 
ATOM   446  O  O   . LEU A 1 58  ? -10.624 16.516  -20.944 1.00 82.57  ? 319 LEU A O   1 
ATOM   447  C  CB  . LEU A 1 58  ? -8.265  18.554  -20.325 1.00 62.36  ? 319 LEU A CB  1 
ATOM   448  C  CG  . LEU A 1 58  ? -7.573  19.537  -19.378 1.00 82.29  ? 319 LEU A CG  1 
ATOM   449  C  CD1 . LEU A 1 58  ? -7.247  20.841  -20.093 1.00 84.46  ? 319 LEU A CD1 1 
ATOM   450  C  CD2 . LEU A 1 58  ? -8.427  19.795  -18.143 1.00 64.83  ? 319 LEU A CD2 1 
ATOM   451  N  N   . GLN A 1 59  ? -8.691  15.454  -21.379 1.00 66.82  ? 320 GLN A N   1 
ATOM   452  C  CA  . GLN A 1 59  ? -9.269  14.554  -22.367 1.00 56.40  ? 320 GLN A CA  1 
ATOM   453  C  C   . GLN A 1 59  ? -9.756  13.245  -21.757 1.00 60.67  ? 320 GLN A C   1 
ATOM   454  O  O   . GLN A 1 59  ? -10.012 12.289  -22.497 1.00 66.90  ? 320 GLN A O   1 
ATOM   455  C  CB  . GLN A 1 59  ? -8.253  14.265  -23.474 1.00 54.58  ? 320 GLN A CB  1 
ATOM   456  N  N   . GLY A 1 60  ? -9.895  13.181  -20.438 1.00 60.57  ? 321 GLY A N   1 
ATOM   457  C  CA  . GLY A 1 60  ? -10.300 11.957  -19.780 1.00 58.25  ? 321 GLY A CA  1 
ATOM   458  C  C   . GLY A 1 60  ? -9.118  11.082  -19.415 1.00 59.75  ? 321 GLY A C   1 
ATOM   459  O  O   . GLY A 1 60  ? -7.949  11.458  -19.538 1.00 52.18  ? 321 GLY A O   1 
ATOM   460  N  N   . PHE A 1 61  ? -9.441  9.877   -18.952 1.00 53.83  ? 322 PHE A N   1 
ATOM   461  C  CA  . PHE A 1 61  ? -8.414  8.921   -18.560 1.00 57.31  ? 322 PHE A CA  1 
ATOM   462  C  C   . PHE A 1 61  ? -7.765  8.221   -19.748 1.00 62.26  ? 322 PHE A C   1 
ATOM   463  O  O   . PHE A 1 61  ? -6.840  7.426   -19.547 1.00 61.15  ? 322 PHE A O   1 
ATOM   464  C  CB  . PHE A 1 61  ? -8.998  7.883   -17.596 1.00 39.88  ? 322 PHE A CB  1 
ATOM   465  C  CG  . PHE A 1 61  ? -9.262  8.423   -16.219 1.00 42.14  ? 322 PHE A CG  1 
ATOM   466  C  CD1 . PHE A 1 61  ? -8.219  8.619   -15.328 1.00 53.18  ? 322 PHE A CD1 1 
ATOM   467  C  CD2 . PHE A 1 61  ? -10.548 8.739   -15.817 1.00 46.25  ? 322 PHE A CD2 1 
ATOM   468  C  CE1 . PHE A 1 61  ? -8.454  9.119   -14.061 1.00 46.06  ? 322 PHE A CE1 1 
ATOM   469  C  CE2 . PHE A 1 61  ? -10.791 9.237   -14.550 1.00 51.86  ? 322 PHE A CE2 1 
ATOM   470  C  CZ  . PHE A 1 61  ? -9.742  9.427   -13.672 1.00 48.87  ? 322 PHE A CZ  1 
ATOM   471  N  N   . ALA A 1 62  ? -8.222  8.491   -20.973 1.00 71.68  ? 323 ALA A N   1 
ATOM   472  C  CA  . ALA A 1 62  ? -7.542  7.949   -22.144 1.00 60.51  ? 323 ALA A CA  1 
ATOM   473  C  C   . ALA A 1 62  ? -6.196  8.625   -22.365 1.00 67.63  ? 323 ALA A C   1 
ATOM   474  O  O   . ALA A 1 62  ? -5.284  8.018   -22.940 1.00 68.03  ? 323 ALA A O   1 
ATOM   475  C  CB  . ALA A 1 62  ? -8.423  8.100   -23.384 1.00 39.92  ? 323 ALA A CB  1 
ATOM   476  N  N   . ALA A 1 63  ? -6.054  9.871   -21.919 1.00 55.19  ? 324 ALA A N   1 
ATOM   477  C  CA  . ALA A 1 63  ? -4.802  10.620  -22.017 1.00 56.46  ? 324 ALA A CA  1 
ATOM   478  C  C   . ALA A 1 63  ? -4.058  10.648  -20.689 1.00 54.97  ? 324 ALA A C   1 
ATOM   479  O  O   . ALA A 1 63  ? -3.460  11.663  -20.321 1.00 56.72  ? 324 ALA A O   1 
ATOM   480  C  CB  . ALA A 1 63  ? -5.072  12.037  -22.512 1.00 60.98  ? 324 ALA A CB  1 
ATOM   481  N  N   . LEU A 1 64  ? -4.082  9.543   -19.949 1.00 49.01  ? 325 LEU A N   1 
ATOM   482  C  CA  . LEU A 1 64  ? -3.430  9.488   -18.650 1.00 48.65  ? 325 LEU A CA  1 
ATOM   483  C  C   . LEU A 1 64  ? -1.929  9.282   -18.814 1.00 51.93  ? 325 LEU A C   1 
ATOM   484  O  O   . LEU A 1 64  ? -1.481  8.499   -19.656 1.00 49.93  ? 325 LEU A O   1 
ATOM   485  C  CB  . LEU A 1 64  ? -4.024  8.364   -17.799 1.00 47.58  ? 325 LEU A CB  1 
ATOM   486  C  CG  . LEU A 1 64  ? -3.535  8.278   -16.350 1.00 49.65  ? 325 LEU A CG  1 
ATOM   487  C  CD1 . LEU A 1 64  ? -3.990  9.491   -15.556 1.00 30.94  ? 325 LEU A CD1 1 
ATOM   488  C  CD2 . LEU A 1 64  ? -4.002  6.989   -15.689 1.00 39.72  ? 325 LEU A CD2 1 
ATOM   489  N  N   . GLU A 1 65  ? -1.157  9.993   -17.999 1.00 52.09  ? 326 GLU A N   1 
ATOM   490  C  CA  . GLU A 1 65  ? 0.295   9.923   -18.007 1.00 53.55  ? 326 GLU A CA  1 
ATOM   491  C  C   . GLU A 1 65  ? 0.788   9.808   -16.571 1.00 63.73  ? 326 GLU A C   1 
ATOM   492  O  O   . GLU A 1 65  ? 0.143   10.307  -15.646 1.00 96.46  ? 326 GLU A O   1 
ATOM   493  C  CB  . GLU A 1 65  ? 0.895   11.158  -18.703 1.00 71.66  ? 326 GLU A CB  1 
ATOM   494  C  CG  . GLU A 1 65  ? -0.005  12.380  -18.678 1.00 70.97  ? 326 GLU A CG  1 
ATOM   495  C  CD  . GLU A 1 65  ? 0.527   13.507  -19.537 1.00 94.63  ? 326 GLU A CD  1 
ATOM   496  O  OE1 . GLU A 1 65  ? 1.082   14.474  -18.976 1.00 101.32 ? 326 GLU A OE1 1 
ATOM   497  O  OE2 . GLU A 1 65  ? 0.398   13.419  -20.777 1.00 96.22  ? 326 GLU A OE2 1 
ATOM   498  N  N   . GLY A 1 66  ? 1.930   9.149   -16.378 1.00 70.76  ? 327 GLY A N   1 
ATOM   499  C  CA  . GLY A 1 66  ? 2.779   8.647   -17.445 1.00 42.72  ? 327 GLY A CA  1 
ATOM   500  C  C   . GLY A 1 66  ? 4.125   9.342   -17.368 1.00 59.13  ? 327 GLY A C   1 
ATOM   501  O  O   . GLY A 1 66  ? 4.185   10.567  -17.248 1.00 67.03  ? 327 GLY A O   1 
ATOM   502  N  N   . MET A 1 67  ? 5.207   8.565   -17.423 1.00 68.95  ? 328 MET A N   1 
ATOM   503  C  CA  . MET A 1 67  ? 6.554   9.111   -17.284 1.00 66.54  ? 328 MET A CA  1 
ATOM   504  C  C   . MET A 1 67  ? 7.095   9.672   -18.596 1.00 63.21  ? 328 MET A C   1 
ATOM   505  O  O   . MET A 1 67  ? 7.610   10.792  -18.628 1.00 70.11  ? 328 MET A O   1 
ATOM   506  C  CB  . MET A 1 67  ? 7.499   8.040   -16.729 1.00 59.82  ? 328 MET A CB  1 
ATOM   507  C  CG  . MET A 1 67  ? 7.331   7.799   -15.241 1.00 62.59  ? 328 MET A CG  1 
ATOM   508  S  SD  . MET A 1 67  ? 7.710   9.289   -14.301 1.00 67.62  ? 328 MET A SD  1 
ATOM   509  C  CE  . MET A 1 67  ? 6.937   8.916   -12.731 1.00 70.67  ? 328 MET A CE  1 
ATOM   510  N  N   . ASN A 1 68  ? 6.994   8.912   -19.682 1.00 59.79  ? 329 ASN A N   1 
ATOM   511  C  CA  . ASN A 1 68  ? 7.477   9.362   -20.981 1.00 59.69  ? 329 ASN A CA  1 
ATOM   512  C  C   . ASN A 1 68  ? 6.357   9.627   -21.976 1.00 71.98  ? 329 ASN A C   1 
ATOM   513  O  O   . ASN A 1 68  ? 6.636   10.035  -23.110 1.00 91.90  ? 329 ASN A O   1 
ATOM   514  C  CB  . ASN A 1 68  ? 8.457   8.340   -21.570 1.00 57.15  ? 329 ASN A CB  1 
ATOM   515  C  CG  . ASN A 1 68  ? 9.718   8.194   -20.738 1.00 80.94  ? 329 ASN A CG  1 
ATOM   516  O  OD1 . ASN A 1 68  ? 10.250  9.176   -20.213 1.00 84.04  ? 329 ASN A OD1 1 
ATOM   517  N  ND2 . ASN A 1 68  ? 10.204  6.966   -20.614 1.00 75.40  ? 329 ASN A ND2 1 
ATOM   518  N  N   . GLY A 1 69  ? 5.104   9.412   -21.588 1.00 51.24  ? 330 GLY A N   1 
ATOM   519  C  CA  . GLY A 1 69  ? 3.994   9.649   -22.492 1.00 49.44  ? 330 GLY A CA  1 
ATOM   520  C  C   . GLY A 1 69  ? 2.696   9.176   -21.868 1.00 61.26  ? 330 GLY A C   1 
ATOM   521  O  O   . GLY A 1 69  ? 2.580   9.078   -20.646 1.00 72.35  ? 330 GLY A O   1 
ATOM   522  N  N   . ILE A 1 70  ? 1.726   8.878   -22.731 1.00 47.03  ? 331 ILE A N   1 
ATOM   523  C  CA  . ILE A 1 70  ? 0.428   8.410   -22.264 1.00 47.85  ? 331 ILE A CA  1 
ATOM   524  C  C   . ILE A 1 70  ? 0.563   6.993   -21.726 1.00 56.48  ? 331 ILE A C   1 
ATOM   525  O  O   . ILE A 1 70  ? 1.098   6.101   -22.399 1.00 51.97  ? 331 ILE A O   1 
ATOM   526  C  CB  . ILE A 1 70  ? -0.613  8.488   -23.390 1.00 48.96  ? 331 ILE A CB  1 
ATOM   527  C  CG1 . ILE A 1 70  ? -0.988  9.946   -23.666 1.00 51.34  ? 331 ILE A CG1 1 
ATOM   528  C  CG2 . ILE A 1 70  ? -1.849  7.673   -23.040 1.00 49.98  ? 331 ILE A CG2 1 
ATOM   529  C  CD1 . ILE A 1 70  ? -2.064  10.113  -24.718 1.00 67.96  ? 331 ILE A CD1 1 
ATOM   530  N  N   . GLN A 1 71  ? 0.083   6.780   -20.502 1.00 50.21  ? 332 GLN A N   1 
ATOM   531  C  CA  . GLN A 1 71  ? 0.109   5.468   -19.861 1.00 45.15  ? 332 GLN A CA  1 
ATOM   532  C  C   . GLN A 1 71  ? -1.227  5.265   -19.160 1.00 56.44  ? 332 GLN A C   1 
ATOM   533  O  O   . GLN A 1 71  ? -1.487  5.887   -18.125 1.00 52.36  ? 332 GLN A O   1 
ATOM   534  C  CB  . GLN A 1 71  ? 1.268   5.353   -18.871 1.00 47.30  ? 332 GLN A CB  1 
ATOM   535  C  CG  . GLN A 1 71  ? 1.307   4.038   -18.108 1.00 50.14  ? 332 GLN A CG  1 
ATOM   536  C  CD  . GLN A 1 71  ? 1.534   2.844   -19.013 1.00 44.77  ? 332 GLN A CD  1 
ATOM   537  O  OE1 . GLN A 1 71  ? 0.660   1.991   -19.164 1.00 59.35  ? 332 GLN A OE1 1 
ATOM   538  N  NE2 . GLN A 1 71  ? 2.714   2.775   -19.616 1.00 49.53  ? 332 GLN A NE2 1 
ATOM   539  N  N   . LYS A 1 72  ? -2.069  4.404   -19.722 1.00 59.80  ? 333 LYS A N   1 
ATOM   540  C  CA  . LYS A 1 72  ? -3.380  4.158   -19.141 1.00 41.37  ? 333 LYS A CA  1 
ATOM   541  C  C   . LYS A 1 72  ? -3.257  3.439   -17.803 1.00 49.87  ? 333 LYS A C   1 
ATOM   542  O  O   . LYS A 1 72  ? -2.281  2.734   -17.535 1.00 42.79  ? 333 LYS A O   1 
ATOM   543  C  CB  . LYS A 1 72  ? -4.246  3.333   -20.094 1.00 45.43  ? 333 LYS A CB  1 
ATOM   544  C  CG  . LYS A 1 72  ? -4.732  4.091   -21.316 1.00 44.99  ? 333 LYS A CG  1 
ATOM   545  C  CD  . LYS A 1 72  ? -5.715  3.255   -22.121 1.00 43.97  ? 333 LYS A CD  1 
ATOM   546  C  CE  . LYS A 1 72  ? -6.281  4.042   -23.291 1.00 44.83  ? 333 LYS A CE  1 
ATOM   547  N  NZ  . LYS A 1 72  ? -7.262  3.239   -24.073 1.00 84.26  ? 333 LYS A NZ  1 
ATOM   548  N  N   . PHE A 1 73  ? -4.265  3.636   -16.957 1.00 56.00  ? 334 PHE A N   1 
ATOM   549  C  CA  . PHE A 1 73  ? -4.332  2.929   -15.686 1.00 47.31  ? 334 PHE A CA  1 
ATOM   550  C  C   . PHE A 1 73  ? -4.436  1.428   -15.927 1.00 46.12  ? 334 PHE A C   1 
ATOM   551  O  O   . PHE A 1 73  ? -5.139  0.974   -16.834 1.00 44.50  ? 334 PHE A O   1 
ATOM   552  C  CB  . PHE A 1 73  ? -5.528  3.434   -14.877 1.00 39.61  ? 334 PHE A CB  1 
ATOM   553  C  CG  . PHE A 1 73  ? -5.833  2.616   -13.658 1.00 33.03  ? 334 PHE A CG  1 
ATOM   554  C  CD1 . PHE A 1 73  ? -4.901  2.481   -12.644 1.00 44.96  ? 334 PHE A CD1 1 
ATOM   555  C  CD2 . PHE A 1 73  ? -7.065  2.000   -13.516 1.00 40.86  ? 334 PHE A CD2 1 
ATOM   556  C  CE1 . PHE A 1 73  ? -5.187  1.732   -11.516 1.00 42.76  ? 334 PHE A CE1 1 
ATOM   557  C  CE2 . PHE A 1 73  ? -7.359  1.254   -12.391 1.00 34.53  ? 334 PHE A CE2 1 
ATOM   558  C  CZ  . PHE A 1 73  ? -6.417  1.120   -11.390 1.00 38.33  ? 334 PHE A CZ  1 
ATOM   559  N  N   . GLN A 1 74  ? -3.718  0.654   -15.116 1.00 35.11  ? 335 GLN A N   1 
ATOM   560  C  CA  . GLN A 1 74  ? -3.657  -0.788  -15.301 1.00 40.32  ? 335 GLN A CA  1 
ATOM   561  C  C   . GLN A 1 74  ? -3.642  -1.489  -13.952 1.00 45.03  ? 335 GLN A C   1 
ATOM   562  O  O   . GLN A 1 74  ? -2.913  -1.089  -13.040 1.00 41.69  ? 335 GLN A O   1 
ATOM   563  C  CB  . GLN A 1 74  ? -2.426  -1.192  -16.123 1.00 44.69  ? 335 GLN A CB  1 
ATOM   564  C  CG  . GLN A 1 74  ? -1.129  -0.550  -15.660 1.00 47.31  ? 335 GLN A CG  1 
ATOM   565  C  CD  . GLN A 1 74  ? 0.047   -0.906  -16.546 1.00 42.98  ? 335 GLN A CD  1 
ATOM   566  O  OE1 . GLN A 1 74  ? -0.124  -1.476  -17.623 1.00 63.89  ? 335 GLN A OE1 1 
ATOM   567  N  NE2 . GLN A 1 74  ? 1.249   -0.569  -16.096 1.00 62.95  ? 335 GLN A NE2 1 
ATOM   568  N  N   . ILE A 1 75  ? -4.452  -2.540  -13.836 1.00 49.62  ? 336 ILE A N   1 
ATOM   569  C  CA  . ILE A 1 75  ? -4.543  -3.358  -12.634 1.00 31.34  ? 336 ILE A CA  1 
ATOM   570  C  C   . ILE A 1 75  ? -3.874  -4.695  -12.917 1.00 38.36  ? 336 ILE A C   1 
ATOM   571  O  O   . ILE A 1 75  ? -4.192  -5.355  -13.913 1.00 42.31  ? 336 ILE A O   1 
ATOM   572  C  CB  . ILE A 1 75  ? -6.003  -3.563  -12.198 1.00 39.50  ? 336 ILE A CB  1 
ATOM   573  C  CG1 . ILE A 1 75  ? -6.784  -2.255  -12.309 1.00 31.45  ? 336 ILE A CG1 1 
ATOM   574  C  CG2 . ILE A 1 75  ? -6.063  -4.096  -10.775 1.00 46.81  ? 336 ILE A CG2 1 
ATOM   575  C  CD1 . ILE A 1 75  ? -8.267  -2.419  -12.075 1.00 32.28  ? 336 ILE A CD1 1 
ATOM   576  N  N   . HIS A 1 76  ? -2.950  -5.091  -12.046 1.00 47.63  ? 337 HIS A N   1 
ATOM   577  C  CA  . HIS A 1 76  ? -2.219  -6.339  -12.188 1.00 35.05  ? 337 HIS A CA  1 
ATOM   578  C  C   . HIS A 1 76  ? -2.540  -7.268  -11.025 1.00 45.74  ? 337 HIS A C   1 
ATOM   579  O  O   . HIS A 1 76  ? -2.884  -6.818  -9.930  1.00 45.60  ? 337 HIS A O   1 
ATOM   580  C  CB  . HIS A 1 76  ? -0.706  -6.093  -12.265 1.00 38.07  ? 337 HIS A CB  1 
ATOM   581  C  CG  . HIS A 1 76  ? -0.264  -5.448  -13.542 1.00 58.60  ? 337 HIS A CG  1 
ATOM   582  N  ND1 . HIS A 1 76  ? -0.822  -4.283  -14.022 1.00 71.01  ? 337 HIS A ND1 1 
ATOM   583  C  CD2 . HIS A 1 76  ? 0.685   -5.806  -14.441 1.00 49.32  ? 337 HIS A CD2 1 
ATOM   584  C  CE1 . HIS A 1 76  ? -0.236  -3.951  -15.159 1.00 66.34  ? 337 HIS A CE1 1 
ATOM   585  N  NE2 . HIS A 1 76  ? 0.682   -4.859  -15.435 1.00 50.80  ? 337 HIS A NE2 1 
ATOM   586  N  N   . ARG A 1 77  ? -2.429  -8.571  -11.272 1.00 46.68  ? 338 ARG A N   1 
ATOM   587  C  CA  . ARG A 1 77  ? -2.770  -9.578  -10.275 1.00 43.99  ? 338 ARG A CA  1 
ATOM   588  C  C   . ARG A 1 77  ? -1.529  -9.937  -9.468  1.00 46.69  ? 338 ARG A C   1 
ATOM   589  O  O   . ARG A 1 77  ? -0.537  -10.420 -10.025 1.00 50.85  ? 338 ARG A O   1 
ATOM   590  C  CB  . ARG A 1 77  ? -3.359  -10.823 -10.936 1.00 44.13  ? 338 ARG A CB  1 
ATOM   591  C  CG  . ARG A 1 77  ? -3.957  -11.816 -9.950  1.00 45.82  ? 338 ARG A CG  1 
ATOM   592  C  CD  . ARG A 1 77  ? -4.490  -13.050 -10.657 1.00 55.03  ? 338 ARG A CD  1 
ATOM   593  N  NE  . ARG A 1 77  ? -3.417  -13.842 -11.251 1.00 67.01  ? 338 ARG A NE  1 
ATOM   594  C  CZ  . ARG A 1 77  ? -3.615  -14.898 -12.035 1.00 73.14  ? 338 ARG A CZ  1 
ATOM   595  N  NH1 . ARG A 1 77  ? -2.579  -15.559 -12.531 1.00 62.96  ? 338 ARG A NH1 1 
ATOM   596  N  NH2 . ARG A 1 77  ? -4.849  -15.289 -12.323 1.00 80.97  ? 338 ARG A NH2 1 
ATOM   597  N  N   . ASP A 1 78  ? -1.590  -9.709  -8.158  1.00 41.97  ? 339 ASP A N   1 
ATOM   598  C  CA  . ASP A 1 78  ? -0.476  -10.018 -7.264  1.00 45.45  ? 339 ASP A CA  1 
ATOM   599  C  C   . ASP A 1 78  ? -0.625  -11.467 -6.814  1.00 42.47  ? 339 ASP A C   1 
ATOM   600  O  O   . ASP A 1 78  ? -1.451  -11.783 -5.954  1.00 45.47  ? 339 ASP A O   1 
ATOM   601  C  CB  . ASP A 1 78  ? -0.453  -9.055  -6.081  1.00 41.64  ? 339 ASP A CB  1 
ATOM   602  C  CG  . ASP A 1 78  ? 0.888   -9.028  -5.372  1.00 45.01  ? 339 ASP A CG  1 
ATOM   603  O  OD1 . ASP A 1 78  ? 1.567   -10.076 -5.330  1.00 57.12  ? 339 ASP A OD1 1 
ATOM   604  O  OD2 . ASP A 1 78  ? 1.265   -7.954  -4.857  1.00 45.62  ? 339 ASP A OD2 1 
ATOM   605  N  N   . ASP A 1 79  ? 0.174   -12.353 -7.403  1.00 47.70  ? 340 ASP A N   1 
ATOM   606  C  CA  . ASP A 1 79  ? 0.119   -13.783 -7.095  1.00 50.97  ? 340 ASP A CA  1 
ATOM   607  C  C   . ASP A 1 79  ? 1.145   -14.171 -6.034  1.00 58.58  ? 340 ASP A C   1 
ATOM   608  O  O   . ASP A 1 79  ? 1.891   -15.137 -6.186  1.00 76.68  ? 340 ASP A O   1 
ATOM   609  C  CB  . ASP A 1 79  ? 0.321   -14.598 -8.368  1.00 44.23  ? 340 ASP A CB  1 
ATOM   610  C  CG  . ASP A 1 79  ? -0.885  -14.558 -9.286  1.00 65.58  ? 340 ASP A CG  1 
ATOM   611  O  OD1 . ASP A 1 79  ? -2.025  -14.532 -8.774  1.00 58.26  ? 340 ASP A OD1 1 
ATOM   612  O  OD2 . ASP A 1 79  ? -0.693  -14.557 -10.520 1.00 70.09  ? 340 ASP A OD2 1 
ATOM   613  N  N   . ARG A 1 80  ? 1.186   -13.411 -4.944  1.00 48.02  ? 341 ARG A N   1 
ATOM   614  C  CA  . ARG A 1 80  ? 2.119   -13.677 -3.857  1.00 57.44  ? 341 ARG A CA  1 
ATOM   615  C  C   . ARG A 1 80  ? 1.417   -14.061 -2.565  1.00 44.91  ? 341 ARG A C   1 
ATOM   616  O  O   . ARG A 1 80  ? 1.814   -15.037 -1.918  1.00 59.24  ? 341 ARG A O   1 
ATOM   617  C  CB  . ARG A 1 80  ? 3.028   -12.456 -3.628  1.00 48.06  ? 341 ARG A CB  1 
ATOM   618  C  CG  . ARG A 1 80  ? 4.061   -12.253 -4.727  1.00 42.99  ? 341 ARG A CG  1 
ATOM   619  C  CD  . ARG A 1 80  ? 4.983   -11.078 -4.441  1.00 48.54  ? 341 ARG A CD  1 
ATOM   620  N  NE  . ARG A 1 80  ? 4.303   -9.794  -4.571  1.00 68.82  ? 341 ARG A NE  1 
ATOM   621  C  CZ  . ARG A 1 80  ? 4.919   -8.616  -4.546  1.00 57.45  ? 341 ARG A CZ  1 
ATOM   622  N  NH1 . ARG A 1 80  ? 4.220   -7.496  -4.673  1.00 54.37  ? 341 ARG A NH1 1 
ATOM   623  N  NH2 . ARG A 1 80  ? 6.236   -8.558  -4.400  1.00 66.13  ? 341 ARG A NH2 1 
ATOM   624  N  N   . SER A 1 81  ? 0.378   -13.327 -2.175  1.00 53.71  ? 342 SER A N   1 
ATOM   625  C  CA  . SER A 1 81  ? -0.353  -13.631 -0.954  1.00 36.43  ? 342 SER A CA  1 
ATOM   626  C  C   . SER A 1 81  ? -1.681  -12.892 -0.972  1.00 38.37  ? 342 SER A C   1 
ATOM   627  O  O   . SER A 1 81  ? -1.748  -11.731 -1.382  1.00 45.38  ? 342 SER A O   1 
ATOM   628  C  CB  . SER A 1 81  ? 0.449   -13.236 0.292   1.00 41.38  ? 342 SER A CB  1 
ATOM   629  O  OG  . SER A 1 81  ? -0.320  -13.417 1.469   1.00 55.56  ? 342 SER A OG  1 
ATOM   630  N  N   . THR A 1 82  ? -2.735  -13.575 -0.527  1.00 43.24  ? 343 THR A N   1 
ATOM   631  C  CA  . THR A 1 82  ? -4.032  -12.938 -0.351  1.00 34.00  ? 343 THR A CA  1 
ATOM   632  C  C   . THR A 1 82  ? -4.109  -12.113 0.926   1.00 37.13  ? 343 THR A C   1 
ATOM   633  O  O   . THR A 1 82  ? -5.105  -11.412 1.134   1.00 35.93  ? 343 THR A O   1 
ATOM   634  C  CB  . THR A 1 82  ? -5.145  -13.991 -0.345  1.00 47.49  ? 343 THR A CB  1 
ATOM   635  O  OG1 . THR A 1 82  ? -4.954  -14.886 0.759   1.00 59.77  ? 343 THR A OG1 1 
ATOM   636  C  CG2 . THR A 1 82  ? -5.135  -14.787 -1.641  1.00 39.80  ? 343 THR A CG2 1 
ATOM   637  N  N   . ASP A 1 83  ? -3.087  -12.180 1.777   1.00 44.71  ? 344 ASP A N   1 
ATOM   638  C  CA  . ASP A 1 83  ? -3.063  -11.466 3.046   1.00 50.99  ? 344 ASP A CA  1 
ATOM   639  C  C   . ASP A 1 83  ? -2.165  -10.234 3.011   1.00 62.80  ? 344 ASP A C   1 
ATOM   640  O  O   . ASP A 1 83  ? -1.926  -9.625  4.060   1.00 64.37  ? 344 ASP A O   1 
ATOM   641  C  CB  . ASP A 1 83  ? -2.618  -12.406 4.168   1.00 52.45  ? 344 ASP A CB  1 
ATOM   642  C  CG  . ASP A 1 83  ? -3.556  -13.589 4.349   1.00 62.58  ? 344 ASP A CG  1 
ATOM   643  O  OD1 . ASP A 1 83  ? -4.646  -13.591 3.736   1.00 56.06  ? 344 ASP A OD1 1 
ATOM   644  O  OD2 . ASP A 1 83  ? -3.203  -14.520 5.104   1.00 61.40  ? 344 ASP A OD2 1 
ATOM   645  N  N   . ARG A 1 84  ? -1.662  -9.856  1.840   0.79 46.21  ? 345 ARG A N   1 
ATOM   646  C  CA  . ARG A 1 84  ? -0.827  -8.673  1.693   1.00 52.76  ? 345 ARG A CA  1 
ATOM   647  C  C   . ARG A 1 84  ? -1.656  -7.499  1.183   0.90 47.28  ? 345 ARG A C   1 
ATOM   648  O  O   . ARG A 1 84  ? -2.708  -7.670  0.564   1.00 52.08  ? 345 ARG A O   1 
ATOM   649  C  CB  . ARG A 1 84  ? 0.346   -8.942  0.744   1.00 41.90  ? 345 ARG A CB  1 
ATOM   650  C  CG  . ARG A 1 84  ? -0.048  -9.116  -0.711  1.00 50.65  ? 345 ARG A CG  1 
ATOM   651  C  CD  . ARG A 1 84  ? 1.140   -9.514  -1.582  1.00 46.88  ? 345 ARG A CD  1 
ATOM   652  N  NE  . ARG A 1 84  ? 2.148   -8.461  -1.676  1.00 49.87  ? 345 ARG A NE  1 
ATOM   653  C  CZ  . ARG A 1 84  ? 3.292   -8.456  -0.999  1.00 61.53  ? 345 ARG A CZ  1 
ATOM   654  N  NH1 . ARG A 1 84  ? 4.148   -7.454  -1.148  1.00 31.16  ? 345 ARG A NH1 1 
ATOM   655  N  NH2 . ARG A 1 84  ? 3.582   -9.454  -0.175  1.00 63.29  ? 345 ARG A NH2 1 
ATOM   656  N  N   . LEU A 1 85  ? -1.160  -6.296  1.456   1.00 46.38  ? 346 LEU A N   1 
ATOM   657  C  CA  . LEU A 1 85  ? -1.856  -5.078  1.081   1.00 41.30  ? 346 LEU A CA  1 
ATOM   658  C  C   . LEU A 1 85  ? -1.610  -4.742  -0.386  1.00 43.50  ? 346 LEU A C   1 
ATOM   659  O  O   . LEU A 1 85  ? -0.618  -5.177  -0.976  1.00 57.32  ? 346 LEU A O   1 
ATOM   660  C  CB  . LEU A 1 85  ? -1.405  -3.920  1.968   1.00 45.93  ? 346 LEU A CB  1 
ATOM   661  C  CG  . LEU A 1 85  ? -1.904  -3.899  3.416   1.00 51.97  ? 346 LEU A CG  1 
ATOM   662  C  CD1 . LEU A 1 85  ? -1.074  -4.810  4.313   1.00 59.18  ? 346 LEU A CD1 1 
ATOM   663  C  CD2 . LEU A 1 85  ? -1.919  -2.476  3.956   1.00 56.37  ? 346 LEU A CD2 1 
ATOM   664  N  N   . PRO A 1 86  ? -2.510  -3.978  -1.004  1.00 49.21  ? 347 PRO A N   1 
ATOM   665  C  CA  . PRO A 1 86  ? -2.272  -3.537  -2.383  1.00 36.57  ? 347 PRO A CA  1 
ATOM   666  C  C   . PRO A 1 86  ? -1.074  -2.605  -2.463  1.00 36.61  ? 347 PRO A C   1 
ATOM   667  O  O   . PRO A 1 86  ? -0.726  -1.916  -1.501  1.00 41.17  ? 347 PRO A O   1 
ATOM   668  C  CB  . PRO A 1 86  ? -3.567  -2.805  -2.756  1.00 47.07  ? 347 PRO A CB  1 
ATOM   669  C  CG  . PRO A 1 86  ? -4.587  -3.281  -1.770  1.00 36.35  ? 347 PRO A CG  1 
ATOM   670  C  CD  . PRO A 1 86  ? -3.833  -3.557  -0.511  1.00 41.13  ? 347 PRO A CD  1 
ATOM   671  N  N   . SER A 1 87  ? -0.439  -2.592  -3.632  1.00 43.37  ? 348 SER A N   1 
ATOM   672  C  CA  . SER A 1 87  ? 0.710   -1.731  -3.872  1.00 41.09  ? 348 SER A CA  1 
ATOM   673  C  C   . SER A 1 87  ? 0.603   -1.124  -5.264  1.00 46.56  ? 348 SER A C   1 
ATOM   674  O  O   . SER A 1 87  ? -0.106  -1.634  -6.135  1.00 36.68  ? 348 SER A O   1 
ATOM   675  C  CB  . SER A 1 87  ? 2.035   -2.492  -3.715  1.00 34.42  ? 348 SER A CB  1 
ATOM   676  O  OG  . SER A 1 87  ? 2.089   -3.616  -4.574  1.00 54.66  ? 348 SER A OG  1 
ATOM   677  N  N   . ALA A 1 88  ? 1.316   -0.015  -5.460  1.00 55.19  ? 349 ALA A N   1 
ATOM   678  C  CA  . ALA A 1 88  ? 1.295   0.719   -6.716  1.00 49.05  ? 349 ALA A CA  1 
ATOM   679  C  C   . ALA A 1 88  ? 2.717   1.003   -7.176  1.00 54.87  ? 349 ALA A C   1 
ATOM   680  O  O   . ALA A 1 88  ? 3.651   1.051   -6.370  1.00 56.77  ? 349 ALA A O   1 
ATOM   681  C  CB  . ALA A 1 88  ? 0.521   2.036   -6.585  1.00 40.35  ? 349 ALA A CB  1 
ATOM   682  N  N   . HIS A 1 89  ? 2.872   1.197   -8.485  1.00 55.97  ? 350 HIS A N   1 
ATOM   683  C  CA  . HIS A 1 89  ? 4.172   1.459   -9.088  1.00 54.45  ? 350 HIS A CA  1 
ATOM   684  C  C   . HIS A 1 89  ? 4.302   2.865   -9.657  1.00 61.22  ? 350 HIS A C   1 
ATOM   685  O  O   . HIS A 1 89  ? 5.359   3.197   -10.204 1.00 82.35  ? 350 HIS A O   1 
ATOM   686  C  CB  . HIS A 1 89  ? 4.466   0.424   -10.180 1.00 44.81  ? 350 HIS A CB  1 
ATOM   687  C  CG  . HIS A 1 89  ? 4.822   -0.928  -9.644  1.00 42.83  ? 350 HIS A CG  1 
ATOM   688  N  ND1 . HIS A 1 89  ? 6.102   -1.260  -9.257  1.00 51.21  ? 350 HIS A ND1 1 
ATOM   689  C  CD2 . HIS A 1 89  ? 4.064   -2.027  -9.420  1.00 63.45  ? 350 HIS A CD2 1 
ATOM   690  C  CE1 . HIS A 1 89  ? 6.119   -2.509  -8.824  1.00 54.86  ? 350 HIS A CE1 1 
ATOM   691  N  NE2 . HIS A 1 89  ? 4.895   -2.996  -8.912  1.00 61.13  ? 350 HIS A NE2 1 
ATOM   692  N  N   . THR A 1 90  ? 3.262   3.695   -9.544  1.00 46.33  ? 351 THR A N   1 
ATOM   693  C  CA  . THR A 1 90  ? 3.304   5.126   -9.855  1.00 65.57  ? 351 THR A CA  1 
ATOM   694  C  C   . THR A 1 90  ? 3.920   5.456   -11.212 1.00 56.44  ? 351 THR A C   1 
ATOM   695  O  O   . THR A 1 90  ? 3.236   6.003   -12.083 1.00 55.46  ? 351 THR A O   1 
ATOM   696  C  CB  . THR A 1 90  ? 4.052   5.888   -8.756  1.00 45.74  ? 351 THR A CB  1 
ATOM   697  O  OG1 . THR A 1 90  ? 5.405   5.423   -8.673  1.00 79.46  ? 351 THR A OG1 1 
ATOM   698  C  CG2 . THR A 1 90  ? 3.364   5.692   -7.413  1.00 52.43  ? 351 THR A CG2 1 
ATOM   699  N  N   . CYS A 1 91  ? 5.213   5.161   -11.385 1.00 67.36  ? 352 CYS A N   1 
ATOM   700  C  CA  . CYS A 1 91  ? 5.886   5.410   -12.659 1.00 58.09  ? 352 CYS A CA  1 
ATOM   701  C  C   . CYS A 1 91  ? 5.085   4.839   -13.821 1.00 54.95  ? 352 CYS A C   1 
ATOM   702  O  O   . CYS A 1 91  ? 4.909   5.491   -14.858 1.00 59.96  ? 352 CYS A O   1 
ATOM   703  C  CB  . CYS A 1 91  ? 7.296   4.815   -12.627 1.00 52.46  ? 352 CYS A CB  1 
ATOM   704  S  SG  . CYS A 1 91  ? 8.532   5.858   -11.817 1.00 66.99  ? 352 CYS A SG  1 
ATOM   705  N  N   . PHE A 1 92  ? 4.591   3.619   -13.662 1.00 61.84  ? 353 PHE A N   1 
ATOM   706  C  CA  . PHE A 1 92  ? 3.569   3.050   -14.528 1.00 44.51  ? 353 PHE A CA  1 
ATOM   707  C  C   . PHE A 1 92  ? 2.288   2.995   -13.710 1.00 54.67  ? 353 PHE A C   1 
ATOM   708  O  O   . PHE A 1 92  ? 2.242   2.324   -12.674 1.00 77.55  ? 353 PHE A O   1 
ATOM   709  C  CB  . PHE A 1 92  ? 3.972   1.661   -15.020 1.00 45.57  ? 353 PHE A CB  1 
ATOM   710  C  CG  . PHE A 1 92  ? 5.411   1.566   -15.443 1.00 52.93  ? 353 PHE A CG  1 
ATOM   711  C  CD1 . PHE A 1 92  ? 5.778   1.794   -16.760 1.00 47.78  ? 353 PHE A CD1 1 
ATOM   712  C  CD2 . PHE A 1 92  ? 6.399   1.258   -14.521 1.00 49.36  ? 353 PHE A CD2 1 
ATOM   713  C  CE1 . PHE A 1 92  ? 7.102   1.711   -17.147 1.00 54.96  ? 353 PHE A CE1 1 
ATOM   714  C  CE2 . PHE A 1 92  ? 7.723   1.177   -14.902 1.00 42.46  ? 353 PHE A CE2 1 
ATOM   715  C  CZ  . PHE A 1 92  ? 8.075   1.405   -16.216 1.00 53.33  ? 353 PHE A CZ  1 
ATOM   716  N  N   . ASN A 1 93  ? 1.265   3.725   -14.157 1.00 45.56  ? 354 ASN A N   1 
ATOM   717  C  CA  . ASN A 1 93  ? 0.022   3.852   -13.402 1.00 49.48  ? 354 ASN A CA  1 
ATOM   718  C  C   . ASN A 1 93  ? -0.611  2.488   -13.156 1.00 46.19  ? 354 ASN A C   1 
ATOM   719  O  O   . ASN A 1 93  ? -1.677  2.178   -13.696 1.00 48.28  ? 354 ASN A O   1 
ATOM   720  C  CB  . ASN A 1 93  ? -0.944  4.776   -14.141 1.00 58.95  ? 354 ASN A CB  1 
ATOM   721  C  CG  . ASN A 1 93  ? -0.329  6.128   -14.449 1.00 46.84  ? 354 ASN A CG  1 
ATOM   722  O  OD1 . ASN A 1 93  ? 0.363   6.709   -13.615 1.00 47.96  ? 354 ASN A OD1 1 
ATOM   723  N  ND2 . ASN A 1 93  ? -0.567  6.628   -15.656 1.00 45.75  ? 354 ASN A ND2 1 
ATOM   724  N  N   . GLN A 1 94  ? 0.040   1.677   -12.325 1.00 40.33  ? 355 GLN A N   1 
ATOM   725  C  CA  . GLN A 1 94  ? -0.303  0.278   -12.131 1.00 36.04  ? 355 GLN A CA  1 
ATOM   726  C  C   . GLN A 1 94  ? -0.614  0.014   -10.667 1.00 41.43  ? 355 GLN A C   1 
ATOM   727  O  O   . GLN A 1 94  ? 0.101   0.482   -9.774  1.00 31.57  ? 355 GLN A O   1 
ATOM   728  C  CB  . GLN A 1 94  ? 0.844   -0.631  -12.596 1.00 36.67  ? 355 GLN A CB  1 
ATOM   729  C  CG  . GLN A 1 94  ? 0.726   -2.076  -12.143 1.00 56.14  ? 355 GLN A CG  1 
ATOM   730  C  CD  . GLN A 1 94  ? 1.860   -2.943  -12.653 1.00 47.33  ? 355 GLN A CD  1 
ATOM   731  O  OE1 . GLN A 1 94  ? 2.401   -2.705  -13.733 1.00 48.35  ? 355 GLN A OE1 1 
ATOM   732  N  NE2 . GLN A 1 94  ? 2.231   -3.953  -11.873 1.00 35.16  ? 355 GLN A NE2 1 
ATOM   733  N  N   . LEU A 1 95  ? -1.682  -0.739  -10.427 1.00 44.19  ? 356 LEU A N   1 
ATOM   734  C  CA  . LEU A 1 95  ? -2.086  -1.147  -9.089  1.00 35.38  ? 356 LEU A CA  1 
ATOM   735  C  C   . LEU A 1 95  ? -1.893  -2.652  -8.956  1.00 37.45  ? 356 LEU A C   1 
ATOM   736  O  O   . LEU A 1 95  ? -2.449  -3.421  -9.747  1.00 38.37  ? 356 LEU A O   1 
ATOM   737  C  CB  . LEU A 1 95  ? -3.543  -0.769  -8.819  1.00 41.69  ? 356 LEU A CB  1 
ATOM   738  C  CG  . LEU A 1 95  ? -4.205  -1.459  -7.624  1.00 33.66  ? 356 LEU A CG  1 
ATOM   739  C  CD1 . LEU A 1 95  ? -3.702  -0.883  -6.304  1.00 32.56  ? 356 LEU A CD1 1 
ATOM   740  C  CD2 . LEU A 1 95  ? -5.714  -1.359  -7.724  1.00 31.66  ? 356 LEU A CD2 1 
ATOM   741  N  N   . ASP A 1 96  ? -1.109  -3.068  -7.965  1.00 40.22  ? 357 ASP A N   1 
ATOM   742  C  CA  . ASP A 1 96  ? -0.953  -4.486  -7.663  1.00 35.95  ? 357 ASP A CA  1 
ATOM   743  C  C   . ASP A 1 96  ? -2.091  -4.914  -6.745  1.00 36.59  ? 357 ASP A C   1 
ATOM   744  O  O   . ASP A 1 96  ? -2.190  -4.450  -5.604  1.00 35.03  ? 357 ASP A O   1 
ATOM   745  C  CB  . ASP A 1 96  ? 0.404   -4.760  -7.023  1.00 37.09  ? 357 ASP A CB  1 
ATOM   746  C  CG  . ASP A 1 96  ? 1.550   -4.619  -8.002  1.00 48.37  ? 357 ASP A CG  1 
ATOM   747  O  OD1 . ASP A 1 96  ? 1.338   -4.874  -9.206  1.00 47.48  ? 357 ASP A OD1 1 
ATOM   748  O  OD2 . ASP A 1 96  ? 2.664   -4.253  -7.567  1.00 53.62  ? 357 ASP A OD2 1 
ATOM   749  N  N   . LEU A 1 97  ? -2.954  -5.789  -7.245  1.00 33.75  ? 358 LEU A N   1 
ATOM   750  C  CA  . LEU A 1 97  ? -4.131  -6.248  -6.510  1.00 36.63  ? 358 LEU A CA  1 
ATOM   751  C  C   . LEU A 1 97  ? -4.061  -7.751  -6.293  1.00 34.14  ? 358 LEU A C   1 
ATOM   752  O  O   . LEU A 1 97  ? -4.106  -8.519  -7.274  1.00 36.06  ? 358 LEU A O   1 
ATOM   753  C  CB  . LEU A 1 97  ? -5.404  -5.876  -7.267  1.00 30.14  ? 358 LEU A CB  1 
ATOM   754  C  CG  . LEU A 1 97  ? -6.736  -6.222  -6.602  1.00 35.76  ? 358 LEU A CG  1 
ATOM   755  C  CD1 . LEU A 1 97  ? -6.859  -5.532  -5.254  1.00 30.93  ? 358 LEU A CD1 1 
ATOM   756  C  CD2 . LEU A 1 97  ? -7.894  -5.844  -7.513  1.00 29.68  ? 358 LEU A CD2 1 
ATOM   757  N  N   . PRO A 1 98  ? -3.936  -8.221  -5.055  1.00 38.31  ? 359 PRO A N   1 
ATOM   758  C  CA  . PRO A 1 98  ? -3.978  -9.666  -4.808  1.00 42.55  ? 359 PRO A CA  1 
ATOM   759  C  C   . PRO A 1 98  ? -5.371  -10.230 -5.044  1.00 43.02  ? 359 PRO A C   1 
ATOM   760  O  O   . PRO A 1 98  ? -6.374  -9.514  -5.061  1.00 42.00  ? 359 PRO A O   1 
ATOM   761  C  CB  . PRO A 1 98  ? -3.573  -9.790  -3.333  1.00 43.37  ? 359 PRO A CB  1 
ATOM   762  C  CG  . PRO A 1 98  ? -2.886  -8.496  -3.009  1.00 32.26  ? 359 PRO A CG  1 
ATOM   763  C  CD  . PRO A 1 98  ? -3.572  -7.465  -3.847  1.00 31.28  ? 359 PRO A CD  1 
ATOM   764  N  N   . ALA A 1 99  ? -5.420  -11.551 -5.230  1.00 52.66  ? 360 ALA A N   1 
ATOM   765  C  CA  . ALA A 1 99  ? -6.676  -12.257 -5.485  1.00 49.67  ? 360 ALA A CA  1 
ATOM   766  C  C   . ALA A 1 99  ? -7.408  -12.446 -4.160  1.00 44.97  ? 360 ALA A C   1 
ATOM   767  O  O   . ALA A 1 99  ? -7.437  -13.528 -3.569  1.00 53.65  ? 360 ALA A O   1 
ATOM   768  C  CB  . ALA A 1 99  ? -6.415  -13.586 -6.181  1.00 48.96  ? 360 ALA A CB  1 
ATOM   769  N  N   . TYR A 1 100 ? -8.017  -11.360 -3.692  1.00 44.02  ? 361 TYR A N   1 
ATOM   770  C  CA  . TYR A 1 100 ? -8.712  -11.378 -2.414  1.00 39.74  ? 361 TYR A CA  1 
ATOM   771  C  C   . TYR A 1 100 ? -9.929  -12.297 -2.471  1.00 43.12  ? 361 TYR A C   1 
ATOM   772  O  O   . TYR A 1 100 ? -10.548 -12.484 -3.521  1.00 43.76  ? 361 TYR A O   1 
ATOM   773  C  CB  . TYR A 1 100 ? -9.131  -9.962  -2.018  1.00 37.61  ? 361 TYR A CB  1 
ATOM   774  C  CG  . TYR A 1 100 ? -7.965  -9.069  -1.652  1.00 38.60  ? 361 TYR A CG  1 
ATOM   775  C  CD1 . TYR A 1 100 ? -6.937  -9.535  -0.843  1.00 42.98  ? 361 TYR A CD1 1 
ATOM   776  C  CD2 . TYR A 1 100 ? -7.886  -7.766  -2.128  1.00 42.22  ? 361 TYR A CD2 1 
ATOM   777  C  CE1 . TYR A 1 100 ? -5.868  -8.726  -0.507  1.00 39.58  ? 361 TYR A CE1 1 
ATOM   778  C  CE2 . TYR A 1 100 ? -6.819  -6.949  -1.797  1.00 40.83  ? 361 TYR A CE2 1 
ATOM   779  C  CZ  . TYR A 1 100 ? -5.814  -7.435  -0.988  1.00 46.00  ? 361 TYR A CZ  1 
ATOM   780  O  OH  . TYR A 1 100 ? -4.750  -6.630  -0.655  1.00 56.22  ? 361 TYR A OH  1 
ATOM   781  N  N   . GLU A 1 101 ? -10.266 -12.873 -1.316  1.00 47.24  ? 362 GLU A N   1 
ATOM   782  C  CA  . GLU A 1 101 ? -11.307 -13.890 -1.253  1.00 41.93  ? 362 GLU A CA  1 
ATOM   783  C  C   . GLU A 1 101 ? -12.716 -13.311 -1.272  1.00 53.02  ? 362 GLU A C   1 
ATOM   784  O  O   . GLU A 1 101 ? -13.651 -14.016 -1.666  1.00 56.80  ? 362 GLU A O   1 
ATOM   785  C  CB  . GLU A 1 101 ? -11.127 -14.747 0.004   1.00 42.90  ? 362 GLU A CB  1 
ATOM   786  C  CG  . GLU A 1 101 ? -9.932  -15.697 -0.037  1.00 52.29  ? 362 GLU A CG  1 
ATOM   787  C  CD  . GLU A 1 101 ? -8.624  -15.038 0.373   1.00 68.28  ? 362 GLU A CD  1 
ATOM   788  O  OE1 . GLU A 1 101 ? -8.545  -13.790 0.367   1.00 57.61  ? 362 GLU A OE1 1 
ATOM   789  O  OE2 . GLU A 1 101 ? -7.673  -15.775 0.710   1.00 63.20  ? 362 GLU A OE2 1 
ATOM   790  N  N   . SER A 1 102 ? -12.895 -12.058 -0.861  1.00 48.17  ? 363 SER A N   1 
ATOM   791  C  CA  . SER A 1 102 ? -14.224 -11.473 -0.773  1.00 38.73  ? 363 SER A CA  1 
ATOM   792  C  C   . SER A 1 102 ? -14.174 -10.010 -1.189  1.00 48.78  ? 363 SER A C   1 
ATOM   793  O  O   . SER A 1 102 ? -13.119 -9.371  -1.176  1.00 54.11  ? 363 SER A O   1 
ATOM   794  C  CB  . SER A 1 102 ? -14.802 -11.596 0.643   1.00 47.57  ? 363 SER A CB  1 
ATOM   795  O  OG  . SER A 1 102 ? -13.999 -10.903 1.582   1.00 61.71  ? 363 SER A OG  1 
ATOM   796  N  N   . PHE A 1 103 ? -15.343 -9.488  -1.567  1.00 44.43  ? 364 PHE A N   1 
ATOM   797  C  CA  . PHE A 1 103 ? -15.455 -8.069  -1.887  1.00 51.09  ? 364 PHE A CA  1 
ATOM   798  C  C   . PHE A 1 103 ? -15.167 -7.206  -0.666  1.00 46.83  ? 364 PHE A C   1 
ATOM   799  O  O   . PHE A 1 103 ? -14.520 -6.157  -0.773  1.00 50.24  ? 364 PHE A O   1 
ATOM   800  C  CB  . PHE A 1 103 ? -16.848 -7.768  -2.443  1.00 38.05  ? 364 PHE A CB  1 
ATOM   801  C  CG  . PHE A 1 103 ? -17.211 -6.310  -2.418  1.00 43.73  ? 364 PHE A CG  1 
ATOM   802  C  CD1 . PHE A 1 103 ? -16.714 -5.441  -3.375  1.00 54.23  ? 364 PHE A CD1 1 
ATOM   803  C  CD2 . PHE A 1 103 ? -18.053 -5.809  -1.438  1.00 36.55  ? 364 PHE A CD2 1 
ATOM   804  C  CE1 . PHE A 1 103 ? -17.047 -4.099  -3.352  1.00 41.61  ? 364 PHE A CE1 1 
ATOM   805  C  CE2 . PHE A 1 103 ? -18.389 -4.470  -1.411  1.00 37.30  ? 364 PHE A CE2 1 
ATOM   806  C  CZ  . PHE A 1 103 ? -17.886 -3.614  -2.370  1.00 35.46  ? 364 PHE A CZ  1 
ATOM   807  N  N   . GLU A 1 104 ? -15.646 -7.634  0.505   1.00 38.17  ? 365 GLU A N   1 
ATOM   808  C  CA  . GLU A 1 104 ? -15.417 -6.875  1.730   1.00 41.68  ? 365 GLU A CA  1 
ATOM   809  C  C   . GLU A 1 104 ? -13.930 -6.768  2.043   1.00 46.23  ? 365 GLU A C   1 
ATOM   810  O  O   . GLU A 1 104 ? -13.450 -5.708  2.463   1.00 36.33  ? 365 GLU A O   1 
ATOM   811  C  CB  . GLU A 1 104 ? -16.166 -7.533  2.888   1.00 39.81  ? 365 GLU A CB  1 
ATOM   812  C  CG  . GLU A 1 104 ? -16.110 -6.773  4.198   1.00 57.06  ? 365 GLU A CG  1 
ATOM   813  C  CD  . GLU A 1 104 ? -16.831 -7.505  5.311   1.00 66.73  ? 365 GLU A CD  1 
ATOM   814  O  OE1 . GLU A 1 104 ? -16.980 -8.740  5.205   1.00 65.94  ? 365 GLU A OE1 1 
ATOM   815  O  OE2 . GLU A 1 104 ? -17.255 -6.848  6.285   1.00 78.75  ? 365 GLU A OE2 1 
ATOM   816  N  N   . LYS A 1 105 ? -13.183 -7.855  1.838   1.00 40.55  ? 366 LYS A N   1 
ATOM   817  C  CA  . LYS A 1 105 ? -11.746 -7.817  2.087   1.00 43.25  ? 366 LYS A CA  1 
ATOM   818  C  C   . LYS A 1 105 ? -11.039 -6.914  1.084   1.00 43.28  ? 366 LYS A C   1 
ATOM   819  O  O   . LYS A 1 105 ? -10.113 -6.180  1.449   1.00 40.50  ? 366 LYS A O   1 
ATOM   820  C  CB  . LYS A 1 105 ? -11.169 -9.232  2.040   1.00 38.12  ? 366 LYS A CB  1 
ATOM   821  C  CG  . LYS A 1 105 ? -9.704  -9.321  2.433   1.00 38.14  ? 366 LYS A CG  1 
ATOM   822  C  CD  . LYS A 1 105 ? -9.236  -10.766 2.471   1.00 49.66  ? 366 LYS A CD  1 
ATOM   823  C  CE  . LYS A 1 105 ? -7.789  -10.870 2.913   1.00 40.85  ? 366 LYS A CE  1 
ATOM   824  N  NZ  . LYS A 1 105 ? -7.333  -12.288 2.969   1.00 53.28  ? 366 LYS A NZ  1 
ATOM   825  N  N   . LEU A 1 106 ? -11.464 -6.948  -0.182  1.00 46.16  ? 367 LEU A N   1 
ATOM   826  C  CA  . LEU A 1 106 ? -10.850 -6.089  -1.189  1.00 44.12  ? 367 LEU A CA  1 
ATOM   827  C  C   . LEU A 1 106 ? -11.096 -4.617  -0.880  1.00 45.87  ? 367 LEU A C   1 
ATOM   828  O  O   . LEU A 1 106 ? -10.177 -3.794  -0.971  1.00 45.46  ? 367 LEU A O   1 
ATOM   829  C  CB  . LEU A 1 106 ? -11.380 -6.449  -2.579  1.00 44.83  ? 367 LEU A CB  1 
ATOM   830  C  CG  . LEU A 1 106 ? -10.805 -5.701  -3.787  1.00 38.66  ? 367 LEU A CG  1 
ATOM   831  C  CD1 . LEU A 1 106 ? -10.670 -6.635  -4.978  1.00 27.64  ? 367 LEU A CD1 1 
ATOM   832  C  CD2 . LEU A 1 106 ? -11.671 -4.503  -4.156  1.00 42.45  ? 367 LEU A CD2 1 
ATOM   833  N  N   . ARG A 1 107 ? -12.332 -4.267  -0.516  1.00 47.12  ? 368 ARG A N   1 
ATOM   834  C  CA  . ARG A 1 107 ? -12.637 -2.880  -0.182  1.00 45.36  ? 368 ARG A CA  1 
ATOM   835  C  C   . ARG A 1 107 ? -11.908 -2.442  1.082   1.00 48.79  ? 368 ARG A C   1 
ATOM   836  O  O   . ARG A 1 107 ? -11.424 -1.306  1.166   1.00 50.41  ? 368 ARG A O   1 
ATOM   837  C  CB  . ARG A 1 107 ? -14.147 -2.698  -0.021  1.00 46.50  ? 368 ARG A CB  1 
ATOM   838  C  CG  . ARG A 1 107 ? -14.566 -1.261  0.244   1.00 67.05  ? 368 ARG A CG  1 
ATOM   839  C  CD  . ARG A 1 107 ? -16.069 -1.136  0.420   1.00 53.29  ? 368 ARG A CD  1 
ATOM   840  N  NE  . ARG A 1 107 ? -16.479 0.261   0.542   1.00 74.11  ? 368 ARG A NE  1 
ATOM   841  C  CZ  . ARG A 1 107 ? -16.538 0.926   1.691   1.00 79.71  ? 368 ARG A CZ  1 
ATOM   842  N  NH1 . ARG A 1 107 ? -16.920 2.197   1.705   1.00 67.98  ? 368 ARG A NH1 1 
ATOM   843  N  NH2 . ARG A 1 107 ? -16.217 0.321   2.828   1.00 52.95  ? 368 ARG A NH2 1 
ATOM   844  N  N   . HIS A 1 108 ? -11.815 -3.331  2.073   1.00 51.14  ? 369 HIS A N   1 
ATOM   845  C  CA  . HIS A 1 108 ? -11.130 -2.988  3.315   1.00 45.31  ? 369 HIS A CA  1 
ATOM   846  C  C   . HIS A 1 108 ? -9.643  -2.752  3.080   1.00 42.03  ? 369 HIS A C   1 
ATOM   847  O  O   . HIS A 1 108 ? -9.082  -1.751  3.541   1.00 45.49  ? 369 HIS A O   1 
ATOM   848  C  CB  . HIS A 1 108 ? -11.350 -4.087  4.355   1.00 49.73  ? 369 HIS A CB  1 
ATOM   849  C  CG  . HIS A 1 108 ? -12.672 -4.001  5.054   1.00 63.19  ? 369 HIS A CG  1 
ATOM   850  N  ND1 . HIS A 1 108 ? -12.998 -4.800  6.130   1.00 66.88  ? 369 HIS A ND1 1 
ATOM   851  C  CD2 . HIS A 1 108 ? -13.747 -3.209  4.835   1.00 55.30  ? 369 HIS A CD2 1 
ATOM   852  C  CE1 . HIS A 1 108 ? -14.218 -4.504  6.541   1.00 66.83  ? 369 HIS A CE1 1 
ATOM   853  N  NE2 . HIS A 1 108 ? -14.695 -3.541  5.771   1.00 85.44  ? 369 HIS A NE2 1 
ATOM   854  N  N   . MET A 1 109 ? -8.984  -3.666  2.360   1.00 42.43  ? 370 MET A N   1 
ATOM   855  C  CA  . MET A 1 109 ? -7.564  -3.492  2.074   1.00 41.38  ? 370 MET A CA  1 
ATOM   856  C  C   . MET A 1 109 ? -7.313  -2.293  1.170   1.00 42.58  ? 370 MET A C   1 
ATOM   857  O  O   . MET A 1 109 ? -6.290  -1.613  1.313   1.00 42.94  ? 370 MET A O   1 
ATOM   858  C  CB  . MET A 1 109 ? -6.995  -4.763  1.440   1.00 33.21  ? 370 MET A CB  1 
ATOM   859  C  CG  . MET A 1 109 ? -7.103  -5.994  2.322   1.00 49.77  ? 370 MET A CG  1 
ATOM   860  S  SD  . MET A 1 109 ? -6.029  -5.937  3.768   1.00 67.19  ? 370 MET A SD  1 
ATOM   861  C  CE  . MET A 1 109 ? -4.515  -6.596  3.082   1.00 43.55  ? 370 MET A CE  1 
ATOM   862  N  N   . LEU A 1 110 ? -8.230  -2.013  0.242   1.00 39.89  ? 371 LEU A N   1 
ATOM   863  C  CA  . LEU A 1 110 ? -8.065  -0.864  -0.642  1.00 42.21  ? 371 LEU A CA  1 
ATOM   864  C  C   . LEU A 1 110 ? -8.173  0.443   0.137   1.00 40.03  ? 371 LEU A C   1 
ATOM   865  O  O   . LEU A 1 110 ? -7.343  1.348   -0.027  1.00 37.71  ? 371 LEU A O   1 
ATOM   866  C  CB  . LEU A 1 110 ? -9.101  -0.919  -1.764  1.00 28.60  ? 371 LEU A CB  1 
ATOM   867  C  CG  . LEU A 1 110 ? -8.855  -0.035  -2.989  1.00 54.03  ? 371 LEU A CG  1 
ATOM   868  C  CD1 . LEU A 1 110 ? -7.534  -0.390  -3.654  1.00 37.57  ? 371 LEU A CD1 1 
ATOM   869  C  CD2 . LEU A 1 110 ? -10.005 -0.168  -3.975  1.00 54.43  ? 371 LEU A CD2 1 
ATOM   870  N  N   . LEU A 1 111 ? -9.189  0.556   0.998   1.00 38.00  ? 372 LEU A N   1 
ATOM   871  C  CA  . LEU A 1 111 ? -9.313  1.740   1.843   1.00 41.84  ? 372 LEU A CA  1 
ATOM   872  C  C   . LEU A 1 111 ? -8.119  1.882   2.777   1.00 42.95  ? 372 LEU A C   1 
ATOM   873  O  O   . LEU A 1 111 ? -7.608  2.989   2.979   1.00 41.60  ? 372 LEU A O   1 
ATOM   874  C  CB  . LEU A 1 111 ? -10.613 1.684   2.646   1.00 47.37  ? 372 LEU A CB  1 
ATOM   875  C  CG  . LEU A 1 111 ? -11.865 2.222   1.954   1.00 59.89  ? 372 LEU A CG  1 
ATOM   876  C  CD1 . LEU A 1 111 ? -13.088 2.043   2.840   1.00 54.46  ? 372 LEU A CD1 1 
ATOM   877  C  CD2 . LEU A 1 111 ? -11.680 3.686   1.579   1.00 43.88  ? 372 LEU A CD2 1 
ATOM   878  N  N   . LEU A 1 112 ? -7.658  0.770   3.357   1.00 43.37  ? 373 LEU A N   1 
ATOM   879  C  CA  . LEU A 1 112 ? -6.489  0.828   4.228   1.00 43.57  ? 373 LEU A CA  1 
ATOM   880  C  C   . LEU A 1 112 ? -5.250  1.275   3.464   1.00 50.91  ? 373 LEU A C   1 
ATOM   881  O  O   . LEU A 1 112 ? -4.383  1.955   4.026   1.00 45.25  ? 373 LEU A O   1 
ATOM   882  C  CB  . LEU A 1 112 ? -6.250  -0.535  4.881   1.00 49.02  ? 373 LEU A CB  1 
ATOM   883  C  CG  . LEU A 1 112 ? -5.068  -0.623  5.850   1.00 40.40  ? 373 LEU A CG  1 
ATOM   884  C  CD1 . LEU A 1 112 ? -5.255  0.347   7.005   1.00 56.92  ? 373 LEU A CD1 1 
ATOM   885  C  CD2 . LEU A 1 112 ? -4.885  -2.042  6.360   1.00 39.63  ? 373 LEU A CD2 1 
ATOM   886  N  N   . ALA A 1 113 ? -5.155  0.916   2.184   1.00 62.44  ? 374 ALA A N   1 
ATOM   887  C  CA  . ALA A 1 113 ? -3.992  1.298   1.392   1.00 48.51  ? 374 ALA A CA  1 
ATOM   888  C  C   . ALA A 1 113 ? -4.036  2.776   1.023   1.00 47.08  ? 374 ALA A C   1 
ATOM   889  O  O   . ALA A 1 113 ? -3.034  3.489   1.160   1.00 46.95  ? 374 ALA A O   1 
ATOM   890  C  CB  . ALA A 1 113 ? -3.905  0.430   0.137   1.00 47.63  ? 374 ALA A CB  1 
ATOM   891  N  N   . ILE A 1 114 ? -5.190  3.262   0.559   1.00 46.24  ? 375 ILE A N   1 
ATOM   892  C  CA  . ILE A 1 114 ? -5.252  4.641   0.084   1.00 55.84  ? 375 ILE A CA  1 
ATOM   893  C  C   . ILE A 1 114 ? -5.325  5.660   1.218   1.00 66.69  ? 375 ILE A C   1 
ATOM   894  O  O   . ILE A 1 114 ? -4.988  6.831   1.004   1.00 64.47  ? 375 ILE A O   1 
ATOM   895  C  CB  . ILE A 1 114 ? -6.442  4.848   -0.868  1.00 51.74  ? 375 ILE A CB  1 
ATOM   896  C  CG1 . ILE A 1 114 ? -7.768  4.748   -0.111  1.00 57.50  ? 375 ILE A CG1 1 
ATOM   897  C  CG2 . ILE A 1 114 ? -6.394  3.840   -2.006  1.00 51.33  ? 375 ILE A CG2 1 
ATOM   898  C  CD1 . ILE A 1 114 ? -8.975  5.111   -0.948  1.00 49.65  ? 375 ILE A CD1 1 
ATOM   899  N  N   . GLN A 1 115 ? -5.750  5.259   2.415   1.00 61.38  ? 376 GLN A N   1 
ATOM   900  C  CA  . GLN A 1 115 ? -5.905  6.192   3.524   1.00 70.99  ? 376 GLN A CA  1 
ATOM   901  C  C   . GLN A 1 115 ? -4.655  6.303   4.387   1.00 66.40  ? 376 GLN A C   1 
ATOM   902  O  O   . GLN A 1 115 ? -4.718  6.879   5.478   1.00 82.35  ? 376 GLN A O   1 
ATOM   903  C  CB  . GLN A 1 115 ? -7.111  5.802   4.386   1.00 58.77  ? 376 GLN A CB  1 
ATOM   904  C  CG  . GLN A 1 115 ? -8.454  6.113   3.731   1.00 57.55  ? 376 GLN A CG  1 
ATOM   905  C  CD  . GLN A 1 115 ? -9.638  5.837   4.638   1.00 72.66  ? 376 GLN A CD  1 
ATOM   906  O  OE1 . GLN A 1 115 ? -9.538  5.069   5.596   1.00 76.57  ? 376 GLN A OE1 1 
ATOM   907  N  NE2 . GLN A 1 115 ? -10.771 6.467   4.339   1.00 64.54  ? 376 GLN A NE2 1 
ATOM   908  N  N   . GLU A 1 116 ? -3.531  5.760   3.928   1.00 74.28  ? 377 GLU A N   1 
ATOM   909  C  CA  . GLU A 1 116 ? -2.238  5.976   4.566   1.00 77.16  ? 377 GLU A CA  1 
ATOM   910  C  C   . GLU A 1 116 ? -1.551  7.106   3.810   1.00 93.24  ? 377 GLU A C   1 
ATOM   911  O  O   . GLU A 1 116 ? -1.223  6.963   2.627   1.00 85.82  ? 377 GLU A O   1 
ATOM   912  C  CB  . GLU A 1 116 ? -1.403  4.696   4.549   1.00 73.62  ? 377 GLU A CB  1 
ATOM   913  C  CG  . GLU A 1 116 ? -0.096  4.770   5.337   1.00 90.14  ? 377 GLU A CG  1 
ATOM   914  C  CD  . GLU A 1 116 ? 1.058   5.346   4.530   1.00 120.26 ? 377 GLU A CD  1 
ATOM   915  O  OE1 . GLU A 1 116 ? 0.965   5.360   3.285   1.00 120.87 ? 377 GLU A OE1 1 
ATOM   916  O  OE2 . GLU A 1 116 ? 2.058   5.783   5.140   1.00 120.27 ? 377 GLU A OE2 1 
ATOM   917  N  N   . ASN A 1 117 ? -1.350  8.236   4.483   1.00 106.66 ? 378 ASN A N   1 
ATOM   918  C  CA  . ASN A 1 117 ? -0.844  9.424   3.810   1.00 110.41 ? 378 ASN A CA  1 
ATOM   919  C  C   . ASN A 1 117 ? 0.301   10.050  4.591   1.00 120.57 ? 378 ASN A C   1 
ATOM   920  O  O   . ASN A 1 117 ? 0.852   9.426   5.506   1.00 103.28 ? 378 ASN A O   1 
ATOM   921  C  CB  . ASN A 1 117 ? -1.974  10.435  3.603   1.00 76.36  ? 378 ASN A CB  1 
ATOM   922  C  CG  . ASN A 1 117 ? -2.970  9.991   2.530   1.00 87.16  ? 378 ASN A CG  1 
ATOM   923  O  OD1 . ASN A 1 117 ? -2.607  9.310   1.577   1.00 83.56  ? 378 ASN A OD1 1 
ATOM   924  N  ND2 . ASN A 1 117 ? -4.229  10.388  2.685   1.00 88.64  ? 378 ASN A ND2 1 
ATOM   925  N  N   . SER A 1 118 ? 0.655   11.282  4.219   1.00 114.34 ? 379 SER A N   1 
ATOM   926  C  CA  . SER A 1 118 ? 1.752   12.093  4.746   1.00 103.16 ? 379 SER A CA  1 
ATOM   927  C  C   . SER A 1 118 ? 3.124   11.586  4.318   1.00 117.80 ? 379 SER A C   1 
ATOM   928  O  O   . SER A 1 118 ? 4.137   12.196  4.684   1.00 108.07 ? 379 SER A O   1 
ATOM   929  C  CB  . SER A 1 118 ? 1.708   12.217  6.277   1.00 114.36 ? 379 SER A CB  1 
ATOM   930  O  OG  . SER A 1 118 ? 0.482   12.787  6.698   1.00 109.67 ? 379 SER A OG  1 
ATOM   931  N  N   . GLU A 1 119 ? 3.196   10.515  3.534   1.00 118.82 ? 380 GLU A N   1 
ATOM   932  C  CA  . GLU A 1 119 ? 4.478   9.989   3.071   1.00 98.41  ? 380 GLU A CA  1 
ATOM   933  C  C   . GLU A 1 119 ? 4.477   9.760   1.562   1.00 70.73  ? 380 GLU A C   1 
ATOM   934  O  O   . GLU A 1 119 ? 4.057   8.708   1.083   1.00 67.97  ? 380 GLU A O   1 
ATOM   935  C  CB  . GLU A 1 119 ? 4.814   8.688   3.798   1.00 93.10  ? 380 GLU A CB  1 
ATOM   936  N  N   . MET B 2 1   ? 14.674  -7.995  26.264  1.00 75.47  ? 1   MET B N   1 
ATOM   937  C  CA  . MET B 2 1   ? 14.148  -6.635  26.308  1.00 73.15  ? 1   MET B CA  1 
ATOM   938  C  C   . MET B 2 1   ? 12.688  -6.595  25.872  1.00 82.88  ? 1   MET B C   1 
ATOM   939  O  O   . MET B 2 1   ? 12.045  -7.636  25.725  1.00 85.06  ? 1   MET B O   1 
ATOM   940  C  CB  . MET B 2 1   ? 14.986  -5.705  25.427  1.00 68.04  ? 1   MET B CB  1 
ATOM   941  N  N   . GLN B 2 2   ? 12.170  -5.387  25.664  1.00 81.75  ? 2   GLN B N   1 
ATOM   942  C  CA  . GLN B 2 2   ? 10.775  -5.201  25.275  1.00 86.42  ? 2   GLN B CA  1 
ATOM   943  C  C   . GLN B 2 2   ? 10.625  -3.812  24.679  1.00 86.95  ? 2   GLN B C   1 
ATOM   944  O  O   . GLN B 2 2   ? 10.903  -2.818  25.358  1.00 83.83  ? 2   GLN B O   1 
ATOM   945  C  CB  . GLN B 2 2   ? 9.844   -5.378  26.476  1.00 78.01  ? 2   GLN B CB  1 
ATOM   946  C  CG  . GLN B 2 2   ? 8.398   -4.990  26.212  1.00 90.45  ? 2   GLN B CG  1 
ATOM   947  C  CD  . GLN B 2 2   ? 7.523   -5.125  27.444  1.00 88.51  ? 2   GLN B CD  1 
ATOM   948  O  OE1 . GLN B 2 2   ? 7.900   -5.774  28.419  1.00 80.66  ? 2   GLN B OE1 1 
ATOM   949  N  NE2 . GLN B 2 2   ? 6.348   -4.506  27.406  1.00 83.31  ? 2   GLN B NE2 1 
ATOM   950  N  N   . ILE B 2 3   ? 10.190  -3.738  23.422  1.00 87.47  ? 3   ILE B N   1 
ATOM   951  C  CA  . ILE B 2 3   ? 9.988   -2.466  22.742  1.00 80.66  ? 3   ILE B CA  1 
ATOM   952  C  C   . ILE B 2 3   ? 8.533   -2.369  22.296  1.00 76.06  ? 3   ILE B C   1 
ATOM   953  O  O   . ILE B 2 3   ? 7.773   -3.335  22.352  1.00 78.24  ? 3   ILE B O   1 
ATOM   954  C  CB  . ILE B 2 3   ? 10.939  -2.283  21.542  1.00 81.29  ? 3   ILE B CB  1 
ATOM   955  C  CG1 . ILE B 2 3   ? 10.660  -3.341  20.473  1.00 78.47  ? 3   ILE B CG1 1 
ATOM   956  C  CG2 . ILE B 2 3   ? 12.389  -2.340  21.996  1.00 86.45  ? 3   ILE B CG2 1 
ATOM   957  C  CD1 . ILE B 2 3   ? 11.488  -3.168  19.218  1.00 73.53  ? 3   ILE B CD1 1 
ATOM   958  N  N   . PHE B 2 4   ? 8.156   -1.175  21.850  1.00 67.49  ? 4   PHE B N   1 
ATOM   959  C  CA  . PHE B 2 4   ? 6.810   -0.895  21.376  1.00 63.89  ? 4   PHE B CA  1 
ATOM   960  C  C   . PHE B 2 4   ? 6.861   -0.452  19.920  1.00 63.29  ? 4   PHE B C   1 
ATOM   961  O  O   . PHE B 2 4   ? 7.856   0.116   19.462  1.00 61.79  ? 4   PHE B O   1 
ATOM   962  C  CB  . PHE B 2 4   ? 6.134   0.185   22.230  1.00 64.04  ? 4   PHE B CB  1 
ATOM   963  C  CG  . PHE B 2 4   ? 6.150   -0.109  23.703  1.00 81.64  ? 4   PHE B CG  1 
ATOM   964  C  CD1 . PHE B 2 4   ? 5.168   -0.899  24.276  1.00 79.71  ? 4   PHE B CD1 1 
ATOM   965  C  CD2 . PHE B 2 4   ? 7.148   0.404   24.515  1.00 84.93  ? 4   PHE B CD2 1 
ATOM   966  C  CE1 . PHE B 2 4   ? 5.181   -1.173  25.631  1.00 88.51  ? 4   PHE B CE1 1 
ATOM   967  C  CE2 . PHE B 2 4   ? 7.166   0.134   25.870  1.00 78.21  ? 4   PHE B CE2 1 
ATOM   968  C  CZ  . PHE B 2 4   ? 6.181   -0.655  26.429  1.00 80.07  ? 4   PHE B CZ  1 
ATOM   969  N  N   . VAL B 2 5   ? 5.779   -0.724  19.193  1.00 65.85  ? 5   VAL B N   1 
ATOM   970  C  CA  . VAL B 2 5   ? 5.660   -0.370  17.782  1.00 50.46  ? 5   VAL B CA  1 
ATOM   971  C  C   . VAL B 2 5   ? 4.345   0.378   17.602  1.00 56.66  ? 5   VAL B C   1 
ATOM   972  O  O   . VAL B 2 5   ? 3.266   -0.216  17.716  1.00 72.44  ? 5   VAL B O   1 
ATOM   973  C  CB  . VAL B 2 5   ? 5.720   -1.597  16.862  1.00 55.11  ? 5   VAL B CB  1 
ATOM   974  C  CG1 . VAL B 2 5   ? 5.619   -1.169  15.407  1.00 44.49  ? 5   VAL B CG1 1 
ATOM   975  C  CG2 . VAL B 2 5   ? 7.000   -2.386  17.103  1.00 43.57  ? 5   VAL B CG2 1 
ATOM   976  N  N   . LYS B 2 6   ? 4.436   1.677   17.329  1.00 66.36  ? 6   LYS B N   1 
ATOM   977  C  CA  . LYS B 2 6   ? 3.277   2.503   17.014  1.00 65.47  ? 6   LYS B CA  1 
ATOM   978  C  C   . LYS B 2 6   ? 3.080   2.509   15.502  1.00 66.27  ? 6   LYS B C   1 
ATOM   979  O  O   . LYS B 2 6   ? 3.992   2.880   14.755  1.00 60.18  ? 6   LYS B O   1 
ATOM   980  C  CB  . LYS B 2 6   ? 3.475   3.925   17.539  1.00 63.11  ? 6   LYS B CB  1 
ATOM   981  C  CG  . LYS B 2 6   ? 2.502   4.950   16.981  1.00 65.29  ? 6   LYS B CG  1 
ATOM   982  C  CD  . LYS B 2 6   ? 1.229   5.028   17.805  1.00 63.46  ? 6   LYS B CD  1 
ATOM   983  C  CE  . LYS B 2 6   ? 0.351   6.181   17.340  1.00 67.95  ? 6   LYS B CE  1 
ATOM   984  N  NZ  . LYS B 2 6   ? -0.818  6.394   18.238  1.00 79.37  ? 6   LYS B NZ  1 
ATOM   985  N  N   . THR B 2 7   ? 1.896   2.098   15.053  1.00 61.10  ? 7   THR B N   1 
ATOM   986  C  CA  . THR B 2 7   ? 1.604   1.950   13.631  1.00 68.32  ? 7   THR B CA  1 
ATOM   987  C  C   . THR B 2 7   ? 0.811   3.164   13.158  1.00 63.12  ? 7   THR B C   1 
ATOM   988  O  O   . THR B 2 7   ? -0.350  3.343   13.543  1.00 58.43  ? 7   THR B O   1 
ATOM   989  C  CB  . THR B 2 7   ? 0.833   0.658   13.364  1.00 65.61  ? 7   THR B CB  1 
ATOM   990  O  OG1 . THR B 2 7   ? -0.512  0.795   13.838  1.00 73.57  ? 7   THR B OG1 1 
ATOM   991  C  CG2 . THR B 2 7   ? 1.496   -0.513  14.078  1.00 67.34  ? 7   THR B CG2 1 
ATOM   992  N  N   . LEU B 2 8   ? 1.443   3.988   12.318  1.00 65.44  ? 8   LEU B N   1 
ATOM   993  C  CA  . LEU B 2 8   ? 0.810   5.156   11.714  1.00 76.75  ? 8   LEU B CA  1 
ATOM   994  C  C   . LEU B 2 8   ? 0.162   6.055   12.760  1.00 77.88  ? 8   LEU B C   1 
ATOM   995  O  O   . LEU B 2 8   ? 0.835   6.554   13.669  1.00 62.90  ? 8   LEU B O   1 
ATOM   996  C  CB  . LEU B 2 8   ? -0.229  4.721   10.676  1.00 77.90  ? 8   LEU B CB  1 
ATOM   997  N  N   . THR B 2 9   ? -1.147  6.264   12.633  1.00 86.36  ? 9   THR B N   1 
ATOM   998  C  CA  . THR B 2 9   ? -1.926  7.044   13.584  1.00 77.08  ? 9   THR B CA  1 
ATOM   999  C  C   . THR B 2 9   ? -2.866  6.160   14.399  1.00 59.87  ? 9   THR B C   1 
ATOM   1000 O  O   . THR B 2 9   ? -3.943  6.600   14.808  1.00 66.19  ? 9   THR B O   1 
ATOM   1001 C  CB  . THR B 2 9   ? -2.718  8.133   12.861  1.00 52.71  ? 9   THR B CB  1 
ATOM   1002 N  N   . GLY B 2 10  ? -2.469  4.912   14.645  1.00 54.32  ? 10  GLY B N   1 
ATOM   1003 C  CA  . GLY B 2 10  ? -3.353  3.970   15.303  1.00 63.43  ? 10  GLY B CA  1 
ATOM   1004 C  C   . GLY B 2 10  ? -2.748  3.168   16.439  1.00 67.05  ? 10  GLY B C   1 
ATOM   1005 O  O   . GLY B 2 10  ? -2.187  3.731   17.383  1.00 69.12  ? 10  GLY B O   1 
ATOM   1006 N  N   . LYS B 2 11  ? -2.853  1.844   16.345  1.00 65.15  ? 11  LYS B N   1 
ATOM   1007 C  CA  . LYS B 2 11  ? -2.560  0.961   17.463  1.00 66.09  ? 11  LYS B CA  1 
ATOM   1008 C  C   . LYS B 2 11  ? -1.061  0.916   17.761  1.00 54.11  ? 11  LYS B C   1 
ATOM   1009 O  O   . LYS B 2 11  ? -0.221  1.389   16.989  1.00 65.14  ? 11  LYS B O   1 
ATOM   1010 C  CB  . LYS B 2 11  ? -3.082  -0.447  17.180  1.00 56.69  ? 11  LYS B CB  1 
ATOM   1011 N  N   . THR B 2 12  ? -0.738  0.330   18.912  1.00 69.42  ? 12  THR B N   1 
ATOM   1012 C  CA  . THR B 2 12  ? 0.635   0.145   19.363  1.00 65.01  ? 12  THR B CA  1 
ATOM   1013 C  C   . THR B 2 12  ? 0.765   -1.255  19.938  1.00 58.18  ? 12  THR B C   1 
ATOM   1014 O  O   . THR B 2 12  ? -0.061  -1.667  20.758  1.00 62.77  ? 12  THR B O   1 
ATOM   1015 C  CB  . THR B 2 12  ? 1.023   1.189   20.419  1.00 55.53  ? 12  THR B CB  1 
ATOM   1016 O  OG1 . THR B 2 12  ? 0.903   2.504   19.864  1.00 73.30  ? 12  THR B OG1 1 
ATOM   1017 C  CG2 . THR B 2 12  ? 2.452   0.971   20.891  1.00 52.36  ? 12  THR B CG2 1 
ATOM   1018 N  N   . ILE B 2 13  ? 1.792   -1.986  19.509  1.00 53.25  ? 13  ILE B N   1 
ATOM   1019 C  CA  . ILE B 2 13  ? 2.006   -3.357  19.947  1.00 58.15  ? 13  ILE B CA  1 
ATOM   1020 C  C   . ILE B 2 13  ? 3.318   -3.435  20.720  1.00 60.31  ? 13  ILE B C   1 
ATOM   1021 O  O   . ILE B 2 13  ? 4.113   -2.497  20.740  1.00 55.44  ? 13  ILE B O   1 
ATOM   1022 C  CB  . ILE B 2 13  ? 2.006   -4.355  18.773  1.00 66.74  ? 13  ILE B CB  1 
ATOM   1023 C  CG1 . ILE B 2 13  ? 3.149   -4.042  17.807  1.00 59.23  ? 13  ILE B CG1 1 
ATOM   1024 C  CG2 . ILE B 2 13  ? 0.666   -4.335  18.055  1.00 62.55  ? 13  ILE B CG2 1 
ATOM   1025 C  CD1 . ILE B 2 13  ? 3.255   -5.010  16.652  1.00 73.81  ? 13  ILE B CD1 1 
ATOM   1026 N  N   . THR B 2 14  ? 3.531   -4.578  21.364  1.00 79.71  ? 14  THR B N   1 
ATOM   1027 C  CA  . THR B 2 14  ? 4.742   -4.846  22.124  1.00 67.63  ? 14  THR B CA  1 
ATOM   1028 C  C   . THR B 2 14  ? 5.498   -6.003  21.486  1.00 71.04  ? 14  THR B C   1 
ATOM   1029 O  O   . THR B 2 14  ? 4.899   -6.902  20.889  1.00 66.44  ? 14  THR B O   1 
ATOM   1030 C  CB  . THR B 2 14  ? 4.425   -5.182  23.587  1.00 65.25  ? 14  THR B CB  1 
ATOM   1031 O  OG1 . THR B 2 14  ? 3.705   -6.421  23.649  1.00 91.77  ? 14  THR B OG1 1 
ATOM   1032 C  CG2 . THR B 2 14  ? 3.580   -4.084  24.215  1.00 63.30  ? 14  THR B CG2 1 
ATOM   1033 N  N   . LEU B 2 15  ? 6.822   -5.972  21.618  1.00 71.11  ? 15  LEU B N   1 
ATOM   1034 C  CA  . LEU B 2 15  ? 7.679   -7.005  21.056  1.00 66.17  ? 15  LEU B CA  1 
ATOM   1035 C  C   . LEU B 2 15  ? 8.801   -7.332  22.027  1.00 74.25  ? 15  LEU B C   1 
ATOM   1036 O  O   . LEU B 2 15  ? 9.414   -6.430  22.610  1.00 87.43  ? 15  LEU B O   1 
ATOM   1037 C  CB  . LEU B 2 15  ? 8.273   -6.575  19.708  1.00 77.34  ? 15  LEU B CB  1 
ATOM   1038 C  CG  . LEU B 2 15  ? 7.313   -6.477  18.522  1.00 82.05  ? 15  LEU B CG  1 
ATOM   1039 C  CD1 . LEU B 2 15  ? 8.055   -6.012  17.280  1.00 65.09  ? 15  LEU B CD1 1 
ATOM   1040 C  CD2 . LEU B 2 15  ? 6.632   -7.813  18.275  1.00 79.75  ? 15  LEU B CD2 1 
ATOM   1041 N  N   . GLU B 2 16  ? 9.064   -8.626  22.197  1.00 61.18  ? 16  GLU B N   1 
ATOM   1042 C  CA  . GLU B 2 16  ? 10.189  -9.106  22.995  1.00 83.98  ? 16  GLU B CA  1 
ATOM   1043 C  C   . GLU B 2 16  ? 11.363  -9.324  22.049  1.00 76.80  ? 16  GLU B C   1 
ATOM   1044 O  O   . GLU B 2 16  ? 11.419  -10.322 21.327  1.00 82.22  ? 16  GLU B O   1 
ATOM   1045 C  CB  . GLU B 2 16  ? 9.820   -10.384 23.741  1.00 76.49  ? 16  GLU B CB  1 
ATOM   1046 N  N   . VAL B 2 17  ? 12.302  -8.385  22.052  1.00 83.25  ? 17  VAL B N   1 
ATOM   1047 C  CA  . VAL B 2 17  ? 13.415  -8.394  21.114  1.00 92.78  ? 17  VAL B CA  1 
ATOM   1048 C  C   . VAL B 2 17  ? 14.726  -8.386  21.886  1.00 91.72  ? 17  VAL B C   1 
ATOM   1049 O  O   . VAL B 2 17  ? 14.813  -7.878  23.008  1.00 85.49  ? 17  VAL B O   1 
ATOM   1050 C  CB  . VAL B 2 17  ? 13.356  -7.191  20.148  1.00 75.15  ? 17  VAL B CB  1 
ATOM   1051 C  CG1 . VAL B 2 17  ? 12.160  -7.320  19.218  1.00 82.48  ? 17  VAL B CG1 1 
ATOM   1052 C  CG2 . VAL B 2 17  ? 13.283  -5.894  20.937  1.00 77.56  ? 17  VAL B CG2 1 
ATOM   1053 N  N   . GLU B 2 18  ? 15.752  -8.959  21.270  1.00 103.57 ? 18  GLU B N   1 
ATOM   1054 C  CA  . GLU B 2 18  ? 17.104  -8.895  21.793  1.00 94.65  ? 18  GLU B CA  1 
ATOM   1055 C  C   . GLU B 2 18  ? 17.935  -7.911  20.973  1.00 88.02  ? 18  GLU B C   1 
ATOM   1056 O  O   . GLU B 2 18  ? 17.687  -7.728  19.776  1.00 79.97  ? 18  GLU B O   1 
ATOM   1057 C  CB  . GLU B 2 18  ? 17.777  -10.276 21.784  1.00 81.43  ? 18  GLU B CB  1 
ATOM   1058 C  CG  . GLU B 2 18  ? 17.602  -11.063 20.494  1.00 103.10 ? 18  GLU B CG  1 
ATOM   1059 C  CD  . GLU B 2 18  ? 16.332  -11.901 20.475  1.00 110.13 ? 18  GLU B CD  1 
ATOM   1060 O  OE1 . GLU B 2 18  ? 16.248  -12.836 19.650  1.00 92.94  ? 18  GLU B OE1 1 
ATOM   1061 O  OE2 . GLU B 2 18  ? 15.419  -11.629 21.284  1.00 106.94 ? 18  GLU B OE2 1 
ATOM   1062 N  N   . PRO B 2 19  ? 18.918  -7.251  21.591  1.00 83.16  ? 19  PRO B N   1 
ATOM   1063 C  CA  . PRO B 2 19  ? 19.709  -6.249  20.852  1.00 79.92  ? 19  PRO B CA  1 
ATOM   1064 C  C   . PRO B 2 19  ? 20.451  -6.808  19.650  1.00 81.35  ? 19  PRO B C   1 
ATOM   1065 O  O   . PRO B 2 19  ? 20.741  -6.047  18.719  1.00 81.13  ? 19  PRO B O   1 
ATOM   1066 C  CB  . PRO B 2 19  ? 20.686  -5.721  21.911  1.00 78.94  ? 19  PRO B CB  1 
ATOM   1067 C  CG  . PRO B 2 19  ? 20.022  -6.015  23.220  1.00 78.92  ? 19  PRO B CG  1 
ATOM   1068 C  CD  . PRO B 2 19  ? 19.277  -7.298  23.017  1.00 84.87  ? 19  PRO B CD  1 
ATOM   1069 N  N   . SER B 2 20  ? 20.756  -8.107  19.631  1.00 72.13  ? 20  SER B N   1 
ATOM   1070 C  CA  . SER B 2 20  ? 21.472  -8.704  18.511  1.00 83.74  ? 20  SER B CA  1 
ATOM   1071 C  C   . SER B 2 20  ? 20.572  -9.008  17.321  1.00 92.13  ? 20  SER B C   1 
ATOM   1072 O  O   . SER B 2 20  ? 21.090  -9.300  16.238  1.00 77.95  ? 20  SER B O   1 
ATOM   1073 C  CB  . SER B 2 20  ? 22.173  -9.987  18.961  1.00 82.55  ? 20  SER B CB  1 
ATOM   1074 O  OG  . SER B 2 20  ? 21.239  -10.948 19.423  1.00 87.58  ? 20  SER B OG  1 
ATOM   1075 N  N   . ASP B 2 21  ? 19.252  -8.954  17.496  1.00 103.44 ? 21  ASP B N   1 
ATOM   1076 C  CA  . ASP B 2 21  ? 18.338  -9.205  16.390  1.00 97.84  ? 21  ASP B CA  1 
ATOM   1077 C  C   . ASP B 2 21  ? 18.526  -8.170  15.288  1.00 86.96  ? 21  ASP B C   1 
ATOM   1078 O  O   . ASP B 2 21  ? 18.903  -7.022  15.538  1.00 84.59  ? 21  ASP B O   1 
ATOM   1079 C  CB  . ASP B 2 21  ? 16.888  -9.179  16.875  1.00 91.57  ? 21  ASP B CB  1 
ATOM   1080 C  CG  . ASP B 2 21  ? 16.413  -10.527 17.372  1.00 97.74  ? 21  ASP B CG  1 
ATOM   1081 O  OD1 . ASP B 2 21  ? 17.169  -11.513 17.243  1.00 103.79 ? 21  ASP B OD1 1 
ATOM   1082 O  OD2 . ASP B 2 21  ? 15.280  -10.600 17.891  1.00 93.48  ? 21  ASP B OD2 1 
ATOM   1083 N  N   . THR B 2 22  ? 18.260  -8.587  14.057  1.00 86.58  ? 22  THR B N   1 
ATOM   1084 C  CA  . THR B 2 22  ? 18.265  -7.673  12.927  1.00 75.12  ? 22  THR B CA  1 
ATOM   1085 C  C   . THR B 2 22  ? 16.882  -7.052  12.753  1.00 75.92  ? 22  THR B C   1 
ATOM   1086 O  O   . THR B 2 22  ? 15.885  -7.534  13.294  1.00 77.60  ? 22  THR B O   1 
ATOM   1087 C  CB  . THR B 2 22  ? 18.687  -8.390  11.643  1.00 75.33  ? 22  THR B CB  1 
ATOM   1088 O  OG1 . THR B 2 22  ? 17.840  -9.525  11.424  1.00 69.26  ? 22  THR B OG1 1 
ATOM   1089 C  CG2 . THR B 2 22  ? 20.133  -8.852  11.742  1.00 74.98  ? 22  THR B CG2 1 
ATOM   1090 N  N   . ILE B 2 23  ? 16.836  -5.959  11.988  1.00 77.66  ? 23  ILE B N   1 
ATOM   1091 C  CA  . ILE B 2 23  ? 15.566  -5.283  11.745  1.00 81.41  ? 23  ILE B CA  1 
ATOM   1092 C  C   . ILE B 2 23  ? 14.617  -6.191  10.974  1.00 68.49  ? 23  ILE B C   1 
ATOM   1093 O  O   . ILE B 2 23  ? 13.392  -6.096  11.126  1.00 76.37  ? 23  ILE B O   1 
ATOM   1094 C  CB  . ILE B 2 23  ? 15.812  -3.946  11.016  1.00 75.77  ? 23  ILE B CB  1 
ATOM   1095 C  CG1 . ILE B 2 23  ? 16.779  -3.080  11.826  1.00 62.48  ? 23  ILE B CG1 1 
ATOM   1096 C  CG2 . ILE B 2 23  ? 14.506  -3.201  10.788  1.00 60.05  ? 23  ILE B CG2 1 
ATOM   1097 C  CD1 . ILE B 2 23  ? 16.318  -2.805  13.240  1.00 54.67  ? 23  ILE B CD1 1 
ATOM   1098 N  N   . GLU B 2 24  ? 15.159  -7.094  10.155  1.00 62.58  ? 24  GLU B N   1 
ATOM   1099 C  CA  . GLU B 2 24  ? 14.314  -8.058  9.457   1.00 68.62  ? 24  GLU B CA  1 
ATOM   1100 C  C   . GLU B 2 24  ? 13.590  -8.968  10.443  1.00 79.97  ? 24  GLU B C   1 
ATOM   1101 O  O   . GLU B 2 24  ? 12.441  -9.362  10.207  1.00 73.50  ? 24  GLU B O   1 
ATOM   1102 C  CB  . GLU B 2 24  ? 15.155  -8.882  8.480   1.00 62.72  ? 24  GLU B CB  1 
ATOM   1103 C  CG  . GLU B 2 24  ? 14.339  -9.651  7.453   1.00 91.69  ? 24  GLU B CG  1 
ATOM   1104 C  CD  . GLU B 2 24  ? 13.749  -8.753  6.383   1.00 88.24  ? 24  GLU B CD  1 
ATOM   1105 O  OE1 . GLU B 2 24  ? 14.499  -7.933  5.813   1.00 95.66  ? 24  GLU B OE1 1 
ATOM   1106 O  OE2 . GLU B 2 24  ? 12.533  -8.861  6.116   1.00 80.35  ? 24  GLU B OE2 1 
ATOM   1107 N  N   . ASN B 2 25  ? 14.245  -9.309  11.556  1.00 73.43  ? 25  ASN B N   1 
ATOM   1108 C  CA  . ASN B 2 25  ? 13.585  -10.106 12.586  1.00 82.55  ? 25  ASN B CA  1 
ATOM   1109 C  C   . ASN B 2 25  ? 12.461  -9.322  13.252  1.00 70.82  ? 25  ASN B C   1 
ATOM   1110 O  O   . ASN B 2 25  ? 11.386  -9.872  13.523  1.00 81.48  ? 25  ASN B O   1 
ATOM   1111 C  CB  . ASN B 2 25  ? 14.601  -10.570 13.631  1.00 72.28  ? 25  ASN B CB  1 
ATOM   1112 C  CG  . ASN B 2 25  ? 15.697  -11.430 13.037  1.00 85.80  ? 25  ASN B CG  1 
ATOM   1113 O  OD1 . ASN B 2 25  ? 16.884  -11.178 13.250  1.00 79.14  ? 25  ASN B OD1 1 
ATOM   1114 N  ND2 . ASN B 2 25  ? 15.305  -12.454 12.288  1.00 85.19  ? 25  ASN B ND2 1 
ATOM   1115 N  N   . VAL B 2 26  ? 12.692  -8.035  13.526  1.00 67.57  ? 26  VAL B N   1 
ATOM   1116 C  CA  . VAL B 2 26  ? 11.655  -7.199  14.124  1.00 74.11  ? 26  VAL B CA  1 
ATOM   1117 C  C   . VAL B 2 26  ? 10.452  -7.100  13.197  1.00 65.08  ? 26  VAL B C   1 
ATOM   1118 O  O   . VAL B 2 26  ? 9.302   -7.224  13.631  1.00 61.66  ? 26  VAL B O   1 
ATOM   1119 C  CB  . VAL B 2 26  ? 12.223  -5.810  14.470  1.00 68.64  ? 26  VAL B CB  1 
ATOM   1120 C  CG1 . VAL B 2 26  ? 11.156  -4.946  15.127  1.00 57.91  ? 26  VAL B CG1 1 
ATOM   1121 C  CG2 . VAL B 2 26  ? 13.434  -5.947  15.375  1.00 58.78  ? 26  VAL B CG2 1 
ATOM   1122 N  N   . LYS B 2 27  ? 10.698  -6.882  11.902  1.00 62.94  ? 27  LYS B N   1 
ATOM   1123 C  CA  . LYS B 2 27  ? 9.603   -6.833  10.940  1.00 58.44  ? 27  LYS B CA  1 
ATOM   1124 C  C   . LYS B 2 27  ? 8.918   -8.188  10.801  1.00 59.45  ? 27  LYS B C   1 
ATOM   1125 O  O   . LYS B 2 27  ? 7.722   -8.250  10.494  1.00 57.95  ? 27  LYS B O   1 
ATOM   1126 C  CB  . LYS B 2 27  ? 10.122  -6.341  9.589   1.00 52.41  ? 27  LYS B CB  1 
ATOM   1127 C  CG  . LYS B 2 27  ? 10.716  -4.939  9.648   1.00 51.54  ? 27  LYS B CG  1 
ATOM   1128 C  CD  . LYS B 2 27  ? 11.640  -4.656  8.476   1.00 45.09  ? 27  LYS B CD  1 
ATOM   1129 C  CE  . LYS B 2 27  ? 10.876  -4.543  7.173   1.00 69.09  ? 27  LYS B CE  1 
ATOM   1130 N  NZ  . LYS B 2 27  ? 11.779  -4.228  6.030   1.00 71.88  ? 27  LYS B NZ  1 
ATOM   1131 N  N   . ALA B 2 28  ? 9.653   -9.280  11.034  1.00 61.47  ? 28  ALA B N   1 
ATOM   1132 C  CA  . ALA B 2 28  ? 9.036   -10.602 11.021  1.00 50.76  ? 28  ALA B CA  1 
ATOM   1133 C  C   . ALA B 2 28  ? 8.102   -10.786 12.211  1.00 65.94  ? 28  ALA B C   1 
ATOM   1134 O  O   . ALA B 2 28  ? 7.012   -11.354 12.070  1.00 63.65  ? 28  ALA B O   1 
ATOM   1135 C  CB  . ALA B 2 28  ? 10.115  -11.685 11.011  1.00 43.76  ? 28  ALA B CB  1 
ATOM   1136 N  N   . LYS B 2 29  ? 8.510   -10.315 13.392  1.00 60.63  ? 29  LYS B N   1 
ATOM   1137 C  CA  . LYS B 2 29  ? 7.623   -10.362 14.551  1.00 60.37  ? 29  LYS B CA  1 
ATOM   1138 C  C   . LYS B 2 29  ? 6.407   -9.468  14.345  1.00 64.47  ? 29  LYS B C   1 
ATOM   1139 O  O   . LYS B 2 29  ? 5.284   -9.836  14.717  1.00 70.51  ? 29  LYS B O   1 
ATOM   1140 C  CB  . LYS B 2 29  ? 8.384   -9.953  15.812  1.00 65.60  ? 29  LYS B CB  1 
ATOM   1141 C  CG  . LYS B 2 29  ? 9.639   -10.772 16.077  1.00 65.32  ? 29  LYS B CG  1 
ATOM   1142 C  CD  . LYS B 2 29  ? 10.375  -10.269 17.311  1.00 75.99  ? 29  LYS B CD  1 
ATOM   1143 C  CE  . LYS B 2 29  ? 11.701  -10.988 17.497  1.00 68.88  ? 29  LYS B CE  1 
ATOM   1144 N  NZ  . LYS B 2 29  ? 11.527  -12.461 17.626  1.00 71.06  ? 29  LYS B NZ  1 
ATOM   1145 N  N   . ILE B 2 30  ? 6.614   -8.288  13.751  1.00 54.41  ? 30  ILE B N   1 
ATOM   1146 C  CA  . ILE B 2 30  ? 5.496   -7.416  13.404  1.00 55.74  ? 30  ILE B CA  1 
ATOM   1147 C  C   . ILE B 2 30  ? 4.544   -8.130  12.456  1.00 60.01  ? 30  ILE B C   1 
ATOM   1148 O  O   . ILE B 2 30  ? 3.322   -7.965  12.538  1.00 54.10  ? 30  ILE B O   1 
ATOM   1149 C  CB  . ILE B 2 30  ? 6.015   -6.093  12.807  1.00 61.55  ? 30  ILE B CB  1 
ATOM   1150 C  CG1 . ILE B 2 30  ? 6.765   -5.289  13.870  1.00 55.59  ? 30  ILE B CG1 1 
ATOM   1151 C  CG2 . ILE B 2 30  ? 4.871   -5.270  12.229  1.00 52.54  ? 30  ILE B CG2 1 
ATOM   1152 C  CD1 . ILE B 2 30  ? 7.309   -3.972  13.364  1.00 53.19  ? 30  ILE B CD1 1 
ATOM   1153 N  N   . GLN B 2 31  ? 5.085   -8.946  11.546  1.00 54.34  ? 31  GLN B N   1 
ATOM   1154 C  CA  . GLN B 2 31  ? 4.221   -9.767  10.705  1.00 47.97  ? 31  GLN B CA  1 
ATOM   1155 C  C   . GLN B 2 31  ? 3.481   -10.810 11.532  1.00 56.42  ? 31  GLN B C   1 
ATOM   1156 O  O   . GLN B 2 31  ? 2.316   -11.117 11.255  1.00 51.08  ? 31  GLN B O   1 
ATOM   1157 C  CB  . GLN B 2 31  ? 5.036   -10.442 9.602   1.00 43.68  ? 31  GLN B CB  1 
ATOM   1158 C  CG  . GLN B 2 31  ? 4.186   -11.235 8.621   1.00 46.43  ? 31  GLN B CG  1 
ATOM   1159 C  CD  . GLN B 2 31  ? 5.012   -11.977 7.592   1.00 54.62  ? 31  GLN B CD  1 
ATOM   1160 O  OE1 . GLN B 2 31  ? 6.168   -12.323 7.837   1.00 67.47  ? 31  GLN B OE1 1 
ATOM   1161 N  NE2 . GLN B 2 31  ? 4.421   -12.226 6.430   1.00 49.77  ? 31  GLN B NE2 1 
ATOM   1162 N  N   . ASP B 2 32  ? 4.138   -11.363 12.554  1.00 61.72  ? 32  ASP B N   1 
ATOM   1163 C  CA  . ASP B 2 32  ? 3.510   -12.393 13.374  1.00 43.75  ? 32  ASP B CA  1 
ATOM   1164 C  C   . ASP B 2 32  ? 2.403   -11.842 14.264  1.00 44.62  ? 32  ASP B C   1 
ATOM   1165 O  O   . ASP B 2 32  ? 1.510   -12.600 14.655  1.00 50.70  ? 32  ASP B O   1 
ATOM   1166 C  CB  . ASP B 2 32  ? 4.560   -13.100 14.232  1.00 56.75  ? 32  ASP B CB  1 
ATOM   1167 C  CG  . ASP B 2 32  ? 5.433   -14.042 13.424  1.00 74.35  ? 32  ASP B CG  1 
ATOM   1168 O  OD1 . ASP B 2 32  ? 4.923   -14.640 12.453  1.00 83.25  ? 32  ASP B OD1 1 
ATOM   1169 O  OD2 . ASP B 2 32  ? 6.626   -14.186 13.761  1.00 93.56  ? 32  ASP B OD2 1 
ATOM   1170 N  N   . LYS B 2 33  ? 2.436   -10.551 14.595  1.00 48.30  ? 33  LYS B N   1 
ATOM   1171 C  CA  . LYS B 2 33  ? 1.384   -9.951  15.406  1.00 43.77  ? 33  LYS B CA  1 
ATOM   1172 C  C   . LYS B 2 33  ? 0.411   -9.095  14.605  1.00 51.41  ? 33  LYS B C   1 
ATOM   1173 O  O   . LYS B 2 33  ? -0.619  -8.685  15.153  1.00 48.89  ? 33  LYS B O   1 
ATOM   1174 C  CB  . LYS B 2 33  ? 1.994   -9.097  16.525  1.00 58.81  ? 33  LYS B CB  1 
ATOM   1175 C  CG  . LYS B 2 33  ? 2.541   -9.892  17.699  1.00 52.15  ? 33  LYS B CG  1 
ATOM   1176 C  CD  . LYS B 2 33  ? 2.883   -8.972  18.859  1.00 47.46  ? 33  LYS B CD  1 
ATOM   1177 C  CE  . LYS B 2 33  ? 3.342   -9.755  20.076  1.00 48.86  ? 33  LYS B CE  1 
ATOM   1178 N  NZ  . LYS B 2 33  ? 3.600   -8.861  21.240  1.00 59.08  ? 33  LYS B NZ  1 
ATOM   1179 N  N   . GLU B 2 34  ? 0.698   -8.819  13.335  1.00 71.15  ? 34  GLU B N   1 
ATOM   1180 C  CA  . GLU B 2 34  ? -0.089  -7.865  12.563  1.00 52.61  ? 34  GLU B CA  1 
ATOM   1181 C  C   . GLU B 2 34  ? -0.511  -8.436  11.216  1.00 63.88  ? 34  GLU B C   1 
ATOM   1182 O  O   . GLU B 2 34  ? -1.546  -8.045  10.666  1.00 68.14  ? 34  GLU B O   1 
ATOM   1183 C  CB  . GLU B 2 34  ? 0.705   -6.574  12.351  1.00 66.17  ? 34  GLU B CB  1 
ATOM   1184 C  CG  . GLU B 2 34  ? 1.036   -5.828  13.631  1.00 75.83  ? 34  GLU B CG  1 
ATOM   1185 C  CD  . GLU B 2 34  ? 0.083   -4.682  13.897  1.00 75.95  ? 34  GLU B CD  1 
ATOM   1186 O  OE1 . GLU B 2 34  ? 0.316   -3.580  13.360  1.00 60.20  ? 34  GLU B OE1 1 
ATOM   1187 O  OE2 . GLU B 2 34  ? -0.904  -4.886  14.636  1.00 91.69  ? 34  GLU B OE2 1 
ATOM   1188 N  N   . GLY B 2 35  ? 0.284   -9.355  10.673  1.00 59.23  ? 35  GLY B N   1 
ATOM   1189 C  CA  . GLY B 2 35  ? 0.026   -9.905  9.361   1.00 49.68  ? 35  GLY B CA  1 
ATOM   1190 C  C   . GLY B 2 35  ? 0.581   -9.098  8.209   1.00 46.32  ? 35  GLY B C   1 
ATOM   1191 O  O   . GLY B 2 35  ? 0.480   -9.542  7.058   1.00 61.15  ? 35  GLY B O   1 
ATOM   1192 N  N   . ILE B 2 36  ? 1.156   -7.933  8.478   1.00 48.50  ? 36  ILE B N   1 
ATOM   1193 C  CA  . ILE B 2 36  ? 1.744   -7.114  7.413   1.00 59.67  ? 36  ILE B CA  1 
ATOM   1194 C  C   . ILE B 2 36  ? 3.033   -7.772  6.931   1.00 48.86  ? 36  ILE B C   1 
ATOM   1195 O  O   . ILE B 2 36  ? 3.919   -8.066  7.753   1.00 48.85  ? 36  ILE B O   1 
ATOM   1196 C  CB  . ILE B 2 36  ? 2.008   -5.695  7.920   1.00 64.16  ? 36  ILE B CB  1 
ATOM   1197 C  CG1 . ILE B 2 36  ? 0.720   -5.080  8.471   1.00 64.60  ? 36  ILE B CG1 1 
ATOM   1198 C  CG2 . ILE B 2 36  ? 2.591   -4.831  6.810   1.00 38.51  ? 36  ILE B CG2 1 
ATOM   1199 C  CD1 . ILE B 2 36  ? 0.914   -3.722  9.109   1.00 68.34  ? 36  ILE B CD1 1 
ATOM   1200 N  N   . PRO B 2 37  ? 3.182   -8.031  5.633   1.00 53.94  ? 37  PRO B N   1 
ATOM   1201 C  CA  . PRO B 2 37  ? 4.418   -8.642  5.154   1.00 54.76  ? 37  PRO B CA  1 
ATOM   1202 C  C   . PRO B 2 37  ? 5.596   -7.726  5.397   1.00 53.27  ? 37  PRO B C   1 
ATOM   1203 O  O   . PRO B 2 37  ? 5.467   -6.487  5.339   1.00 57.40  ? 37  PRO B O   1 
ATOM   1204 C  CB  . PRO B 2 37  ? 4.155   -8.837  3.652   1.00 37.81  ? 37  PRO B CB  1 
ATOM   1205 C  CG  . PRO B 2 37  ? 2.670   -8.831  3.519   1.00 39.52  ? 37  PRO B CG  1 
ATOM   1206 C  CD  . PRO B 2 37  ? 2.183   -7.879  4.564   1.00 47.18  ? 37  PRO B CD  1 
ATOM   1207 N  N   . PRO B 2 38  ? 6.776   -8.288  5.681   1.00 70.22  ? 38  PRO B N   1 
ATOM   1208 C  CA  . PRO B 2 38  ? 7.942   -7.432  5.960   1.00 61.80  ? 38  PRO B CA  1 
ATOM   1209 C  C   . PRO B 2 38  ? 8.327   -6.531  4.799   1.00 47.43  ? 38  PRO B C   1 
ATOM   1210 O  O   . PRO B 2 38  ? 8.724   -5.381  5.023   1.00 52.30  ? 38  PRO B O   1 
ATOM   1211 C  CB  . PRO B 2 38  ? 9.048   -8.448  6.285   1.00 57.88  ? 38  PRO B CB  1 
ATOM   1212 C  CG  . PRO B 2 38  ? 8.317   -9.680  6.720   1.00 47.13  ? 38  PRO B CG  1 
ATOM   1213 C  CD  . PRO B 2 38  ? 7.071   -9.716  5.890   1.00 51.90  ? 38  PRO B CD  1 
ATOM   1214 N  N   . ASP B 2 39  ? 8.212   -7.014  3.557   1.00 59.58  ? 39  ASP B N   1 
ATOM   1215 C  CA  . ASP B 2 39  ? 8.576   -6.195  2.405   1.00 49.33  ? 39  ASP B CA  1 
ATOM   1216 C  C   . ASP B 2 39  ? 7.675   -4.976  2.252   1.00 54.55  ? 39  ASP B C   1 
ATOM   1217 O  O   . ASP B 2 39  ? 8.030   -4.047  1.519   1.00 61.71  ? 39  ASP B O   1 
ATOM   1218 C  CB  . ASP B 2 39  ? 8.544   -7.034  1.124   1.00 35.34  ? 39  ASP B CB  1 
ATOM   1219 C  CG  . ASP B 2 39  ? 7.147   -7.511  0.769   1.00 69.79  ? 39  ASP B CG  1 
ATOM   1220 O  OD1 . ASP B 2 39  ? 6.409   -6.756  0.102   1.00 65.61  ? 39  ASP B OD1 1 
ATOM   1221 O  OD2 . ASP B 2 39  ? 6.788   -8.644  1.156   1.00 77.51  ? 39  ASP B OD2 1 
ATOM   1222 N  N   . GLN B 2 40  ? 6.527   -4.957  2.925   1.00 49.29  ? 40  GLN B N   1 
ATOM   1223 C  CA  . GLN B 2 40  ? 5.640   -3.804  2.937   1.00 52.24  ? 40  GLN B CA  1 
ATOM   1224 C  C   . GLN B 2 40  ? 5.786   -2.974  4.205   1.00 51.77  ? 40  GLN B C   1 
ATOM   1225 O  O   . GLN B 2 40  ? 4.934   -2.121  4.478   1.00 58.05  ? 40  GLN B O   1 
ATOM   1226 C  CB  . GLN B 2 40  ? 4.187   -4.254  2.765   1.00 43.95  ? 40  GLN B CB  1 
ATOM   1227 C  CG  . GLN B 2 40  ? 3.900   -4.921  1.429   1.00 42.57  ? 40  GLN B CG  1 
ATOM   1228 C  CD  . GLN B 2 40  ? 2.438   -5.276  1.253   1.00 46.76  ? 40  GLN B CD  1 
ATOM   1229 O  OE1 . GLN B 2 40  ? 1.718   -5.494  2.227   1.00 52.47  ? 40  GLN B OE1 1 
ATOM   1230 N  NE2 . GLN B 2 40  ? 1.989   -5.328  0.006   1.00 43.35  ? 40  GLN B NE2 1 
ATOM   1231 N  N   . GLN B 2 41  ? 6.841   -3.201  4.982   1.00 44.15  ? 41  GLN B N   1 
ATOM   1232 C  CA  . GLN B 2 41  ? 7.085   -2.475  6.216   1.00 46.93  ? 41  GLN B CA  1 
ATOM   1233 C  C   . GLN B 2 41  ? 8.302   -1.571  6.074   1.00 56.67  ? 41  GLN B C   1 
ATOM   1234 O  O   . GLN B 2 41  ? 9.231   -1.861  5.315   1.00 54.90  ? 41  GLN B O   1 
ATOM   1235 C  CB  . GLN B 2 41  ? 7.315   -3.433  7.390   1.00 39.26  ? 41  GLN B CB  1 
ATOM   1236 C  CG  . GLN B 2 41  ? 6.184   -4.401  7.665   1.00 52.96  ? 41  GLN B CG  1 
ATOM   1237 C  CD  . GLN B 2 41  ? 6.467   -5.284  8.865   1.00 54.68  ? 41  GLN B CD  1 
ATOM   1238 O  OE1 . GLN B 2 41  ? 7.101   -4.854  9.828   1.00 54.41  ? 41  GLN B OE1 1 
ATOM   1239 N  NE2 . GLN B 2 41  ? 6.004   -6.528  8.811   1.00 53.97  ? 41  GLN B NE2 1 
ATOM   1240 N  N   . ARG B 2 42  ? 8.281   -0.463  6.812   1.00 54.63  ? 42  ARG B N   1 
ATOM   1241 C  CA  . ARG B 2 42  ? 9.477   0.337   7.038   1.00 66.13  ? 42  ARG B CA  1 
ATOM   1242 C  C   . ARG B 2 42  ? 9.402   0.900   8.449   1.00 62.79  ? 42  ARG B C   1 
ATOM   1243 O  O   . ARG B 2 42  ? 8.348   1.385   8.871   1.00 47.69  ? 42  ARG B O   1 
ATOM   1244 C  CB  . ARG B 2 42  ? 9.629   1.459   6.001   1.00 71.80  ? 42  ARG B CB  1 
ATOM   1245 C  CG  . ARG B 2 42  ? 8.485   2.453   5.941   1.00 59.89  ? 42  ARG B CG  1 
ATOM   1246 C  CD  . ARG B 2 42  ? 8.838   3.635   5.050   1.00 77.64  ? 42  ARG B CD  1 
ATOM   1247 N  NE  . ARG B 2 42  ? 9.200   3.213   3.699   1.00 91.40  ? 42  ARG B NE  1 
ATOM   1248 C  CZ  . ARG B 2 42  ? 9.635   4.036   2.751   1.00 74.43  ? 42  ARG B CZ  1 
ATOM   1249 N  NH1 . ARG B 2 42  ? 9.769   5.330   3.004   1.00 92.12  ? 42  ARG B NH1 1 
ATOM   1250 N  NH2 . ARG B 2 42  ? 9.941   3.565   1.550   1.00 61.45  ? 42  ARG B NH2 1 
ATOM   1251 N  N   . LEU B 2 43  ? 10.511  0.812   9.175   1.00 71.22  ? 43  LEU B N   1 
ATOM   1252 C  CA  . LEU B 2 43  ? 10.577  1.218   10.571  1.00 60.50  ? 43  LEU B CA  1 
ATOM   1253 C  C   . LEU B 2 43  ? 11.381  2.504   10.706  1.00 57.69  ? 43  LEU B C   1 
ATOM   1254 O  O   . LEU B 2 43  ? 12.434  2.658   10.079  1.00 58.05  ? 43  LEU B O   1 
ATOM   1255 C  CB  . LEU B 2 43  ? 11.201  0.116   11.431  1.00 67.17  ? 43  LEU B CB  1 
ATOM   1256 C  CG  . LEU B 2 43  ? 10.423  -1.200  11.470  1.00 54.58  ? 43  LEU B CG  1 
ATOM   1257 C  CD1 . LEU B 2 43  ? 11.186  -2.258  12.247  1.00 48.28  ? 43  LEU B CD1 1 
ATOM   1258 C  CD2 . LEU B 2 43  ? 9.045   -0.977  12.071  1.00 61.19  ? 43  LEU B CD2 1 
ATOM   1259 N  N   . ILE B 2 44  ? 10.878  3.419   11.528  1.00 71.66  ? 44  ILE B N   1 
ATOM   1260 C  CA  . ILE B 2 44  ? 11.501  4.718   11.755  1.00 70.63  ? 44  ILE B CA  1 
ATOM   1261 C  C   . ILE B 2 44  ? 11.759  4.873   13.246  1.00 82.39  ? 44  ILE B C   1 
ATOM   1262 O  O   . ILE B 2 44  ? 10.853  4.673   14.063  1.00 73.21  ? 44  ILE B O   1 
ATOM   1263 C  CB  . ILE B 2 44  ? 10.618  5.867   11.233  1.00 74.37  ? 44  ILE B CB  1 
ATOM   1264 C  CG1 . ILE B 2 44  ? 10.280  5.654   9.756   1.00 73.62  ? 44  ILE B CG1 1 
ATOM   1265 C  CG2 . ILE B 2 44  ? 11.308  7.206   11.439  1.00 75.43  ? 44  ILE B CG2 1 
ATOM   1266 C  CD1 . ILE B 2 44  ? 9.330   6.688   9.192   1.00 70.03  ? 44  ILE B CD1 1 
ATOM   1267 N  N   . PHE B 2 45  ? 12.993  5.228   13.597  1.00 96.90  ? 45  PHE B N   1 
ATOM   1268 C  CA  . PHE B 2 45  ? 13.391  5.489   14.978  1.00 96.09  ? 45  PHE B CA  1 
ATOM   1269 C  C   . PHE B 2 45  ? 13.885  6.932   15.046  1.00 94.42  ? 45  PHE B C   1 
ATOM   1270 O  O   . PHE B 2 45  ? 15.084  7.194   14.922  1.00 94.78  ? 45  PHE B O   1 
ATOM   1271 C  CB  . PHE B 2 45  ? 14.463  4.506   15.453  1.00 80.95  ? 45  PHE B CB  1 
ATOM   1272 C  CG  . PHE B 2 45  ? 14.750  4.586   16.927  1.00 89.72  ? 45  PHE B CG  1 
ATOM   1273 C  CD1 . PHE B 2 45  ? 13.836  5.161   17.797  1.00 102.48 ? 45  PHE B CD1 1 
ATOM   1274 C  CD2 . PHE B 2 45  ? 15.937  4.094   17.443  1.00 87.84  ? 45  PHE B CD2 1 
ATOM   1275 C  CE1 . PHE B 2 45  ? 14.098  5.238   19.151  1.00 100.05 ? 45  PHE B CE1 1 
ATOM   1276 C  CE2 . PHE B 2 45  ? 16.205  4.170   18.797  1.00 97.22  ? 45  PHE B CE2 1 
ATOM   1277 C  CZ  . PHE B 2 45  ? 15.284  4.742   19.652  1.00 96.92  ? 45  PHE B CZ  1 
ATOM   1278 N  N   . ALA B 2 46  ? 12.947  7.861   15.238  1.00 97.82  ? 46  ALA B N   1 
ATOM   1279 C  CA  . ALA B 2 46  ? 13.234  9.289   15.385  1.00 108.82 ? 46  ALA B CA  1 
ATOM   1280 C  C   . ALA B 2 46  ? 13.978  9.829   14.159  1.00 96.15  ? 46  ALA B C   1 
ATOM   1281 O  O   . ALA B 2 46  ? 15.158  10.183  14.206  1.00 90.31  ? 46  ALA B O   1 
ATOM   1282 C  CB  . ALA B 2 46  ? 14.017  9.558   16.676  1.00 91.53  ? 46  ALA B CB  1 
ATOM   1283 N  N   . GLY B 2 47  ? 13.244  9.877   13.050  1.00 82.16  ? 47  GLY B N   1 
ATOM   1284 C  CA  . GLY B 2 47  ? 13.746  10.506  11.843  1.00 85.16  ? 47  GLY B CA  1 
ATOM   1285 C  C   . GLY B 2 47  ? 14.335  9.565   10.812  1.00 69.19  ? 47  GLY B C   1 
ATOM   1286 O  O   . GLY B 2 47  ? 13.928  9.584   9.647   1.00 81.70  ? 47  GLY B O   1 
ATOM   1287 N  N   . LYS B 2 48  ? 15.297  8.743   11.222  1.00 63.30  ? 48  LYS B N   1 
ATOM   1288 C  CA  . LYS B 2 48  ? 16.035  7.898   10.295  1.00 79.16  ? 48  LYS B CA  1 
ATOM   1289 C  C   . LYS B 2 48  ? 15.323  6.568   10.080  1.00 85.99  ? 48  LYS B C   1 
ATOM   1290 O  O   . LYS B 2 48  ? 14.775  5.983   11.018  1.00 77.71  ? 48  LYS B O   1 
ATOM   1291 C  CB  . LYS B 2 48  ? 17.454  7.648   10.810  1.00 65.00  ? 48  LYS B CB  1 
ATOM   1292 N  N   . GLN B 2 49  ? 15.338  6.096   8.836   1.00 77.61  ? 49  GLN B N   1 
ATOM   1293 C  CA  . GLN B 2 49  ? 14.811  4.778   8.528   1.00 60.86  ? 49  GLN B CA  1 
ATOM   1294 C  C   . GLN B 2 49  ? 15.785  3.699   8.991   1.00 62.87  ? 49  GLN B C   1 
ATOM   1295 O  O   . GLN B 2 49  ? 16.988  3.930   9.141   1.00 77.93  ? 49  GLN B O   1 
ATOM   1296 C  CB  . GLN B 2 49  ? 14.542  4.628   7.030   1.00 56.52  ? 49  GLN B CB  1 
ATOM   1297 C  CG  . GLN B 2 49  ? 13.437  5.523   6.497   1.00 74.08  ? 49  GLN B CG  1 
ATOM   1298 C  CD  . GLN B 2 49  ? 13.046  5.175   5.073   1.00 89.15  ? 49  GLN B CD  1 
ATOM   1299 O  OE1 . GLN B 2 49  ? 13.294  4.064   4.601   1.00 79.33  ? 49  GLN B OE1 1 
ATOM   1300 N  NE2 . GLN B 2 49  ? 12.433  6.127   4.377   1.00 80.60  ? 49  GLN B NE2 1 
ATOM   1301 N  N   . LEU B 2 50  ? 15.248  2.504   9.213   1.00 61.48  ? 50  LEU B N   1 
ATOM   1302 C  CA  . LEU B 2 50  ? 16.015  1.375   9.724   1.00 67.01  ? 50  LEU B CA  1 
ATOM   1303 C  C   . LEU B 2 50  ? 16.221  0.366   8.602   1.00 69.98  ? 50  LEU B C   1 
ATOM   1304 O  O   . LEU B 2 50  ? 15.249  -0.181  8.068   1.00 63.54  ? 50  LEU B O   1 
ATOM   1305 C  CB  . LEU B 2 50  ? 15.312  0.725   10.917  1.00 69.46  ? 50  LEU B CB  1 
ATOM   1306 C  CG  . LEU B 2 50  ? 15.466  1.377   12.296  1.00 67.56  ? 50  LEU B CG  1 
ATOM   1307 C  CD1 . LEU B 2 50  ? 14.892  2.784   12.328  1.00 68.37  ? 50  LEU B CD1 1 
ATOM   1308 C  CD2 . LEU B 2 50  ? 14.813  0.517   13.364  1.00 66.43  ? 50  LEU B CD2 1 
ATOM   1309 N  N   . GLU B 2 51  ? 17.480  0.129   8.248   1.00 81.30  ? 51  GLU B N   1 
ATOM   1310 C  CA  . GLU B 2 51  ? 17.823  -0.829  7.209   1.00 90.06  ? 51  GLU B CA  1 
ATOM   1311 C  C   . GLU B 2 51  ? 17.659  -2.256  7.717   1.00 76.23  ? 51  GLU B C   1 
ATOM   1312 O  O   . GLU B 2 51  ? 17.876  -2.546  8.896   1.00 79.06  ? 51  GLU B O   1 
ATOM   1313 C  CB  . GLU B 2 51  ? 19.260  -0.610  6.730   1.00 93.02  ? 51  GLU B CB  1 
ATOM   1314 C  CG  . GLU B 2 51  ? 19.519  0.772   6.146   1.00 78.72  ? 51  GLU B CG  1 
ATOM   1315 N  N   . ASP B 2 52  ? 17.284  -3.155  6.803   1.00 88.05  ? 52  ASP B N   1 
ATOM   1316 C  CA  . ASP B 2 52  ? 17.026  -4.541  7.187   1.00 82.90  ? 52  ASP B CA  1 
ATOM   1317 C  C   . ASP B 2 52  ? 18.292  -5.254  7.647   1.00 86.45  ? 52  ASP B C   1 
ATOM   1318 O  O   . ASP B 2 52  ? 18.216  -6.175  8.467   1.00 72.28  ? 52  ASP B O   1 
ATOM   1319 C  CB  . ASP B 2 52  ? 16.390  -5.300  6.021   1.00 67.20  ? 52  ASP B CB  1 
ATOM   1320 C  CG  . ASP B 2 52  ? 15.017  -4.767  5.656   1.00 80.99  ? 52  ASP B CG  1 
ATOM   1321 O  OD1 . ASP B 2 52  ? 14.530  -3.844  6.344   1.00 77.59  ? 52  ASP B OD1 1 
ATOM   1322 O  OD2 . ASP B 2 52  ? 14.424  -5.273  4.680   1.00 72.45  ? 52  ASP B OD2 1 
ATOM   1323 N  N   . GLY B 2 53  ? 19.458  -4.845  7.139   1.00 75.66  ? 53  GLY B N   1 
ATOM   1324 C  CA  . GLY B 2 53  ? 20.688  -5.543  7.470   1.00 52.67  ? 53  GLY B CA  1 
ATOM   1325 C  C   . GLY B 2 53  ? 21.250  -5.206  8.833   1.00 72.68  ? 53  GLY B C   1 
ATOM   1326 O  O   . GLY B 2 53  ? 21.973  -6.016  9.421   1.00 73.73  ? 53  GLY B O   1 
ATOM   1327 N  N   . ARG B 2 54  ? 20.933  -4.024  9.356   1.00 83.38  ? 54  ARG B N   1 
ATOM   1328 C  CA  . ARG B 2 54  ? 21.467  -3.589  10.637  1.00 78.29  ? 54  ARG B CA  1 
ATOM   1329 C  C   . ARG B 2 54  ? 20.725  -4.274  11.784  1.00 72.51  ? 54  ARG B C   1 
ATOM   1330 O  O   . ARG B 2 54  ? 19.806  -5.071  11.582  1.00 89.12  ? 54  ARG B O   1 
ATOM   1331 C  CB  . ARG B 2 54  ? 21.384  -2.068  10.756  1.00 70.73  ? 54  ARG B CB  1 
ATOM   1332 N  N   . THR B 2 55  ? 21.131  -3.956  13.010  1.00 70.49  ? 55  THR B N   1 
ATOM   1333 C  CA  . THR B 2 55  ? 20.547  -4.529  14.212  1.00 76.81  ? 55  THR B CA  1 
ATOM   1334 C  C   . THR B 2 55  ? 19.981  -3.423  15.094  1.00 78.48  ? 55  THR B C   1 
ATOM   1335 O  O   . THR B 2 55  ? 20.136  -2.230  14.818  1.00 73.61  ? 55  THR B O   1 
ATOM   1336 C  CB  . THR B 2 55  ? 21.581  -5.349  14.997  1.00 81.18  ? 55  THR B CB  1 
ATOM   1337 O  OG1 . THR B 2 55  ? 22.691  -4.515  15.348  1.00 84.57  ? 55  THR B OG1 1 
ATOM   1338 C  CG2 . THR B 2 55  ? 22.072  -6.526  14.167  1.00 80.48  ? 55  THR B CG2 1 
ATOM   1339 N  N   . LEU B 2 56  ? 19.313  -3.837  16.174  1.00 78.90  ? 56  LEU B N   1 
ATOM   1340 C  CA  . LEU B 2 56  ? 18.783  -2.864  17.124  1.00 83.48  ? 56  LEU B CA  1 
ATOM   1341 C  C   . LEU B 2 56  ? 19.896  -2.159  17.886  1.00 88.69  ? 56  LEU B C   1 
ATOM   1342 O  O   . LEU B 2 56  ? 19.754  -0.983  18.241  1.00 87.00  ? 56  LEU B O   1 
ATOM   1343 C  CB  . LEU B 2 56  ? 17.825  -3.541  18.107  1.00 97.96  ? 56  LEU B CB  1 
ATOM   1344 C  CG  . LEU B 2 56  ? 16.485  -4.063  17.589  1.00 75.00  ? 56  LEU B CG  1 
ATOM   1345 C  CD1 . LEU B 2 56  ? 16.629  -5.464  17.027  1.00 78.42  ? 56  LEU B CD1 1 
ATOM   1346 C  CD2 . LEU B 2 56  ? 15.454  -4.036  18.702  1.00 63.87  ? 56  LEU B CD2 1 
ATOM   1347 N  N   . SER B 2 57  ? 21.003  -2.856  18.149  1.00 92.49  ? 57  SER B N   1 
ATOM   1348 C  CA  . SER B 2 57  ? 22.111  -2.247  18.875  1.00 95.81  ? 57  SER B CA  1 
ATOM   1349 C  C   . SER B 2 57  ? 22.792  -1.158  18.059  1.00 87.84  ? 57  SER B C   1 
ATOM   1350 O  O   . SER B 2 57  ? 23.251  -0.159  18.627  1.00 97.40  ? 57  SER B O   1 
ATOM   1351 C  CB  . SER B 2 57  ? 23.121  -3.316  19.280  1.00 88.65  ? 57  SER B CB  1 
ATOM   1352 O  OG  . SER B 2 57  ? 23.657  -3.965  18.140  1.00 95.75  ? 57  SER B OG  1 
ATOM   1353 N  N   . ASP B 2 58  ? 22.857  -1.321  16.734  1.00 76.97  ? 58  ASP B N   1 
ATOM   1354 C  CA  . ASP B 2 58  ? 23.502  -0.313  15.900  1.00 87.66  ? 58  ASP B CA  1 
ATOM   1355 C  C   . ASP B 2 58  ? 22.776  1.021   15.974  1.00 78.54  ? 58  ASP B C   1 
ATOM   1356 O  O   . ASP B 2 58  ? 23.409  2.077   15.867  1.00 85.20  ? 58  ASP B O   1 
ATOM   1357 C  CB  . ASP B 2 58  ? 23.583  -0.792  14.450  1.00 78.83  ? 58  ASP B CB  1 
ATOM   1358 C  CG  . ASP B 2 58  ? 24.322  -2.108  14.311  1.00 92.14  ? 58  ASP B CG  1 
ATOM   1359 O  OD1 . ASP B 2 58  ? 24.548  -2.776  15.344  1.00 95.19  ? 58  ASP B OD1 1 
ATOM   1360 O  OD2 . ASP B 2 58  ? 24.679  -2.477  13.173  1.00 92.94  ? 58  ASP B OD2 1 
ATOM   1361 N  N   . TYR B 2 59  ? 21.459  0.995   16.155  1.00 82.51  ? 59  TYR B N   1 
ATOM   1362 C  CA  . TYR B 2 59  ? 20.679  2.212   16.329  1.00 84.40  ? 59  TYR B CA  1 
ATOM   1363 C  C   . TYR B 2 59  ? 20.551  2.621   17.790  1.00 85.16  ? 59  TYR B C   1 
ATOM   1364 O  O   . TYR B 2 59  ? 19.882  3.620   18.081  1.00 61.01  ? 59  TYR B O   1 
ATOM   1365 C  CB  . TYR B 2 59  ? 19.288  2.039   15.708  1.00 83.33  ? 59  TYR B CB  1 
ATOM   1366 C  CG  . TYR B 2 59  ? 19.309  1.919   14.199  1.00 89.55  ? 59  TYR B CG  1 
ATOM   1367 C  CD1 . TYR B 2 59  ? 19.563  0.701   13.580  1.00 79.01  ? 59  TYR B CD1 1 
ATOM   1368 C  CD2 . TYR B 2 59  ? 19.076  3.027   13.394  1.00 67.59  ? 59  TYR B CD2 1 
ATOM   1369 C  CE1 . TYR B 2 59  ? 19.585  0.591   12.203  1.00 70.73  ? 59  TYR B CE1 1 
ATOM   1370 C  CE2 . TYR B 2 59  ? 19.095  2.925   12.016  1.00 66.10  ? 59  TYR B CE2 1 
ATOM   1371 C  CZ  . TYR B 2 59  ? 19.351  1.706   11.425  1.00 70.22  ? 59  TYR B CZ  1 
ATOM   1372 O  OH  . TYR B 2 59  ? 19.369  1.601   10.053  1.00 75.79  ? 59  TYR B OH  1 
ATOM   1373 N  N   . ASN B 2 60  ? 21.177  1.880   18.702  1.00 86.51  ? 60  ASN B N   1 
ATOM   1374 C  CA  . ASN B 2 60  ? 21.177  2.180   20.133  0.84 99.32  ? 60  ASN B CA  1 
ATOM   1375 C  C   . ASN B 2 60  ? 19.750  2.318   20.663  1.00 102.26 ? 60  ASN B C   1 
ATOM   1376 O  O   . ASN B 2 60  ? 19.357  3.337   21.233  1.00 103.28 ? 60  ASN B O   1 
ATOM   1377 C  CB  . ASN B 2 60  ? 22.005  3.434   20.428  1.00 111.98 ? 60  ASN B CB  1 
ATOM   1378 C  CG  . ASN B 2 60  ? 23.481  3.238   20.139  1.00 122.22 ? 60  ASN B CG  1 
ATOM   1379 O  OD1 . ASN B 2 60  ? 24.008  2.131   20.266  1.00 131.89 ? 60  ASN B OD1 1 
ATOM   1380 N  ND2 . ASN B 2 60  ? 24.158  4.312   19.750  1.00 81.94  ? 60  ASN B ND2 1 
ATOM   1381 N  N   . ILE B 2 61  ? 18.974  1.258   20.463  1.00 97.81  ? 61  ILE B N   1 
ATOM   1382 C  CA  . ILE B 2 61  ? 17.575  1.224   20.871  1.00 98.72  ? 61  ILE B CA  1 
ATOM   1383 C  C   . ILE B 2 61  ? 17.512  0.707   22.302  1.00 100.04 ? 61  ILE B C   1 
ATOM   1384 O  O   . ILE B 2 61  ? 17.735  -0.481  22.555  1.00 86.01  ? 61  ILE B O   1 
ATOM   1385 C  CB  . ILE B 2 61  ? 16.735  0.354   19.930  1.00 101.08 ? 61  ILE B CB  1 
ATOM   1386 C  CG1 . ILE B 2 61  ? 16.936  0.794   18.478  1.00 94.34  ? 61  ILE B CG1 1 
ATOM   1387 C  CG2 . ILE B 2 61  ? 15.266  0.423   20.316  1.00 104.08 ? 61  ILE B CG2 1 
ATOM   1388 C  CD1 . ILE B 2 61  ? 15.980  0.145   17.505  1.00 93.16  ? 61  ILE B CD1 1 
ATOM   1389 N  N   . GLN B 2 62  ? 17.206  1.597   23.241  1.00 107.20 ? 62  GLN B N   1 
ATOM   1390 C  CA  . GLN B 2 62  ? 17.060  1.205   24.631  1.00 112.18 ? 62  GLN B CA  1 
ATOM   1391 C  C   . GLN B 2 62  ? 15.734  0.475   24.839  1.00 110.63 ? 62  GLN B C   1 
ATOM   1392 O  O   . GLN B 2 62  ? 14.860  0.454   23.968  1.00 97.88  ? 62  GLN B O   1 
ATOM   1393 C  CB  . GLN B 2 62  ? 17.150  2.427   25.545  1.00 94.57  ? 62  GLN B CB  1 
ATOM   1394 N  N   . LYS B 2 63  ? 15.592  -0.133  26.014  1.00 116.20 ? 63  LYS B N   1 
ATOM   1395 C  CA  . LYS B 2 63  ? 14.367  -0.852  26.332  1.00 101.31 ? 63  LYS B CA  1 
ATOM   1396 C  C   . LYS B 2 63  ? 13.189  0.112   26.419  1.00 105.15 ? 63  LYS B C   1 
ATOM   1397 O  O   . LYS B 2 63  ? 13.344  1.292   26.748  1.00 105.77 ? 63  LYS B O   1 
ATOM   1398 C  CB  . LYS B 2 63  ? 14.523  -1.618  27.646  1.00 75.03  ? 63  LYS B CB  1 
ATOM   1399 N  N   . GLU B 2 64  ? 11.999  -0.408  26.111  1.00 99.89  ? 64  GLU B N   1 
ATOM   1400 C  CA  . GLU B 2 64  ? 10.758  0.370   26.100  1.00 93.66  ? 64  GLU B CA  1 
ATOM   1401 C  C   . GLU B 2 64  ? 10.827  1.543   25.125  1.00 95.59  ? 64  GLU B C   1 
ATOM   1402 O  O   . GLU B 2 64  ? 10.266  2.612   25.381  1.00 91.67  ? 64  GLU B O   1 
ATOM   1403 C  CB  . GLU B 2 64  ? 10.391  0.864   27.503  1.00 95.12  ? 64  GLU B CB  1 
ATOM   1404 C  CG  . GLU B 2 64  ? 9.945   -0.232  28.456  1.00 91.68  ? 64  GLU B CG  1 
ATOM   1405 C  CD  . GLU B 2 64  ? 9.385   0.324   29.751  1.00 121.34 ? 64  GLU B CD  1 
ATOM   1406 O  OE1 . GLU B 2 64  ? 9.448   1.556   29.943  1.00 119.86 ? 64  GLU B OE1 1 
ATOM   1407 O  OE2 . GLU B 2 64  ? 8.882   -0.469  30.575  1.00 135.18 ? 64  GLU B OE2 1 
ATOM   1408 N  N   . SER B 2 65  ? 11.510  1.355   24.001  1.00 97.77  ? 65  SER B N   1 
ATOM   1409 C  CA  . SER B 2 65  ? 11.547  2.356   22.947  1.00 102.62 ? 65  SER B CA  1 
ATOM   1410 C  C   . SER B 2 65  ? 10.403  2.123   21.969  1.00 79.93  ? 65  SER B C   1 
ATOM   1411 O  O   . SER B 2 65  ? 9.945   0.994   21.778  1.00 63.43  ? 65  SER B O   1 
ATOM   1412 C  CB  . SER B 2 65  ? 12.886  2.323   22.209  1.00 99.08  ? 65  SER B CB  1 
ATOM   1413 O  OG  . SER B 2 65  ? 13.966  2.524   23.103  1.00 89.48  ? 65  SER B OG  1 
ATOM   1414 N  N   . THR B 2 66  ? 9.943   3.207   21.349  1.00 88.58  ? 66  THR B N   1 
ATOM   1415 C  CA  . THR B 2 66  ? 8.788   3.176   20.459  1.00 72.61  ? 66  THR B CA  1 
ATOM   1416 C  C   . THR B 2 66  ? 9.255   3.400   19.025  1.00 92.45  ? 66  THR B C   1 
ATOM   1417 O  O   . THR B 2 66  ? 9.632   4.517   18.655  1.00 89.62  ? 66  THR B O   1 
ATOM   1418 C  CB  . THR B 2 66  ? 7.754   4.225   20.868  1.00 74.68  ? 66  THR B CB  1 
ATOM   1419 O  OG1 . THR B 2 66  ? 7.272   3.932   22.186  1.00 81.28  ? 66  THR B OG1 1 
ATOM   1420 C  CG2 . THR B 2 66  ? 6.585   4.227   19.895  1.00 78.13  ? 66  THR B CG2 1 
ATOM   1421 N  N   . LEU B 2 67  ? 9.228   2.336   18.227  1.00 100.59 ? 67  LEU B N   1 
ATOM   1422 C  CA  . LEU B 2 67  ? 9.483   2.444   16.798  1.00 89.14  ? 67  LEU B CA  1 
ATOM   1423 C  C   . LEU B 2 67  ? 8.193   2.804   16.074  1.00 79.84  ? 67  LEU B C   1 
ATOM   1424 O  O   . LEU B 2 67  ? 7.105   2.368   16.460  1.00 72.61  ? 67  LEU B O   1 
ATOM   1425 C  CB  . LEU B 2 67  ? 10.043  1.130   16.245  1.00 67.96  ? 67  LEU B CB  1 
ATOM   1426 C  CG  . LEU B 2 67  ? 11.498  0.740   16.529  1.00 71.85  ? 67  LEU B CG  1 
ATOM   1427 C  CD1 . LEU B 2 67  ? 11.715  0.369   17.988  1.00 82.57  ? 67  LEU B CD1 1 
ATOM   1428 C  CD2 . LEU B 2 67  ? 11.924  -0.404  15.619  1.00 57.72  ? 67  LEU B CD2 1 
ATOM   1429 N  N   . HIS B 2 68  ? 8.316   3.605   15.020  1.00 75.30  ? 68  HIS B N   1 
ATOM   1430 C  CA  . HIS B 2 68  ? 7.168   4.051   14.242  1.00 66.01  ? 68  HIS B CA  1 
ATOM   1431 C  C   . HIS B 2 68  ? 7.116   3.270   12.934  1.00 66.92  ? 68  HIS B C   1 
ATOM   1432 O  O   . HIS B 2 68  ? 8.036   3.363   12.112  1.00 58.09  ? 68  HIS B O   1 
ATOM   1433 C  CB  . HIS B 2 68  ? 7.236   5.555   13.982  1.00 76.85  ? 68  HIS B CB  1 
ATOM   1434 C  CG  . HIS B 2 68  ? 7.109   6.384   15.223  1.00 107.32 ? 68  HIS B CG  1 
ATOM   1435 N  ND1 . HIS B 2 68  ? 8.078   6.411   16.203  1.00 109.84 ? 68  HIS B ND1 1 
ATOM   1436 C  CD2 . HIS B 2 68  ? 6.125   7.212   15.646  1.00 98.42  ? 68  HIS B CD2 1 
ATOM   1437 C  CE1 . HIS B 2 68  ? 7.698   7.222   17.174  1.00 91.46  ? 68  HIS B CE1 1 
ATOM   1438 N  NE2 . HIS B 2 68  ? 6.515   7.721   16.861  1.00 94.04  ? 68  HIS B NE2 1 
ATOM   1439 N  N   . LEU B 2 69  ? 6.044   2.503   12.748  1.00 69.43  ? 69  LEU B N   1 
ATOM   1440 C  CA  . LEU B 2 69  ? 5.888   1.647   11.580  1.00 61.55  ? 69  LEU B CA  1 
ATOM   1441 C  C   . LEU B 2 69  ? 5.101   2.372   10.496  1.00 61.05  ? 69  LEU B C   1 
ATOM   1442 O  O   . LEU B 2 69  ? 4.023   2.915   10.758  1.00 53.73  ? 69  LEU B O   1 
ATOM   1443 C  CB  . LEU B 2 69  ? 5.183   0.345   11.961  1.00 53.67  ? 69  LEU B CB  1 
ATOM   1444 C  CG  . LEU B 2 69  ? 4.752   -0.568  10.812  1.00 53.62  ? 69  LEU B CG  1 
ATOM   1445 C  CD1 . LEU B 2 69  ? 5.957   -1.049  10.016  1.00 50.04  ? 69  LEU B CD1 1 
ATOM   1446 C  CD2 . LEU B 2 69  ? 3.945   -1.743  11.342  1.00 38.26  ? 69  LEU B CD2 1 
ATOM   1447 N  N   . VAL B 2 70  ? 5.645   2.377   9.281   1.00 61.68  ? 70  VAL B N   1 
ATOM   1448 C  CA  . VAL B 2 70  ? 4.999   2.971   8.119   1.00 57.72  ? 70  VAL B CA  1 
ATOM   1449 C  C   . VAL B 2 70  ? 4.914   1.909   7.032   1.00 51.04  ? 70  VAL B C   1 
ATOM   1450 O  O   . VAL B 2 70  ? 5.805   1.061   6.910   1.00 55.17  ? 70  VAL B O   1 
ATOM   1451 C  CB  . VAL B 2 70  ? 5.758   4.221   7.619   1.00 58.27  ? 70  VAL B CB  1 
ATOM   1452 C  CG1 . VAL B 2 70  ? 5.021   4.883   6.463   1.00 70.68  ? 70  VAL B CG1 1 
ATOM   1453 C  CG2 . VAL B 2 70  ? 5.959   5.212   8.756   1.00 54.80  ? 70  VAL B CG2 1 
ATOM   1454 N  N   . LEU B 2 71  ? 3.834   1.944   6.256   1.00 56.08  ? 71  LEU B N   1 
ATOM   1455 C  CA  . LEU B 2 71  ? 3.644   0.985   5.178   1.00 47.18  ? 71  LEU B CA  1 
ATOM   1456 C  C   . LEU B 2 71  ? 4.416   1.416   3.937   1.00 40.06  ? 71  LEU B C   1 
ATOM   1457 O  O   . LEU B 2 71  ? 4.422   2.595   3.570   1.00 52.84  ? 71  LEU B O   1 
ATOM   1458 C  CB  . LEU B 2 71  ? 2.158   0.844   4.845   1.00 50.33  ? 71  LEU B CB  1 
ATOM   1459 C  CG  . LEU B 2 71  ? 1.229   0.454   5.997   1.00 53.37  ? 71  LEU B CG  1 
ATOM   1460 C  CD1 . LEU B 2 71  ? -0.219  0.405   5.530   1.00 36.42  ? 71  LEU B CD1 1 
ATOM   1461 C  CD2 . LEU B 2 71  ? 1.646   -0.880  6.600   1.00 42.21  ? 71  LEU B CD2 1 
ATOM   1462 N  N   . ARG B 2 72  ? 5.071   0.455   3.295   1.00 42.63  ? 72  ARG B N   1 
ATOM   1463 C  CA  . ARG B 2 72  ? 5.807   0.675   2.052   1.00 51.53  ? 72  ARG B CA  1 
ATOM   1464 C  C   . ARG B 2 72  ? 4.991   0.038   0.929   1.00 51.20  ? 72  ARG B C   1 
ATOM   1465 O  O   . ARG B 2 72  ? 5.217   -1.114  0.551   1.00 59.73  ? 72  ARG B O   1 
ATOM   1466 C  CB  . ARG B 2 72  ? 7.220   0.091   2.131   1.00 56.46  ? 72  ARG B CB  1 
ATOM   1467 C  CG  . ARG B 2 72  ? 8.075   0.339   0.893   1.00 54.20  ? 72  ARG B CG  1 
ATOM   1468 C  CD  . ARG B 2 72  ? 9.337   -0.514  0.904   1.00 76.96  ? 72  ARG B CD  1 
ATOM   1469 N  NE  . ARG B 2 72  ? 10.216  -0.192  2.024   1.00 97.10  ? 72  ARG B NE  1 
ATOM   1470 C  CZ  . ARG B 2 72  ? 11.279  0.602   1.937   1.00 105.29 ? 72  ARG B CZ  1 
ATOM   1471 N  NH1 . ARG B 2 72  ? 11.604  1.156   0.777   1.00 95.95  ? 72  ARG B NH1 1 
ATOM   1472 N  NH2 . ARG B 2 72  ? 12.021  0.839   3.011   1.00 90.15  ? 72  ARG B NH2 1 
ATOM   1473 N  N   . LEU B 2 73  ? 4.034   0.798   0.399   1.00 42.53  ? 73  LEU B N   1 
ATOM   1474 C  CA  . LEU B 2 73  ? 3.124   0.296   -0.621  1.00 44.77  ? 73  LEU B CA  1 
ATOM   1475 C  C   . LEU B 2 73  ? 3.269   0.995   -1.965  1.00 41.81  ? 73  LEU B C   1 
ATOM   1476 O  O   . LEU B 2 73  ? 2.501   0.695   -2.885  1.00 49.50  ? 73  LEU B O   1 
ATOM   1477 C  CB  . LEU B 2 73  ? 1.669   0.420   -0.144  1.00 41.51  ? 73  LEU B CB  1 
ATOM   1478 C  CG  . LEU B 2 73  ? 1.334   -0.244  1.193   1.00 39.48  ? 73  LEU B CG  1 
ATOM   1479 C  CD1 . LEU B 2 73  ? -0.097  0.067   1.606   1.00 37.16  ? 73  LEU B CD1 1 
ATOM   1480 C  CD2 . LEU B 2 73  ? 1.564   -1.748  1.115   1.00 39.80  ? 73  LEU B CD2 1 
ATOM   1481 N  N   . ARG B 2 74  ? 4.220   1.914   -2.110  1.00 49.73  ? 74  ARG B N   1 
ATOM   1482 C  CA  . ARG B 2 74  ? 4.362   2.671   -3.345  1.00 35.29  ? 74  ARG B CA  1 
ATOM   1483 C  C   . ARG B 2 74  ? 5.829   2.753   -3.739  1.00 46.70  ? 74  ARG B C   1 
ATOM   1484 O  O   . ARG B 2 74  ? 6.710   2.876   -2.883  1.00 48.41  ? 74  ARG B O   1 
ATOM   1485 C  CB  . ARG B 2 74  ? 3.772   4.082   -3.210  1.00 39.21  ? 74  ARG B CB  1 
ATOM   1486 C  CG  . ARG B 2 74  ? 2.265   4.102   -2.978  1.00 38.99  ? 74  ARG B CG  1 
ATOM   1487 C  CD  . ARG B 2 74  ? 1.744   5.497   -2.653  1.00 46.28  ? 74  ARG B CD  1 
ATOM   1488 N  NE  . ARG B 2 74  ? 1.772   6.394   -3.804  1.00 39.45  ? 74  ARG B NE  1 
ATOM   1489 C  CZ  . ARG B 2 74  ? 2.715   7.306   -4.019  1.00 47.83  ? 74  ARG B CZ  1 
ATOM   1490 N  NH1 . ARG B 2 74  ? 3.713   7.446   -3.158  1.00 60.48  ? 74  ARG B NH1 1 
ATOM   1491 N  NH2 . ARG B 2 74  ? 2.657   8.081   -5.094  1.00 51.76  ? 74  ARG B NH2 1 
ATOM   1492 N  N   . GLY B 2 75  ? 6.074   2.681   -5.041  1.00 46.36  ? 75  GLY B N   1 
ATOM   1493 C  CA  . GLY B 2 75  ? 7.404   2.819   -5.581  1.00 31.33  ? 75  GLY B CA  1 
ATOM   1494 C  C   . GLY B 2 75  ? 7.322   3.228   -7.034  1.00 59.76  ? 75  GLY B C   1 
ATOM   1495 O  O   . GLY B 2 75  ? 6.270   3.639   -7.524  1.00 56.41  ? 75  GLY B O   1 
ATOM   1496 N  N   . CYS B 2 76  ? 8.452   3.109   -7.721  1.00 80.47  ? 76  CYS B N   1 
ATOM   1497 C  CA  . CYS B 2 76  ? 8.499   3.416   -9.148  1.00 66.86  ? 76  CYS B CA  1 
ATOM   1498 C  C   . CYS B 2 76  ? 8.562   2.138   -9.974  1.00 82.98  ? 76  CYS B C   1 
ATOM   1499 O  O   . CYS B 2 76  ? 7.736   1.919   -10.861 1.00 53.10  ? 76  CYS B O   1 
ATOM   1500 C  CB  . CYS B 2 76  ? 9.694   4.312   -9.464  1.00 54.64  ? 76  CYS B CB  1 
ATOM   1501 S  SG  . CYS B 2 76  ? 9.993   4.574   -11.232 1.00 80.86  ? 76  CYS B SG  1 
HETATM 1502 S  S   . SO4 C 3 .   ? -19.711 7.679   -11.165 0.50 83.92  ? 401 SO4 A S   1 
HETATM 1503 O  O1  . SO4 C 3 .   ? -18.776 7.359   -10.090 1.00 80.97  ? 401 SO4 A O1  1 
HETATM 1504 O  O2  . SO4 C 3 .   ? -19.418 8.436   -12.379 1.00 87.12  ? 401 SO4 A O2  1 
HETATM 1505 O  O3  . SO4 C 3 .   ? -20.225 6.404   -11.656 1.00 87.12  ? 401 SO4 A O3  1 
HETATM 1506 O  O4  . SO4 C 3 .   ? -20.397 8.602   -10.264 1.00 81.00  ? 401 SO4 A O4  1 
HETATM 1507 ZN ZN  . ZN  D 4 .   ? -16.975 -3.237  6.614   1.00 129.85 ? 402 ZN  A ZN  1 
HETATM 1508 ZN ZN  . ZN  E 4 .   ? -18.821 -9.389  6.822   1.00 108.86 ? 403 ZN  A ZN  1 
HETATM 1509 ZN ZN  . ZN  F 4 .   ? 4.440   -4.890  -8.409  1.00 58.14  ? 404 ZN  A ZN  1 
HETATM 1510 S  S   . SO4 G 3 .   ? 6.995   -5.132  -6.272  1.00 73.78  ? 405 SO4 A S   1 
HETATM 1511 O  O1  . SO4 G 3 .   ? 7.670   -6.145  -7.079  1.00 53.90  ? 405 SO4 A O1  1 
HETATM 1512 O  O2  . SO4 G 3 .   ? 7.714   -3.865  -6.374  1.00 59.46  ? 405 SO4 A O2  1 
HETATM 1513 O  O3  . SO4 G 3 .   ? 6.964   -5.562  -4.877  1.00 82.26  ? 405 SO4 A O3  1 
HETATM 1514 O  O4  . SO4 G 3 .   ? 5.629   -4.955  -6.757  1.00 54.39  ? 405 SO4 A O4  1 
HETATM 1515 ZN ZN  . ZN  H 4 .   ? -17.673 -9.564  6.990   1.00 67.96  ? 406 ZN  A ZN  1 
HETATM 1516 ZN ZN  . ZN  I 4 .   ? 8.485   -3.319  -2.366  1.00 65.27  ? 101 ZN  B ZN  1 
HETATM 1517 ZN ZN  . ZN  J 4 .   ? 6.659   -15.256 10.637  1.00 113.28 ? 102 ZN  B ZN  1 
HETATM 1518 O  O   . HOH K 5 .   ? -2.223  16.175  -5.834  1.00 43.32  ? 501 HOH A O   1 
HETATM 1519 O  O   . HOH K 5 .   ? 4.197   -5.888  -10.622 1.00 43.49  ? 502 HOH A O   1 
HETATM 1520 O  O   . HOH K 5 .   ? -15.274 -2.278  8.526   1.00 58.49  ? 503 HOH A O   1 
HETATM 1521 O  O   . HOH K 5 .   ? -16.023 6.075   1.559   1.00 34.09  ? 504 HOH A O   1 
HETATM 1522 O  O   . HOH K 5 .   ? 1.993   -7.982  -10.903 1.00 23.24  ? 505 HOH A O   1 
# 
